data_6V0X
# 
_entry.id   6V0X 
# 
_audit_conform.dict_name       mmcif_pdbx.dic 
_audit_conform.dict_version    5.380 
_audit_conform.dict_location   http://mmcif.pdb.org/dictionaries/ascii/mmcif_pdbx.dic 
# 
loop_
_database_2.database_id 
_database_2.database_code 
_database_2.pdbx_database_accession 
_database_2.pdbx_DOI 
PDB   6V0X         pdb_00006v0x 10.2210/pdb6v0x/pdb 
WWPDB D_1000243946 ?            ?                   
# 
_pdbx_database_status.status_code                     REL 
_pdbx_database_status.status_code_sf                  REL 
_pdbx_database_status.status_code_mr                  ? 
_pdbx_database_status.entry_id                        6V0X 
_pdbx_database_status.recvd_initial_deposition_date   2019-11-19 
_pdbx_database_status.SG_entry                        N 
_pdbx_database_status.deposit_site                    RCSB 
_pdbx_database_status.process_site                    RCSB 
_pdbx_database_status.status_code_cs                  ? 
_pdbx_database_status.methods_development_category    ? 
_pdbx_database_status.pdb_format_compatible           Y 
_pdbx_database_status.status_code_nmr_data            ? 
# 
loop_
_audit_author.name 
_audit_author.pdbx_ordinal 
_audit_author.identifier_ORCID 
'Karim, M.R.'    1 0000-0002-0424-127X 
'Chan, A.'       2 0000-0001-6913-6764 
'Zhu, J.Y.'      3 0000-0001-5436-4262 
'Schonbrunn, E.' 4 0000-0002-3589-3510 
# 
_citation.abstract                  ? 
_citation.abstract_id_CAS           ? 
_citation.book_id_ISBN              ? 
_citation.book_publisher            ? 
_citation.book_publisher_city       ? 
_citation.book_title                ? 
_citation.coordinate_linkage        ? 
_citation.country                   US 
_citation.database_id_Medline       ? 
_citation.details                   ? 
_citation.id                        primary 
_citation.journal_abbrev            J.Med.Chem. 
_citation.journal_id_ASTM           JMCMAR 
_citation.journal_id_CSD            0151 
_citation.journal_id_ISSN           0022-2623 
_citation.journal_full              ? 
_citation.journal_issue             ? 
_citation.journal_volume            63 
_citation.language                  ? 
_citation.page_first                3227 
_citation.page_last                 3237 
_citation.title                     'Structural Basis of Inhibitor Selectivity in the BRD7/9 Subfamily of Bromodomains.' 
_citation.year                      2020 
_citation.database_id_CSD           ? 
_citation.pdbx_database_id_DOI      10.1021/acs.jmedchem.9b01980 
_citation.pdbx_database_id_PubMed   32091206 
_citation.unpublished_flag          ? 
# 
loop_
_citation_author.citation_id 
_citation_author.name 
_citation_author.ordinal 
_citation_author.identifier_ORCID 
primary 'Karim, R.M.'    1 ?                   
primary 'Chan, A.'       2 ?                   
primary 'Zhu, J.Y.'      3 ?                   
primary 'Schonbrunn, E.' 4 0000-0002-3589-3510 
# 
_cell.angle_alpha                  90.000 
_cell.angle_alpha_esd              ? 
_cell.angle_beta                   90.000 
_cell.angle_beta_esd               ? 
_cell.angle_gamma                  90.000 
_cell.angle_gamma_esd              ? 
_cell.entry_id                     6V0X 
_cell.details                      ? 
_cell.formula_units_Z              ? 
_cell.length_a                     32.530 
_cell.length_a_esd                 ? 
_cell.length_b                     112.062 
_cell.length_b_esd                 ? 
_cell.length_c                     30.823 
_cell.length_c_esd                 ? 
_cell.volume                       ? 
_cell.volume_esd                   ? 
_cell.Z_PDB                        4 
_cell.reciprocal_angle_alpha       ? 
_cell.reciprocal_angle_beta        ? 
_cell.reciprocal_angle_gamma       ? 
_cell.reciprocal_angle_alpha_esd   ? 
_cell.reciprocal_angle_beta_esd    ? 
_cell.reciprocal_angle_gamma_esd   ? 
_cell.reciprocal_length_a          ? 
_cell.reciprocal_length_b          ? 
_cell.reciprocal_length_c          ? 
_cell.reciprocal_length_a_esd      ? 
_cell.reciprocal_length_b_esd      ? 
_cell.reciprocal_length_c_esd      ? 
_cell.pdbx_unique_axis             ? 
# 
_symmetry.entry_id                         6V0X 
_symmetry.cell_setting                     ? 
_symmetry.Int_Tables_number                18 
_symmetry.space_group_name_Hall            ? 
_symmetry.space_group_name_H-M             'P 21 21 2' 
_symmetry.pdbx_full_space_group_name_H-M   ? 
# 
loop_
_entity.id 
_entity.type 
_entity.src_method 
_entity.pdbx_description 
_entity.formula_weight 
_entity.pdbx_number_of_molecules 
_entity.pdbx_ec 
_entity.pdbx_mutation 
_entity.pdbx_fragment 
_entity.details 
1 polymer     man 'Bromodomain-containing protein 9' 14249.763 1  ? ? ? ? 
2 non-polymer syn 
'N-[2-(diethylamino)ethyl]-5-[(Z)-(5-fluoro-2-oxo-1,2-dihydro-3H-indol-3-ylidene)methyl]-2,4-dimethyl-1H-pyrrole-3-carbo xamide' 
398.474   1  ? ? ? ? 
3 water       nat water 18.015    91 ? ? ? ? 
# 
_entity_name_com.entity_id   1 
_entity_name_com.name        'Rhabdomyosarcoma antigen MU-RMS-40.8' 
# 
_entity_poly.entity_id                      1 
_entity_poly.type                           'polypeptide(L)' 
_entity_poly.nstd_linkage                   no 
_entity_poly.nstd_monomer                   no 
_entity_poly.pdbx_seq_one_letter_code       
;SMLKLSAENESTPIQQLLEHFLRQLQRKDPHGFFAFPVTDAIAPGYSMIIKHPMDFGTMKDKIVANEYKSVTEFKADFKL
MCDNAMTYNRPDTVYYKLAKKILHAGFKMMSKERLLALKRSMS
;
_entity_poly.pdbx_seq_one_letter_code_can   
;SMLKLSAENESTPIQQLLEHFLRQLQRKDPHGFFAFPVTDAIAPGYSMIIKHPMDFGTMKDKIVANEYKSVTEFKADFKL
MCDNAMTYNRPDTVYYKLAKKILHAGFKMMSKERLLALKRSMS
;
_entity_poly.pdbx_strand_id                 A 
_entity_poly.pdbx_target_identifier         ? 
# 
loop_
_entity_poly_seq.entity_id 
_entity_poly_seq.num 
_entity_poly_seq.mon_id 
_entity_poly_seq.hetero 
1 1   SER n 
1 2   MET n 
1 3   LEU n 
1 4   LYS n 
1 5   LEU n 
1 6   SER n 
1 7   ALA n 
1 8   GLU n 
1 9   ASN n 
1 10  GLU n 
1 11  SER n 
1 12  THR n 
1 13  PRO n 
1 14  ILE n 
1 15  GLN n 
1 16  GLN n 
1 17  LEU n 
1 18  LEU n 
1 19  GLU n 
1 20  HIS n 
1 21  PHE n 
1 22  LEU n 
1 23  ARG n 
1 24  GLN n 
1 25  LEU n 
1 26  GLN n 
1 27  ARG n 
1 28  LYS n 
1 29  ASP n 
1 30  PRO n 
1 31  HIS n 
1 32  GLY n 
1 33  PHE n 
1 34  PHE n 
1 35  ALA n 
1 36  PHE n 
1 37  PRO n 
1 38  VAL n 
1 39  THR n 
1 40  ASP n 
1 41  ALA n 
1 42  ILE n 
1 43  ALA n 
1 44  PRO n 
1 45  GLY n 
1 46  TYR n 
1 47  SER n 
1 48  MET n 
1 49  ILE n 
1 50  ILE n 
1 51  LYS n 
1 52  HIS n 
1 53  PRO n 
1 54  MET n 
1 55  ASP n 
1 56  PHE n 
1 57  GLY n 
1 58  THR n 
1 59  MET n 
1 60  LYS n 
1 61  ASP n 
1 62  LYS n 
1 63  ILE n 
1 64  VAL n 
1 65  ALA n 
1 66  ASN n 
1 67  GLU n 
1 68  TYR n 
1 69  LYS n 
1 70  SER n 
1 71  VAL n 
1 72  THR n 
1 73  GLU n 
1 74  PHE n 
1 75  LYS n 
1 76  ALA n 
1 77  ASP n 
1 78  PHE n 
1 79  LYS n 
1 80  LEU n 
1 81  MET n 
1 82  CYS n 
1 83  ASP n 
1 84  ASN n 
1 85  ALA n 
1 86  MET n 
1 87  THR n 
1 88  TYR n 
1 89  ASN n 
1 90  ARG n 
1 91  PRO n 
1 92  ASP n 
1 93  THR n 
1 94  VAL n 
1 95  TYR n 
1 96  TYR n 
1 97  LYS n 
1 98  LEU n 
1 99  ALA n 
1 100 LYS n 
1 101 LYS n 
1 102 ILE n 
1 103 LEU n 
1 104 HIS n 
1 105 ALA n 
1 106 GLY n 
1 107 PHE n 
1 108 LYS n 
1 109 MET n 
1 110 MET n 
1 111 SER n 
1 112 LYS n 
1 113 GLU n 
1 114 ARG n 
1 115 LEU n 
1 116 LEU n 
1 117 ALA n 
1 118 LEU n 
1 119 LYS n 
1 120 ARG n 
1 121 SER n 
1 122 MET n 
1 123 SER n 
# 
_entity_src_gen.entity_id                          1 
_entity_src_gen.pdbx_src_id                        1 
_entity_src_gen.pdbx_alt_source_flag               sample 
_entity_src_gen.pdbx_seq_type                      'Biological sequence' 
_entity_src_gen.pdbx_beg_seq_num                   1 
_entity_src_gen.pdbx_end_seq_num                   123 
_entity_src_gen.gene_src_common_name               Human 
_entity_src_gen.gene_src_genus                     ? 
_entity_src_gen.pdbx_gene_src_gene                 'BRD9, UNQ3040/PRO9856' 
_entity_src_gen.gene_src_species                   ? 
_entity_src_gen.gene_src_strain                    ? 
_entity_src_gen.gene_src_tissue                    ? 
_entity_src_gen.gene_src_tissue_fraction           ? 
_entity_src_gen.gene_src_details                   ? 
_entity_src_gen.pdbx_gene_src_fragment             ? 
_entity_src_gen.pdbx_gene_src_scientific_name      'Homo sapiens' 
_entity_src_gen.pdbx_gene_src_ncbi_taxonomy_id     9606 
_entity_src_gen.pdbx_gene_src_variant              ? 
_entity_src_gen.pdbx_gene_src_cell_line            ? 
_entity_src_gen.pdbx_gene_src_atcc                 ? 
_entity_src_gen.pdbx_gene_src_organ                ? 
_entity_src_gen.pdbx_gene_src_organelle            ? 
_entity_src_gen.pdbx_gene_src_cell                 ? 
_entity_src_gen.pdbx_gene_src_cellular_location    ? 
_entity_src_gen.host_org_common_name               ? 
_entity_src_gen.pdbx_host_org_scientific_name      'Escherichia coli BL21(DE3)' 
_entity_src_gen.pdbx_host_org_ncbi_taxonomy_id     469008 
_entity_src_gen.host_org_genus                     ? 
_entity_src_gen.pdbx_host_org_gene                 ? 
_entity_src_gen.pdbx_host_org_organ                ? 
_entity_src_gen.host_org_species                   ? 
_entity_src_gen.pdbx_host_org_tissue               ? 
_entity_src_gen.pdbx_host_org_tissue_fraction      ? 
_entity_src_gen.pdbx_host_org_strain               ? 
_entity_src_gen.pdbx_host_org_variant              RIPL 
_entity_src_gen.pdbx_host_org_cell_line            ? 
_entity_src_gen.pdbx_host_org_atcc                 ? 
_entity_src_gen.pdbx_host_org_culture_collection   ? 
_entity_src_gen.pdbx_host_org_cell                 ? 
_entity_src_gen.pdbx_host_org_organelle            ? 
_entity_src_gen.pdbx_host_org_cellular_location    ? 
_entity_src_gen.pdbx_host_org_vector_type          plasmid 
_entity_src_gen.pdbx_host_org_vector               ? 
_entity_src_gen.host_org_details                   ? 
_entity_src_gen.expression_system_id               ? 
_entity_src_gen.plasmid_name                       pNIC28-Bsa4 
_entity_src_gen.plasmid_details                    ? 
_entity_src_gen.pdbx_description                   ? 
# 
_struct_ref.id                         1 
_struct_ref.db_name                    UNP 
_struct_ref.db_code                    BRD9_HUMAN 
_struct_ref.pdbx_db_accession          Q9H8M2 
_struct_ref.pdbx_db_isoform            Q9H8M2-1 
_struct_ref.entity_id                  1 
_struct_ref.pdbx_seq_one_letter_code   
;LKLSAENESTPIQQLLEHFLRQLQRKDPHGFFAFPVTDAIAPGYSMIIKHPMDFGTMKDKIVANEYKSVTEFKADFKLMC
DNAMTYNRPDTVYYKLAKKILHAGFKMMSKERLLALKRSMS
;
_struct_ref.pdbx_align_begin           14 
# 
_struct_ref_seq.align_id                      1 
_struct_ref_seq.ref_id                        1 
_struct_ref_seq.pdbx_PDB_id_code              6V0X 
_struct_ref_seq.pdbx_strand_id                A 
_struct_ref_seq.seq_align_beg                 3 
_struct_ref_seq.pdbx_seq_align_beg_ins_code   ? 
_struct_ref_seq.seq_align_end                 123 
_struct_ref_seq.pdbx_seq_align_end_ins_code   ? 
_struct_ref_seq.pdbx_db_accession             Q9H8M2 
_struct_ref_seq.db_align_beg                  14 
_struct_ref_seq.pdbx_db_align_beg_ins_code    ? 
_struct_ref_seq.db_align_end                  134 
_struct_ref_seq.pdbx_db_align_end_ins_code    ? 
_struct_ref_seq.pdbx_auth_seq_align_beg       130 
_struct_ref_seq.pdbx_auth_seq_align_end       250 
# 
loop_
_struct_ref_seq_dif.align_id 
_struct_ref_seq_dif.pdbx_pdb_id_code 
_struct_ref_seq_dif.mon_id 
_struct_ref_seq_dif.pdbx_pdb_strand_id 
_struct_ref_seq_dif.seq_num 
_struct_ref_seq_dif.pdbx_pdb_ins_code 
_struct_ref_seq_dif.pdbx_seq_db_name 
_struct_ref_seq_dif.pdbx_seq_db_accession_code 
_struct_ref_seq_dif.db_mon_id 
_struct_ref_seq_dif.pdbx_seq_db_seq_num 
_struct_ref_seq_dif.details 
_struct_ref_seq_dif.pdbx_auth_seq_num 
_struct_ref_seq_dif.pdbx_ordinal 
1 6V0X SER A 1 ? UNP Q9H8M2 ? ? 'expression tag' 128 1 
1 6V0X MET A 2 ? UNP Q9H8M2 ? ? 'expression tag' 129 2 
# 
loop_
_chem_comp.id 
_chem_comp.type 
_chem_comp.mon_nstd_flag 
_chem_comp.name 
_chem_comp.pdbx_synonyms 
_chem_comp.formula 
_chem_comp.formula_weight 
ALA 'L-peptide linking' y ALANINE ?         'C3 H7 N O2'      89.093  
ARG 'L-peptide linking' y ARGININE ?         'C6 H15 N4 O2 1'  175.209 
ASN 'L-peptide linking' y ASPARAGINE ?         'C4 H8 N2 O3'     132.118 
ASP 'L-peptide linking' y 'ASPARTIC ACID' ?         'C4 H7 N O4'      133.103 
B49 non-polymer         . 
'N-[2-(diethylamino)ethyl]-5-[(Z)-(5-fluoro-2-oxo-1,2-dihydro-3H-indol-3-ylidene)methyl]-2,4-dimethyl-1H-pyrrole-3-carbo xamide' 
SUNITINIB 'C22 H27 F N4 O2' 398.474 
CYS 'L-peptide linking' y CYSTEINE ?         'C3 H7 N O2 S'    121.158 
GLN 'L-peptide linking' y GLUTAMINE ?         'C5 H10 N2 O3'    146.144 
GLU 'L-peptide linking' y 'GLUTAMIC ACID' ?         'C5 H9 N O4'      147.129 
GLY 'peptide linking'   y GLYCINE ?         'C2 H5 N O2'      75.067  
HIS 'L-peptide linking' y HISTIDINE ?         'C6 H10 N3 O2 1'  156.162 
HOH non-polymer         . WATER ?         'H2 O'            18.015  
ILE 'L-peptide linking' y ISOLEUCINE ?         'C6 H13 N O2'     131.173 
LEU 'L-peptide linking' y LEUCINE ?         'C6 H13 N O2'     131.173 
LYS 'L-peptide linking' y LYSINE ?         'C6 H15 N2 O2 1'  147.195 
MET 'L-peptide linking' y METHIONINE ?         'C5 H11 N O2 S'   149.211 
PHE 'L-peptide linking' y PHENYLALANINE ?         'C9 H11 N O2'     165.189 
PRO 'L-peptide linking' y PROLINE ?         'C5 H9 N O2'      115.130 
SER 'L-peptide linking' y SERINE ?         'C3 H7 N O3'      105.093 
THR 'L-peptide linking' y THREONINE ?         'C4 H9 N O3'      119.119 
TYR 'L-peptide linking' y TYROSINE ?         'C9 H11 N O3'     181.189 
VAL 'L-peptide linking' y VALINE ?         'C5 H11 N O2'     117.146 
# 
_exptl.absorpt_coefficient_mu     ? 
_exptl.absorpt_correction_T_max   ? 
_exptl.absorpt_correction_T_min   ? 
_exptl.absorpt_correction_type    ? 
_exptl.absorpt_process_details    ? 
_exptl.entry_id                   6V0X 
_exptl.crystals_number            1 
_exptl.details                    ? 
_exptl.method                     'X-RAY DIFFRACTION' 
_exptl.method_details             ? 
# 
_exptl_crystal.colour                      ? 
_exptl_crystal.density_diffrn              ? 
_exptl_crystal.density_Matthews            2.37 
_exptl_crystal.density_method              ? 
_exptl_crystal.density_percent_sol         48.08 
_exptl_crystal.description                 ? 
_exptl_crystal.F_000                       ? 
_exptl_crystal.id                          1 
_exptl_crystal.preparation                 ? 
_exptl_crystal.size_max                    ? 
_exptl_crystal.size_mid                    ? 
_exptl_crystal.size_min                    ? 
_exptl_crystal.size_rad                    ? 
_exptl_crystal.colour_lustre               ? 
_exptl_crystal.colour_modifier             ? 
_exptl_crystal.colour_primary              ? 
_exptl_crystal.density_meas                ? 
_exptl_crystal.density_meas_esd            ? 
_exptl_crystal.density_meas_gt             ? 
_exptl_crystal.density_meas_lt             ? 
_exptl_crystal.density_meas_temp           ? 
_exptl_crystal.density_meas_temp_esd       ? 
_exptl_crystal.density_meas_temp_gt        ? 
_exptl_crystal.density_meas_temp_lt        ? 
_exptl_crystal.pdbx_crystal_image_url      ? 
_exptl_crystal.pdbx_crystal_image_format   ? 
_exptl_crystal.pdbx_mosaicity              ? 
_exptl_crystal.pdbx_mosaicity_esd          ? 
# 
_exptl_crystal_grow.apparatus       ? 
_exptl_crystal_grow.atmosphere      ? 
_exptl_crystal_grow.crystal_id      1 
_exptl_crystal_grow.details         ? 
_exptl_crystal_grow.method          'VAPOR DIFFUSION, SITTING DROP' 
_exptl_crystal_grow.method_ref      ? 
_exptl_crystal_grow.pH              ? 
_exptl_crystal_grow.pressure        ? 
_exptl_crystal_grow.pressure_esd    ? 
_exptl_crystal_grow.seeding         ? 
_exptl_crystal_grow.seeding_ref     ? 
_exptl_crystal_grow.temp            291 
_exptl_crystal_grow.temp_details    ? 
_exptl_crystal_grow.temp_esd        ? 
_exptl_crystal_grow.time            ? 
_exptl_crystal_grow.pdbx_details    '0.2 M NaCl, 0.1 M Bis-Tris (pH 5.5), and 25% PEG 3350' 
_exptl_crystal_grow.pdbx_pH_range   ? 
# 
_diffrn.ambient_environment              ? 
_diffrn.ambient_temp                     100 
_diffrn.ambient_temp_details             ? 
_diffrn.ambient_temp_esd                 ? 
_diffrn.crystal_id                       1 
_diffrn.crystal_support                  ? 
_diffrn.crystal_treatment                ? 
_diffrn.details                          ? 
_diffrn.id                               1 
_diffrn.ambient_pressure                 ? 
_diffrn.ambient_pressure_esd             ? 
_diffrn.ambient_pressure_gt              ? 
_diffrn.ambient_pressure_lt              ? 
_diffrn.ambient_temp_gt                  ? 
_diffrn.ambient_temp_lt                  ? 
_diffrn.pdbx_serial_crystal_experiment   N 
# 
_diffrn_detector.details                      ? 
_diffrn_detector.detector                     PIXEL 
_diffrn_detector.diffrn_id                    1 
_diffrn_detector.type                         'DECTRIS EIGER X 16M' 
_diffrn_detector.area_resol_mean              ? 
_diffrn_detector.dtime                        ? 
_diffrn_detector.pdbx_frames_total            ? 
_diffrn_detector.pdbx_collection_time_total   ? 
_diffrn_detector.pdbx_collection_date         2018-10-27 
_diffrn_detector.pdbx_frequency               ? 
# 
_diffrn_radiation.collimation                      ? 
_diffrn_radiation.diffrn_id                        1 
_diffrn_radiation.filter_edge                      ? 
_diffrn_radiation.inhomogeneity                    ? 
_diffrn_radiation.monochromator                    'Si filter' 
_diffrn_radiation.polarisn_norm                    ? 
_diffrn_radiation.polarisn_ratio                   ? 
_diffrn_radiation.probe                            ? 
_diffrn_radiation.type                             ? 
_diffrn_radiation.xray_symbol                      ? 
_diffrn_radiation.wavelength_id                    1 
_diffrn_radiation.pdbx_monochromatic_or_laue_m_l   M 
_diffrn_radiation.pdbx_wavelength_list             ? 
_diffrn_radiation.pdbx_wavelength                  ? 
_diffrn_radiation.pdbx_diffrn_protocol             'SINGLE WAVELENGTH' 
_diffrn_radiation.pdbx_analyzer                    ? 
_diffrn_radiation.pdbx_scattering_type             x-ray 
# 
_diffrn_radiation_wavelength.id           1 
_diffrn_radiation_wavelength.wavelength   1.0 
_diffrn_radiation_wavelength.wt           1.0 
# 
_diffrn_source.current                     ? 
_diffrn_source.details                     ? 
_diffrn_source.diffrn_id                   1 
_diffrn_source.power                       ? 
_diffrn_source.size                        ? 
_diffrn_source.source                      SYNCHROTRON 
_diffrn_source.target                      ? 
_diffrn_source.type                        'APS BEAMLINE 22-ID' 
_diffrn_source.voltage                     ? 
_diffrn_source.take-off_angle              ? 
_diffrn_source.pdbx_wavelength_list        1.0 
_diffrn_source.pdbx_wavelength             ? 
_diffrn_source.pdbx_synchrotron_beamline   22-ID 
_diffrn_source.pdbx_synchrotron_site       APS 
# 
_reflns.B_iso_Wilson_estimate            ? 
_reflns.entry_id                         6V0X 
_reflns.data_reduction_details           ? 
_reflns.data_reduction_method            ? 
_reflns.d_resolution_high                1.500 
_reflns.d_resolution_low                 32.530 
_reflns.details                          ? 
_reflns.limit_h_max                      ? 
_reflns.limit_h_min                      ? 
_reflns.limit_k_max                      ? 
_reflns.limit_k_min                      ? 
_reflns.limit_l_max                      ? 
_reflns.limit_l_min                      ? 
_reflns.number_all                       ? 
_reflns.number_obs                       18344 
_reflns.observed_criterion               ? 
_reflns.observed_criterion_F_max         ? 
_reflns.observed_criterion_F_min         ? 
_reflns.observed_criterion_I_max         ? 
_reflns.observed_criterion_I_min         ? 
_reflns.observed_criterion_sigma_F       ? 
_reflns.observed_criterion_sigma_I       ? 
_reflns.percent_possible_obs             97.900 
_reflns.R_free_details                   ? 
_reflns.Rmerge_F_all                     ? 
_reflns.Rmerge_F_obs                     ? 
_reflns.Friedel_coverage                 ? 
_reflns.number_gt                        ? 
_reflns.threshold_expression             ? 
_reflns.pdbx_redundancy                  13.100 
_reflns.pdbx_Rmerge_I_obs                0.109 
_reflns.pdbx_Rmerge_I_all                ? 
_reflns.pdbx_Rsym_value                  ? 
_reflns.pdbx_netI_over_av_sigmaI         ? 
_reflns.pdbx_netI_over_sigmaI            22.600 
_reflns.pdbx_res_netI_over_av_sigmaI_2   ? 
_reflns.pdbx_res_netI_over_sigmaI_2      ? 
_reflns.pdbx_chi_squared                 ? 
_reflns.pdbx_scaling_rejects             350 
_reflns.pdbx_d_res_high_opt              ? 
_reflns.pdbx_d_res_low_opt               ? 
_reflns.pdbx_d_res_opt_method            ? 
_reflns.phase_calculation_details        ? 
_reflns.pdbx_Rrim_I_all                  0.114 
_reflns.pdbx_Rpim_I_all                  0.032 
_reflns.pdbx_d_opt                       ? 
_reflns.pdbx_number_measured_all         239696 
_reflns.pdbx_diffrn_id                   1 
_reflns.pdbx_ordinal                     1 
_reflns.pdbx_CC_half                     0.994 
_reflns.pdbx_CC_star                     ? 
_reflns.pdbx_R_split                     ? 
# 
loop_
_reflns_shell.d_res_high 
_reflns_shell.d_res_low 
_reflns_shell.meanI_over_sigI_all 
_reflns_shell.meanI_over_sigI_obs 
_reflns_shell.number_measured_all 
_reflns_shell.number_measured_obs 
_reflns_shell.number_possible 
_reflns_shell.number_unique_all 
_reflns_shell.number_unique_obs 
_reflns_shell.percent_possible_all 
_reflns_shell.percent_possible_obs 
_reflns_shell.Rmerge_F_all 
_reflns_shell.Rmerge_F_obs 
_reflns_shell.Rmerge_I_all 
_reflns_shell.Rmerge_I_obs 
_reflns_shell.meanI_over_sigI_gt 
_reflns_shell.meanI_over_uI_all 
_reflns_shell.meanI_over_uI_gt 
_reflns_shell.number_measured_gt 
_reflns_shell.number_unique_gt 
_reflns_shell.percent_possible_gt 
_reflns_shell.Rmerge_F_gt 
_reflns_shell.Rmerge_I_gt 
_reflns_shell.pdbx_redundancy 
_reflns_shell.pdbx_Rsym_value 
_reflns_shell.pdbx_chi_squared 
_reflns_shell.pdbx_netI_over_sigmaI_all 
_reflns_shell.pdbx_netI_over_sigmaI_obs 
_reflns_shell.pdbx_Rrim_I_all 
_reflns_shell.pdbx_Rpim_I_all 
_reflns_shell.pdbx_rejects 
_reflns_shell.pdbx_ordinal 
_reflns_shell.pdbx_diffrn_id 
_reflns_shell.pdbx_CC_half 
_reflns_shell.pdbx_CC_star 
_reflns_shell.pdbx_R_split 
1.500 1.530  ? ? 11320 ? ? ? 849 95.200 ? ? ? ? 3.237 ? ? ? ? ? ? ? ? 13.300 ? ? ? 3.000  3.366 0.913 ? 1 1 0.889 ? ? 
8.220 32.530 ? ? 1552  ? ? ? 150 98.300 ? ? ? ? 0.027 ? ? ? ? ? ? ? ? 10.300 ? ? ? 53.100 0.029 0.009 ? 2 1 0.999 ? ? 
# 
_refine.aniso_B[1][1]                            ? 
_refine.aniso_B[1][2]                            ? 
_refine.aniso_B[1][3]                            ? 
_refine.aniso_B[2][2]                            ? 
_refine.aniso_B[2][3]                            ? 
_refine.aniso_B[3][3]                            ? 
_refine.B_iso_max                                100.990 
_refine.B_iso_mean                               38.1640 
_refine.B_iso_min                                18.750 
_refine.correlation_coeff_Fo_to_Fc               ? 
_refine.correlation_coeff_Fo_to_Fc_free          ? 
_refine.details                                  ? 
_refine.diff_density_max                         ? 
_refine.diff_density_max_esd                     ? 
_refine.diff_density_min                         ? 
_refine.diff_density_min_esd                     ? 
_refine.diff_density_rms                         ? 
_refine.diff_density_rms_esd                     ? 
_refine.entry_id                                 6V0X 
_refine.pdbx_refine_id                           'X-RAY DIFFRACTION' 
_refine.ls_abs_structure_details                 ? 
_refine.ls_abs_structure_Flack                   ? 
_refine.ls_abs_structure_Flack_esd               ? 
_refine.ls_abs_structure_Rogers                  ? 
_refine.ls_abs_structure_Rogers_esd              ? 
_refine.ls_d_res_high                            1.5000 
_refine.ls_d_res_low                             31.2410 
_refine.ls_extinction_coef                       ? 
_refine.ls_extinction_coef_esd                   ? 
_refine.ls_extinction_expression                 ? 
_refine.ls_extinction_method                     ? 
_refine.ls_goodness_of_fit_all                   ? 
_refine.ls_goodness_of_fit_all_esd               ? 
_refine.ls_goodness_of_fit_obs                   ? 
_refine.ls_goodness_of_fit_obs_esd               ? 
_refine.ls_hydrogen_treatment                    ? 
_refine.ls_matrix_type                           ? 
_refine.ls_number_constraints                    ? 
_refine.ls_number_parameters                     ? 
_refine.ls_number_reflns_all                     ? 
_refine.ls_number_reflns_obs                     18305 
_refine.ls_number_reflns_R_free                  932 
_refine.ls_number_reflns_R_work                  17373 
_refine.ls_number_restraints                     ? 
_refine.ls_percent_reflns_obs                    97.2400 
_refine.ls_percent_reflns_R_free                 5.0900 
_refine.ls_R_factor_all                          ? 
_refine.ls_R_factor_obs                          0.1984 
_refine.ls_R_factor_R_free                       0.2229 
_refine.ls_R_factor_R_free_error                 ? 
_refine.ls_R_factor_R_free_error_details         ? 
_refine.ls_R_factor_R_work                       0.1971 
_refine.ls_R_Fsqd_factor_obs                     ? 
_refine.ls_R_I_factor_obs                        ? 
_refine.ls_redundancy_reflns_all                 ? 
_refine.ls_redundancy_reflns_obs                 ? 
_refine.ls_restrained_S_all                      ? 
_refine.ls_restrained_S_obs                      ? 
_refine.ls_shift_over_esd_max                    ? 
_refine.ls_shift_over_esd_mean                   ? 
_refine.ls_structure_factor_coef                 ? 
_refine.ls_weighting_details                     ? 
_refine.ls_weighting_scheme                      ? 
_refine.ls_wR_factor_all                         ? 
_refine.ls_wR_factor_obs                         ? 
_refine.ls_wR_factor_R_free                      ? 
_refine.ls_wR_factor_R_work                      ? 
_refine.occupancy_max                            ? 
_refine.occupancy_min                            ? 
_refine.solvent_model_details                    'FLAT BULK SOLVENT MODEL' 
_refine.solvent_model_param_bsol                 ? 
_refine.solvent_model_param_ksol                 ? 
_refine.pdbx_R_complete                          ? 
_refine.ls_R_factor_gt                           ? 
_refine.ls_goodness_of_fit_gt                    ? 
_refine.ls_goodness_of_fit_ref                   ? 
_refine.ls_shift_over_su_max                     ? 
_refine.ls_shift_over_su_max_lt                  ? 
_refine.ls_shift_over_su_mean                    ? 
_refine.ls_shift_over_su_mean_lt                 ? 
_refine.pdbx_ls_sigma_I                          ? 
_refine.pdbx_ls_sigma_F                          1.350 
_refine.pdbx_ls_sigma_Fsqd                       ? 
_refine.pdbx_data_cutoff_high_absF               ? 
_refine.pdbx_data_cutoff_high_rms_absF           ? 
_refine.pdbx_data_cutoff_low_absF                ? 
_refine.pdbx_isotropic_thermal_model             ? 
_refine.pdbx_ls_cross_valid_method               THROUGHOUT 
_refine.pdbx_method_to_determine_struct          'MOLECULAR REPLACEMENT' 
_refine.pdbx_starting_model                      6UZF 
_refine.pdbx_stereochemistry_target_values       ML 
_refine.pdbx_R_Free_selection_details            ? 
_refine.pdbx_stereochem_target_val_spec_case     ? 
_refine.pdbx_overall_ESU_R                       ? 
_refine.pdbx_overall_ESU_R_Free                  ? 
_refine.pdbx_solvent_vdw_probe_radii             1.1100 
_refine.pdbx_solvent_ion_probe_radii             ? 
_refine.pdbx_solvent_shrinkage_radii             0.9000 
_refine.pdbx_real_space_R                        ? 
_refine.pdbx_density_correlation                 ? 
_refine.pdbx_pd_number_of_powder_patterns        ? 
_refine.pdbx_pd_number_of_points                 ? 
_refine.pdbx_pd_meas_number_of_points            ? 
_refine.pdbx_pd_proc_ls_prof_R_factor            ? 
_refine.pdbx_pd_proc_ls_prof_wR_factor           ? 
_refine.pdbx_pd_Marquardt_correlation_coeff      ? 
_refine.pdbx_pd_Fsqrd_R_factor                   ? 
_refine.pdbx_pd_ls_matrix_band_width             ? 
_refine.pdbx_overall_phase_error                 24.1600 
_refine.pdbx_overall_SU_R_free_Cruickshank_DPI   ? 
_refine.pdbx_overall_SU_R_free_Blow_DPI          ? 
_refine.pdbx_overall_SU_R_Blow_DPI               ? 
_refine.pdbx_TLS_residual_ADP_flag               ? 
_refine.pdbx_diffrn_id                           1 
_refine.overall_SU_B                             ? 
_refine.overall_SU_ML                            0.1300 
_refine.overall_SU_R_Cruickshank_DPI             ? 
_refine.overall_SU_R_free                        ? 
_refine.overall_FOM_free_R_set                   ? 
_refine.overall_FOM_work_R_set                   ? 
_refine.pdbx_average_fsc_overall                 ? 
_refine.pdbx_average_fsc_work                    ? 
_refine.pdbx_average_fsc_free                    ? 
# 
_refine_hist.pdbx_refine_id                   'X-RAY DIFFRACTION' 
_refine_hist.cycle_id                         final 
_refine_hist.details                          ? 
_refine_hist.d_res_high                       1.5000 
_refine_hist.d_res_low                        31.2410 
_refine_hist.number_atoms_solvent             91 
_refine_hist.number_atoms_total               927 
_refine_hist.number_reflns_all                ? 
_refine_hist.number_reflns_obs                ? 
_refine_hist.number_reflns_R_free             ? 
_refine_hist.number_reflns_R_work             ? 
_refine_hist.R_factor_all                     ? 
_refine_hist.R_factor_obs                     ? 
_refine_hist.R_factor_R_free                  ? 
_refine_hist.R_factor_R_work                  ? 
_refine_hist.pdbx_number_residues_total       99 
_refine_hist.pdbx_B_iso_mean_ligand           36.86 
_refine_hist.pdbx_B_iso_mean_solvent          41.58 
_refine_hist.pdbx_number_atoms_protein        807 
_refine_hist.pdbx_number_atoms_nucleic_acid   0 
_refine_hist.pdbx_number_atoms_ligand         29 
_refine_hist.pdbx_number_atoms_lipid          ? 
_refine_hist.pdbx_number_atoms_carb           ? 
_refine_hist.pdbx_pseudo_atom_details         ? 
# 
loop_
_refine_ls_shell.pdbx_refine_id 
_refine_ls_shell.d_res_high 
_refine_ls_shell.d_res_low 
_refine_ls_shell.number_reflns_all 
_refine_ls_shell.number_reflns_obs 
_refine_ls_shell.number_reflns_R_free 
_refine_ls_shell.number_reflns_R_work 
_refine_ls_shell.percent_reflns_obs 
_refine_ls_shell.percent_reflns_R_free 
_refine_ls_shell.R_factor_all 
_refine_ls_shell.R_factor_obs 
_refine_ls_shell.R_factor_R_free 
_refine_ls_shell.R_factor_R_free_error 
_refine_ls_shell.R_factor_R_work 
_refine_ls_shell.redundancy_reflns_all 
_refine_ls_shell.redundancy_reflns_obs 
_refine_ls_shell.wR_factor_all 
_refine_ls_shell.wR_factor_obs 
_refine_ls_shell.wR_factor_R_free 
_refine_ls_shell.wR_factor_R_work 
_refine_ls_shell.pdbx_R_complete 
_refine_ls_shell.pdbx_total_number_of_bins_used 
_refine_ls_shell.pdbx_phase_error 
_refine_ls_shell.pdbx_fsc_work 
_refine_ls_shell.pdbx_fsc_free 
'X-RAY DIFFRACTION' 1.5000 1.5791 . . 125 2378 96.0000 . . . 0.2573 0.0000 0.2239 . . . . . . . . . . . 
'X-RAY DIFFRACTION' 1.5791 1.6781 . . 126 2432 97.0000 . . . 0.2425 0.0000 0.2119 . . . . . . . . . . . 
'X-RAY DIFFRACTION' 1.6781 1.8076 . . 133 2458 97.0000 . . . 0.2294 0.0000 0.2103 . . . . . . . . . . . 
'X-RAY DIFFRACTION' 1.8076 1.9895 . . 132 2453 98.0000 . . . 0.2155 0.0000 0.1989 . . . . . . . . . . . 
'X-RAY DIFFRACTION' 1.9895 2.2773 . . 136 2501 98.0000 . . . 0.2144 0.0000 0.1850 . . . . . . . . . . . 
'X-RAY DIFFRACTION' 2.2773 2.8688 . . 134 2478 96.0000 . . . 0.2356 0.0000 0.2142 . . . . . . . . . . . 
'X-RAY DIFFRACTION' 2.8688 31.241 . . 146 2673 98.0000 . . . 0.2175 0.0000 0.1896 . . . . . . . . . . . 
# 
_struct.entry_id                     6V0X 
_struct.title                        'Crystal structure of the bromodomain of human BRD9 bound to sunitinib' 
_struct.pdbx_model_details           ? 
_struct.pdbx_formula_weight          ? 
_struct.pdbx_formula_weight_method   ? 
_struct.pdbx_model_type_details      ? 
_struct.pdbx_CASP_flag               N 
# 
_struct_keywords.entry_id        6V0X 
_struct_keywords.text            'Sunitinib, BRD9, mSWI/SNF, BAF, non-BET, BRD, GENE REGULATION' 
_struct_keywords.pdbx_keywords   'GENE REGULATION' 
# 
loop_
_struct_asym.id 
_struct_asym.pdbx_blank_PDB_chainid_flag 
_struct_asym.pdbx_modified 
_struct_asym.entity_id 
_struct_asym.details 
A N N 1 ? 
B N N 2 ? 
C N N 3 ? 
# 
loop_
_struct_conf.conf_type_id 
_struct_conf.id 
_struct_conf.pdbx_PDB_helix_id 
_struct_conf.beg_label_comp_id 
_struct_conf.beg_label_asym_id 
_struct_conf.beg_label_seq_id 
_struct_conf.pdbx_beg_PDB_ins_code 
_struct_conf.end_label_comp_id 
_struct_conf.end_label_asym_id 
_struct_conf.end_label_seq_id 
_struct_conf.pdbx_end_PDB_ins_code 
_struct_conf.beg_auth_comp_id 
_struct_conf.beg_auth_asym_id 
_struct_conf.beg_auth_seq_id 
_struct_conf.end_auth_comp_id 
_struct_conf.end_auth_asym_id 
_struct_conf.end_auth_seq_id 
_struct_conf.pdbx_PDB_helix_class 
_struct_conf.details 
_struct_conf.pdbx_PDB_helix_length 
HELX_P HELX_P1 AA1 THR A 12 ? LYS A 28  ? THR A 139 LYS A 155 1 ? 17 
HELX_P HELX_P2 AA2 GLY A 45 ? ILE A 50  ? GLY A 172 ILE A 177 1 ? 6  
HELX_P HELX_P3 AA3 ASP A 55 ? ALA A 65  ? ASP A 182 ALA A 192 1 ? 11 
HELX_P HELX_P4 AA4 SER A 70 ? ASN A 89  ? SER A 197 ASN A 216 1 ? 20 
HELX_P HELX_P5 AA5 THR A 93 ? MET A 109 ? THR A 220 MET A 236 1 ? 17 
# 
_struct_conf_type.id          HELX_P 
_struct_conf_type.criteria    ? 
_struct_conf_type.reference   ? 
# 
_struct_site.id                   AC1 
_struct_site.pdbx_evidence_code   Software 
_struct_site.pdbx_auth_asym_id    A 
_struct_site.pdbx_auth_comp_id    B49 
_struct_site.pdbx_auth_seq_id     301 
_struct_site.pdbx_auth_ins_code   ? 
_struct_site.pdbx_num_residues    12 
_struct_site.details              'binding site for residue B49 A 301' 
# 
loop_
_struct_site_gen.id 
_struct_site_gen.site_id 
_struct_site_gen.pdbx_num_res 
_struct_site_gen.label_comp_id 
_struct_site_gen.label_asym_id 
_struct_site_gen.label_seq_id 
_struct_site_gen.pdbx_auth_ins_code 
_struct_site_gen.auth_comp_id 
_struct_site_gen.auth_asym_id 
_struct_site_gen.auth_seq_id 
_struct_site_gen.label_atom_id 
_struct_site_gen.label_alt_id 
_struct_site_gen.symmetry 
_struct_site_gen.details 
1  AC1 12 PHE A 33 ? PHE A 160 . ? 1_555 ? 
2  AC1 12 VAL A 38 ? VAL A 165 . ? 1_555 ? 
3  AC1 12 ILE A 42 ? ILE A 169 . ? 1_555 ? 
4  AC1 12 TYR A 46 ? TYR A 173 . ? 1_555 ? 
5  AC1 12 ILE A 49 ? ILE A 176 . ? 4_455 ? 
6  AC1 12 ASP A 61 ? ASP A 188 . ? 4_555 ? 
7  AC1 12 ALA A 85 ? ALA A 212 . ? 1_555 ? 
8  AC1 12 TYR A 88 ? TYR A 215 . ? 1_555 ? 
9  AC1 12 ASN A 89 ? ASN A 216 . ? 1_555 ? 
10 AC1 12 ARG A 90 ? ARG A 217 . ? 1_555 ? 
11 AC1 12 TYR A 95 ? TYR A 222 . ? 1_555 ? 
12 AC1 12 HOH C .  ? HOH A 406 . ? 1_555 ? 
# 
_atom_sites.entry_id                    6V0X 
_atom_sites.Cartn_transf_matrix[1][1]   ? 
_atom_sites.Cartn_transf_matrix[1][2]   ? 
_atom_sites.Cartn_transf_matrix[1][3]   ? 
_atom_sites.Cartn_transf_matrix[2][1]   ? 
_atom_sites.Cartn_transf_matrix[2][2]   ? 
_atom_sites.Cartn_transf_matrix[2][3]   ? 
_atom_sites.Cartn_transf_matrix[3][1]   ? 
_atom_sites.Cartn_transf_matrix[3][2]   ? 
_atom_sites.Cartn_transf_matrix[3][3]   ? 
_atom_sites.Cartn_transf_vector[1]      ? 
_atom_sites.Cartn_transf_vector[2]      ? 
_atom_sites.Cartn_transf_vector[3]      ? 
_atom_sites.fract_transf_matrix[1][1]   -0.01815953 
_atom_sites.fract_transf_matrix[1][2]   0.02119708 
_atom_sites.fract_transf_matrix[1][3]   -0.01287879 
_atom_sites.fract_transf_matrix[2][1]   -0.00443544 
_atom_sites.fract_transf_matrix[2][2]   0.00087490 
_atom_sites.fract_transf_matrix[2][3]   0.00769410 
_atom_sites.fract_transf_matrix[3][1]   0.02062076 
_atom_sites.fract_transf_matrix[3][2]   0.02327987 
_atom_sites.fract_transf_matrix[3][3]   0.00924014 
_atom_sites.fract_transf_vector[1]      -0.231953 
_atom_sites.fract_transf_vector[2]      0.139887 
_atom_sites.fract_transf_vector[3]      -0.129100 
_atom_sites.solution_primary            ? 
_atom_sites.solution_secondary          ? 
_atom_sites.solution_hydrogens          ? 
_atom_sites.special_details             ? 
# 
loop_
_atom_type.symbol 
C 
F 
H 
N 
O 
S 
# 
loop_
_atom_site.group_PDB 
_atom_site.id 
_atom_site.type_symbol 
_atom_site.label_atom_id 
_atom_site.label_alt_id 
_atom_site.label_comp_id 
_atom_site.label_asym_id 
_atom_site.label_entity_id 
_atom_site.label_seq_id 
_atom_site.pdbx_PDB_ins_code 
_atom_site.Cartn_x 
_atom_site.Cartn_y 
_atom_site.Cartn_z 
_atom_site.occupancy 
_atom_site.B_iso_or_equiv 
_atom_site.pdbx_formal_charge 
_atom_site.auth_seq_id 
_atom_site.auth_comp_id 
_atom_site.auth_asym_id 
_atom_site.auth_atom_id 
_atom_site.pdbx_PDB_model_num 
ATOM   1   N N   . SER A 1 11  ? 7.336   -21.278 -4.272  1.00 79.15  ? 138 SER A N   1 
ATOM   2   C CA  . SER A 1 11  ? 7.462   -19.921 -4.794  1.00 70.53  ? 138 SER A CA  1 
ATOM   3   C C   . SER A 1 11  ? 7.325   -19.900 -6.314  1.00 68.93  ? 138 SER A C   1 
ATOM   4   O O   . SER A 1 11  ? 8.251   -20.271 -7.036  1.00 68.19  ? 138 SER A O   1 
ATOM   5   C CB  . SER A 1 11  ? 8.802   -19.311 -4.379  1.00 69.36  ? 138 SER A CB  1 
ATOM   6   O OG  . SER A 1 11  ? 9.881   -20.159 -4.743  1.00 75.11  ? 138 SER A OG  1 
ATOM   7   N N   . THR A 1 12  ? 6.166   -19.462 -6.788  1.00 64.64  ? 139 THR A N   1 
ATOM   8   C CA  . THR A 1 12  ? 5.884   -19.386 -8.213  1.00 51.87  ? 139 THR A CA  1 
ATOM   9   C C   . THR A 1 12  ? 6.530   -18.142 -8.823  1.00 55.35  ? 139 THR A C   1 
ATOM   10  O O   . THR A 1 12  ? 6.929   -17.224 -8.103  1.00 58.09  ? 139 THR A O   1 
ATOM   11  C CB  . THR A 1 12  ? 4.374   -19.365 -8.442  1.00 55.97  ? 139 THR A CB  1 
ATOM   12  O OG1 . THR A 1 12  ? 3.855   -18.071 -8.115  1.00 52.27  ? 139 THR A OG1 1 
ATOM   13  C CG2 . THR A 1 12  ? 3.691   -20.414 -7.579  1.00 65.20  ? 139 THR A CG2 1 
ATOM   14  N N   . PRO A 1 13  ? 6.632   -18.077 -10.139 1.00 47.76  ? 140 PRO A N   1 
ATOM   15  C CA  . PRO A 1 13  ? 7.242   -16.900 -10.758 1.00 46.90  ? 140 PRO A CA  1 
ATOM   16  C C   . PRO A 1 13  ? 6.518   -15.610 -10.378 1.00 45.51  ? 140 PRO A C   1 
ATOM   17  O O   . PRO A 1 13  ? 7.170   -14.635 -10.033 1.00 45.46  ? 140 PRO A O   1 
ATOM   18  C CB  . PRO A 1 13  ? 7.092   -17.173 -12.252 1.00 48.57  ? 140 PRO A CB  1 
ATOM   19  C CG  . PRO A 1 13  ? 7.031   -18.652 -12.349 1.00 53.74  ? 140 PRO A CG  1 
ATOM   20  C CD  . PRO A 1 13  ? 6.263   -19.088 -11.139 1.00 52.74  ? 140 PRO A CD  1 
ATOM   21  N N   . ILE A 1 14  ? 5.194   -15.603 -10.445 1.00 47.91  ? 141 ILE A N   1 
ATOM   22  C CA  . ILE A 1 14  ? 4.454   -14.400 -10.108 1.00 49.45  ? 141 ILE A CA  1 
ATOM   23  C C   . ILE A 1 14  ? 4.712   -13.994 -8.668  1.00 41.98  ? 141 ILE A C   1 
ATOM   24  O O   . ILE A 1 14  ? 4.866   -12.822 -8.375  1.00 39.75  ? 141 ILE A O   1 
ATOM   25  C CB  . ILE A 1 14  ? 2.958   -14.572 -10.338 1.00 48.36  ? 141 ILE A CB  1 
ATOM   26  C CG1 . ILE A 1 14  ? 2.273   -13.213 -10.309 1.00 40.19  ? 141 ILE A CG1 1 
ATOM   27  C CG2 . ILE A 1 14  ? 2.374   -15.509 -9.296  1.00 44.12  ? 141 ILE A CG2 1 
ATOM   28  C CD1 . ILE A 1 14  ? 0.964   -13.194 -11.060 1.00 58.83  ? 141 ILE A CD1 1 
ATOM   29  N N   . GLN A 1 15  ? 4.766   -14.969 -7.774  1.00 42.15  ? 142 GLN A N   1 
ATOM   30  C CA  . GLN A 1 15  ? 5.023   -14.675 -6.370  1.00 42.37  ? 142 GLN A CA  1 
ATOM   31  C C   . GLN A 1 15  ? 6.417   -14.088 -6.187  1.00 44.55  ? 142 GLN A C   1 
ATOM   32  O O   . GLN A 1 15  ? 6.588   -13.079 -5.495  1.00 44.26  ? 142 GLN A O   1 
ATOM   33  C CB  . GLN A 1 15  ? 4.830   -15.935 -5.527  1.00 48.33  ? 142 GLN A CB  1 
ATOM   34  C CG  . GLN A 1 15  ? 3.372   -16.357 -5.400  1.00 47.25  ? 142 GLN A CG  1 
ATOM   35  C CD  . GLN A 1 15  ? 3.191   -17.667 -4.659  1.00 57.43  ? 142 GLN A CD  1 
ATOM   36  O OE1 . GLN A 1 15  ? 3.979   -18.602 -4.818  1.00 61.15  ? 142 GLN A OE1 1 
ATOM   37  N NE2 . GLN A 1 15  ? 2.137   -17.745 -3.850  1.00 52.50  ? 142 GLN A NE2 1 
ATOM   38  N N   . GLN A 1 16  ? 7.420   -14.684 -6.833  1.00 42.89  ? 143 GLN A N   1 
ATOM   39  C CA  . GLN A 1 16  ? 8.778   -14.145 -6.772  1.00 42.16  ? 143 GLN A CA  1 
ATOM   40  C C   . GLN A 1 16  ? 8.823   -12.714 -7.294  1.00 44.85  ? 143 GLN A C   1 
ATOM   41  O O   . GLN A 1 16  ? 9.427   -11.831 -6.674  1.00 44.96  ? 143 GLN A O   1 
ATOM   42  C CB  . GLN A 1 16  ? 9.734   -15.033 -7.571  1.00 48.78  ? 143 GLN A CB  1 
ATOM   43  C CG  . GLN A 1 16  ? 9.813   -16.456 -7.085  1.00 49.74  ? 143 GLN A CG  1 
ATOM   44  C CD  . GLN A 1 16  ? 10.744  -17.299 -7.934  1.00 59.09  ? 143 GLN A CD  1 
ATOM   45  O OE1 . GLN A 1 16  ? 10.382  -18.388 -8.377  1.00 67.90  ? 143 GLN A OE1 1 
ATOM   46  N NE2 . GLN A 1 16  ? 11.954  -16.798 -8.162  1.00 57.28  ? 143 GLN A NE2 1 
ATOM   47  N N   . LEU A 1 17  ? 8.183   -12.467 -8.439  1.00 39.44  ? 144 LEU A N   1 
ATOM   48  C CA  . LEU A 1 17  ? 8.182   -11.130 -9.023  1.00 36.75  ? 144 LEU A CA  1 
ATOM   49  C C   . LEU A 1 17  ? 7.527   -10.119 -8.089  1.00 36.86  ? 144 LEU A C   1 
ATOM   50  O O   . LEU A 1 17  ? 8.058   -9.025  -7.868  1.00 36.16  ? 144 LEU A O   1 
ATOM   51  C CB  . LEU A 1 17  ? 7.466   -11.159 -10.371 1.00 41.82  ? 144 LEU A CB  1 
ATOM   52  C CG  . LEU A 1 17  ? 7.338   -9.841  -11.136 1.00 40.15  ? 144 LEU A CG  1 
ATOM   53  C CD1 . LEU A 1 17  ? 8.704   -9.280  -11.497 1.00 37.89  ? 144 LEU A CD1 1 
ATOM   54  C CD2 . LEU A 1 17  ? 6.509   -10.052 -12.390 1.00 45.74  ? 144 LEU A CD2 1 
ATOM   55  N N   . LEU A 1 18  ? 6.367   -10.471 -7.527  1.00 34.06  ? 145 LEU A N   1 
ATOM   56  C CA  . LEU A 1 18  ? 5.652   -9.529  -6.666  1.00 31.90  ? 145 LEU A CA  1 
ATOM   57  C C   . LEU A 1 18  ? 6.370   -9.329  -5.338  1.00 33.59  ? 145 LEU A C   1 
ATOM   58  O O   . LEU A 1 18  ? 6.387   -8.217  -4.799  1.00 33.64  ? 145 LEU A O   1 
ATOM   59  C CB  . LEU A 1 18  ? 4.220   -10.009 -6.438  1.00 33.38  ? 145 LEU A CB  1 
ATOM   60  C CG  . LEU A 1 18  ? 3.371   -10.035 -7.712  1.00 37.33  ? 145 LEU A CG  1 
ATOM   61  C CD1 . LEU A 1 18  ? 1.924   -10.365 -7.380  1.00 40.33  ? 145 LEU A CD1 1 
ATOM   62  C CD2 . LEU A 1 18  ? 3.473   -8.728  -8.472  1.00 38.12  ? 145 LEU A CD2 1 
ATOM   63  N N   . GLU A 1 19  ? 6.970   -10.387 -4.787  1.00 35.73  ? 146 GLU A N   1 
ATOM   64  C CA  . GLU A 1 19  ? 7.742   -10.203 -3.563  1.00 39.14  ? 146 GLU A CA  1 
ATOM   65  C C   . GLU A 1 19  ? 8.910   -9.252  -3.797  1.00 37.27  ? 146 GLU A C   1 
ATOM   66  O O   . GLU A 1 19  ? 9.213   -8.409  -2.945  1.00 39.36  ? 146 GLU A O   1 
ATOM   67  C CB  . GLU A 1 19  ? 8.218   -11.555 -3.022  1.00 46.64  ? 146 GLU A CB  1 
ATOM   68  C CG  . GLU A 1 19  ? 7.059   -12.478 -2.647  1.00 52.20  ? 146 GLU A CG  1 
ATOM   69  C CD  . GLU A 1 19  ? 7.425   -13.521 -1.614  0.00 63.00  ? 146 GLU A CD  1 
ATOM   70  O OE1 . GLU A 1 19  ? 7.306   -14.726 -1.922  1.00 69.19  ? 146 GLU A OE1 1 
ATOM   71  O OE2 . GLU A 1 19  ? 7.813   -13.140 -0.492  1.00 67.39  ? 146 GLU A OE2 1 
ATOM   72  N N   . HIS A 1 20  ? 9.551   -9.341  -4.963  1.00 36.30  ? 147 HIS A N   1 
ATOM   73  C CA  . HIS A 1 20  ? 10.607  -8.389  -5.295  1.00 36.08  ? 147 HIS A CA  1 
ATOM   74  C C   . HIS A 1 20  ? 10.063  -6.965  -5.379  1.00 38.73  ? 147 HIS A C   1 
ATOM   75  O O   . HIS A 1 20  ? 10.649  -6.031  -4.816  1.00 37.45  ? 147 HIS A O   1 
ATOM   76  C CB  . HIS A 1 20  ? 11.281  -8.786  -6.608  1.00 42.06  ? 147 HIS A CB  1 
ATOM   77  C CG  . HIS A 1 20  ? 12.136  -7.705  -7.197  1.00 51.71  ? 147 HIS A CG  1 
ATOM   78  N ND1 . HIS A 1 20  ? 13.441  -7.493  -6.807  1.00 64.79  ? 147 HIS A ND1 1 
ATOM   79  C CD2 . HIS A 1 20  ? 11.873  -6.777  -8.147  1.00 56.87  ? 147 HIS A CD2 1 
ATOM   80  C CE1 . HIS A 1 20  ? 13.944  -6.481  -7.491  1.00 64.55  ? 147 HIS A CE1 1 
ATOM   81  N NE2 . HIS A 1 20  ? 13.011  -6.026  -8.309  1.00 59.62  ? 147 HIS A NE2 1 
ATOM   82  N N   . PHE A 1 21  ? 8.948   -6.772  -6.094  1.00 33.59  ? 148 PHE A N   1 
ATOM   83  C CA  . PHE A 1 21  ? 8.365   -5.437  -6.200  1.00 32.01  ? 148 PHE A CA  1 
ATOM   84  C C   . PHE A 1 21  ? 7.989   -4.895  -4.830  1.00 28.74  ? 148 PHE A C   1 
ATOM   85  O O   . PHE A 1 21  ? 8.225   -3.716  -4.528  1.00 31.30  ? 148 PHE A O   1 
ATOM   86  C CB  . PHE A 1 21  ? 7.127   -5.460  -7.099  1.00 31.72  ? 148 PHE A CB  1 
ATOM   87  C CG  . PHE A 1 21  ? 7.432   -5.565  -8.563  1.00 35.24  ? 148 PHE A CG  1 
ATOM   88  C CD1 . PHE A 1 21  ? 8.681   -5.233  -9.057  1.00 43.40  ? 148 PHE A CD1 1 
ATOM   89  C CD2 . PHE A 1 21  ? 6.459   -5.996  -9.447  1.00 45.91  ? 148 PHE A CD2 1 
ATOM   90  C CE1 . PHE A 1 21  ? 8.955   -5.328  -10.411 1.00 50.85  ? 148 PHE A CE1 1 
ATOM   91  C CE2 . PHE A 1 21  ? 6.724   -6.092  -10.800 1.00 47.18  ? 148 PHE A CE2 1 
ATOM   92  C CZ  . PHE A 1 21  ? 7.975   -5.761  -11.281 1.00 46.99  ? 148 PHE A CZ  1 
ATOM   93  N N   . LEU A 1 22  ? 7.394   -5.742  -3.993  1.00 27.81  ? 149 LEU A N   1 
ATOM   94  C CA  . LEU A 1 22  ? 6.955   -5.288  -2.679  1.00 29.12  ? 149 LEU A CA  1 
ATOM   95  C C   . LEU A 1 22  ? 8.142   -4.875  -1.822  1.00 29.56  ? 149 LEU A C   1 
ATOM   96  O O   . LEU A 1 22  ? 8.078   -3.872  -1.100  1.00 32.20  ? 149 LEU A O   1 
ATOM   97  C CB  . LEU A 1 22  ? 6.145   -6.382  -1.991  1.00 34.92  ? 149 LEU A CB  1 
ATOM   98  C CG  . LEU A 1 22  ? 5.665   -6.045  -0.584  1.00 29.77  ? 149 LEU A CG  1 
ATOM   99  C CD1 . LEU A 1 22  ? 4.689   -4.893  -0.636  1.00 29.74  ? 149 LEU A CD1 1 
ATOM   100 C CD2 . LEU A 1 22  ? 5.003   -7.256  0.049   1.00 36.45  ? 149 LEU A CD2 1 
ATOM   101 N N   . ARG A 1 23  ? 9.238   -5.635  -1.888  1.00 29.91  ? 150 ARG A N   1 
ATOM   102 C CA  . ARG A 1 23  ? 10.421  -5.283  -1.114  1.00 34.41  ? 150 ARG A CA  1 
ATOM   103 C C   . ARG A 1 23  ? 10.965  -3.927  -1.539  1.00 37.65  ? 150 ARG A C   1 
ATOM   104 O O   . ARG A 1 23  ? 11.353  -3.111  -0.696  1.00 36.64  ? 150 ARG A O   1 
ATOM   105 C CB  . ARG A 1 23  ? 11.485  -6.369  -1.273  1.00 38.28  ? 150 ARG A CB  1 
ATOM   106 C CG  . ARG A 1 23  ? 12.169  -6.764  0.025   1.00 53.00  ? 150 ARG A CG  1 
ATOM   107 C CD  . ARG A 1 23  ? 12.654  -8.211  0.002   1.00 60.53  ? 150 ARG A CD  1 
ATOM   108 N NE  . ARG A 1 23  ? 12.832  -8.719  -1.355  1.00 70.60  ? 150 ARG A NE  1 
ATOM   109 C CZ  . ARG A 1 23  ? 12.469  -9.937  -1.747  1.00 76.85  ? 150 ARG A CZ  1 
ATOM   110 N NH1 . ARG A 1 23  ? 11.901  -10.770 -0.885  1.00 82.07  ? 150 ARG A NH1 1 
ATOM   111 N NH2 . ARG A 1 23  ? 12.671  -10.319 -3.001  1.00 76.67  ? 150 ARG A NH2 1 
ATOM   112 N N   . GLN A 1 24  ? 10.983  -3.659  -2.845  1.00 35.86  ? 151 GLN A N   1 
ATOM   113 C CA  . GLN A 1 24  ? 11.489  -2.376  -3.318  1.00 35.32  ? 151 GLN A CA  1 
ATOM   114 C C   . GLN A 1 24  ? 10.586  -1.238  -2.868  1.00 33.11  ? 151 GLN A C   1 
ATOM   115 O O   . GLN A 1 24  ? 11.071  -0.173  -2.467  1.00 39.15  ? 151 GLN A O   1 
ATOM   116 C CB  . GLN A 1 24  ? 11.625  -2.389  -4.840  1.00 40.83  ? 151 GLN A CB  1 
ATOM   117 C CG  . GLN A 1 24  ? 12.692  -3.341  -5.344  1.00 49.12  ? 151 GLN A CG  1 
ATOM   118 C CD  . GLN A 1 24  ? 14.034  -3.086  -4.692  1.00 73.54  ? 151 GLN A CD  1 
ATOM   119 O OE1 . GLN A 1 24  ? 14.599  -1.998  -4.809  1.00 83.84  ? 151 GLN A OE1 1 
ATOM   120 N NE2 . GLN A 1 24  ? 14.545  -4.086  -3.985  1.00 77.09  ? 151 GLN A NE2 1 
ATOM   121 N N   . LEU A 1 25  ? 9.270   -1.441  -2.935  1.00 31.42  ? 152 LEU A N   1 
ATOM   122 C CA  . LEU A 1 25  ? 8.341   -0.407  -2.500  1.00 30.06  ? 152 LEU A CA  1 
ATOM   123 C C   . LEU A 1 25  ? 8.473   -0.134  -1.009  1.00 29.98  ? 152 LEU A C   1 
ATOM   124 O O   . LEU A 1 25  ? 8.471   1.025   -0.582  1.00 29.98  ? 152 LEU A O   1 
ATOM   125 C CB  . LEU A 1 25  ? 6.905   -0.805  -2.841  1.00 34.30  ? 152 LEU A CB  1 
ATOM   126 C CG  . LEU A 1 25  ? 6.562   -0.888  -4.327  1.00 34.42  ? 152 LEU A CG  1 
ATOM   127 C CD1 . LEU A 1 25  ? 5.165   -1.455  -4.500  1.00 35.03  ? 152 LEU A CD1 1 
ATOM   128 C CD2 . LEU A 1 25  ? 6.676   0.475   -4.984  1.00 34.08  ? 152 LEU A CD2 1 
ATOM   129 N N   . GLN A 1 26  ? 8.617   -1.184  -0.200  1.00 28.56  ? 153 GLN A N   1 
ATOM   130 C CA  . GLN A 1 26  ? 8.673   -0.980  1.246   1.00 27.93  ? 153 GLN A CA  1 
ATOM   131 C C   . GLN A 1 26  ? 9.964   -0.291  1.665   1.00 28.24  ? 153 GLN A C   1 
ATOM   132 O O   . GLN A 1 26  ? 9.997   0.392   2.698   1.00 30.85  ? 153 GLN A O   1 
ATOM   133 C CB  . GLN A 1 26  ? 8.507   -2.313  1.970   1.00 26.09  ? 153 GLN A CB  1 
ATOM   134 C CG  . GLN A 1 26  ? 7.119   -2.890  1.842   1.00 28.37  ? 153 GLN A CG  1 
ATOM   135 C CD  . GLN A 1 26  ? 6.748   -3.805  2.997   1.00 28.30  ? 153 GLN A CD  1 
ATOM   136 O OE1 . GLN A 1 26  ? 6.807   -5.027  2.861   1.00 36.46  ? 153 GLN A OE1 1 
ATOM   137 N NE2 . GLN A 1 26  ? 6.380   -3.225  4.133   1.00 32.29  ? 153 GLN A NE2 1 
ATOM   138 N N   . ARG A 1 27  ? 11.031  -0.442  0.878   1.00 29.37  ? 154 ARG A N   1 
ATOM   139 C CA  . ARG A 1 27  ? 12.262  0.286   1.154   1.00 33.91  ? 154 ARG A CA  1 
ATOM   140 C C   . ARG A 1 27  ? 12.054  1.793   1.100   1.00 32.50  ? 154 ARG A C   1 
ATOM   141 O O   . ARG A 1 27  ? 12.838  2.536   1.698   1.00 37.98  ? 154 ARG A O   1 
ATOM   142 C CB  . ARG A 1 27  ? 13.354  -0.143  0.166   1.00 40.54  ? 154 ARG A CB  1 
ATOM   143 C CG  . ARG A 1 27  ? 14.049  -1.445  0.554   1.00 50.35  ? 154 ARG A CG  1 
ATOM   144 C CD  . ARG A 1 27  ? 15.060  -1.911  -0.493  1.00 51.48  ? 154 ARG A CD  1 
ATOM   145 N NE  . ARG A 1 27  ? 15.757  -0.793  -1.123  1.00 60.02  ? 154 ARG A NE  1 
ATOM   146 C CZ  . ARG A 1 27  ? 16.382  -0.867  -2.292  0.00 64.39  ? 154 ARG A CZ  1 
ATOM   147 N NH1 . ARG A 1 27  ? 16.412  -2.012  -2.955  1.00 66.72  ? 154 ARG A NH1 1 
ATOM   148 N NH2 . ARG A 1 27  ? 16.986  0.201   -2.791  1.00 70.34  ? 154 ARG A NH2 1 
ATOM   149 N N   . LYS A 1 28  ? 11.028  2.256   0.386   1.00 30.91  ? 155 LYS A N   1 
ATOM   150 C CA  . LYS A 1 28  ? 10.679  3.671   0.337   1.00 32.65  ? 155 LYS A CA  1 
ATOM   151 C C   . LYS A 1 28  ? 9.890   4.110   1.559   1.00 29.57  ? 155 LYS A C   1 
ATOM   152 O O   . LYS A 1 28  ? 9.668   5.311   1.741   1.00 31.02  ? 155 LYS A O   1 
ATOM   153 C CB  . LYS A 1 28  ? 9.854   3.961   -0.921  1.00 35.36  ? 155 LYS A CB  1 
ATOM   154 C CG  . LYS A 1 28  ? 10.574  3.705   -2.240  1.00 45.24  ? 155 LYS A CG  1 
ATOM   155 C CD  . LYS A 1 28  ? 9.608   3.021   -3.199  1.00 59.98  ? 155 LYS A CD  1 
ATOM   156 C CE  . LYS A 1 28  ? 10.026  3.104   -4.652  1.00 65.59  ? 155 LYS A CE  1 
ATOM   157 N NZ  . LYS A 1 28  ? 11.412  3.584   -4.831  1.00 76.41  ? 155 LYS A NZ  1 
ATOM   158 N N   . ASP A 1 29  ? 9.478   3.164   2.394   1.00 26.52  ? 156 ASP A N   1 
ATOM   159 C CA  . ASP A 1 29  ? 8.670   3.413   3.588   1.00 25.90  ? 156 ASP A CA  1 
ATOM   160 C C   . ASP A 1 29  ? 9.365   2.740   4.768   1.00 27.11  ? 156 ASP A C   1 
ATOM   161 O O   . ASP A 1 29  ? 8.822   1.799   5.366   1.00 27.55  ? 156 ASP A O   1 
ATOM   162 C CB  . ASP A 1 29  ? 7.248   2.883   3.376   1.00 23.26  ? 156 ASP A CB  1 
ATOM   163 C CG  . ASP A 1 29  ? 6.353   3.032   4.599   1.00 23.94  ? 156 ASP A CG  1 
ATOM   164 O OD1 . ASP A 1 29  ? 6.562   3.973   5.399   1.00 24.98  ? 156 ASP A OD1 1 
ATOM   165 O OD2 . ASP A 1 29  ? 5.460   2.184   4.746   1.00 23.66  ? 156 ASP A OD2 1 
ATOM   166 N N   . PRO A 1 30  ? 10.562  3.208   5.138   1.00 29.38  ? 157 PRO A N   1 
ATOM   167 C CA  . PRO A 1 30  ? 11.347  2.496   6.161   1.00 30.89  ? 157 PRO A CA  1 
ATOM   168 C C   . PRO A 1 30  ? 10.698  2.502   7.530   1.00 33.57  ? 157 PRO A C   1 
ATOM   169 O O   . PRO A 1 30  ? 11.020  1.632   8.348   1.00 39.55  ? 157 PRO A O   1 
ATOM   170 C CB  . PRO A 1 30  ? 12.680  3.251   6.175   1.00 36.97  ? 157 PRO A CB  1 
ATOM   171 C CG  . PRO A 1 30  ? 12.348  4.615   5.653   1.00 34.81  ? 157 PRO A CG  1 
ATOM   172 C CD  . PRO A 1 30  ? 11.277  4.394   4.630   1.00 28.78  ? 157 PRO A CD  1 
ATOM   173 N N   . HIS A 1 31  ? 9.793   3.436   7.811   1.00 29.72  ? 158 HIS A N   1 
ATOM   174 C CA  . HIS A 1 31  ? 9.125   3.476   9.107   1.00 30.22  ? 158 HIS A CA  1 
ATOM   175 C C   . HIS A 1 31  ? 7.804   2.728   9.114   1.00 30.69  ? 158 HIS A C   1 
ATOM   176 O O   . HIS A 1 31  ? 7.149   2.667   10.157  1.00 34.13  ? 158 HIS A O   1 
ATOM   177 C CB  . HIS A 1 31  ? 8.902   4.923   9.544   1.00 30.10  ? 158 HIS A CB  1 
ATOM   178 C CG  . HIS A 1 31  ? 10.174  5.694   9.685   1.00 31.80  ? 158 HIS A CG  1 
ATOM   179 N ND1 . HIS A 1 31  ? 11.142  5.363   10.609  1.00 35.15  ? 158 HIS A ND1 1 
ATOM   180 C CD2 . HIS A 1 31  ? 10.663  6.748   8.990   1.00 37.90  ? 158 HIS A CD2 1 
ATOM   181 C CE1 . HIS A 1 31  ? 12.162  6.194   10.493  1.00 44.56  ? 158 HIS A CE1 1 
ATOM   182 N NE2 . HIS A 1 31  ? 11.894  7.047   9.519   1.00 42.17  ? 158 HIS A NE2 1 
ATOM   183 N N   . GLY A 1 32  ? 7.385   2.161   7.989   1.00 24.80  ? 159 GLY A N   1 
ATOM   184 C CA  . GLY A 1 32  ? 6.165   1.385   7.994   1.00 23.32  ? 159 GLY A CA  1 
ATOM   185 C C   . GLY A 1 32  ? 4.875   2.181   8.095   1.00 25.16  ? 159 GLY A C   1 
ATOM   186 O O   . GLY A 1 32  ? 3.892   1.661   8.640   1.00 27.17  ? 159 GLY A O   1 
ATOM   187 N N   . PHE A 1 33  ? 4.857   3.436   7.610   1.00 24.98  ? 160 PHE A N   1 
ATOM   188 C CA  . PHE A 1 33  ? 3.617   4.220   7.512   1.00 26.92  ? 160 PHE A CA  1 
ATOM   189 C C   . PHE A 1 33  ? 2.500   3.392   6.908   1.00 27.42  ? 160 PHE A C   1 
ATOM   190 O O   . PHE A 1 33  ? 1.331   3.497   7.305   1.00 23.20  ? 160 PHE A O   1 
ATOM   191 C CB  . PHE A 1 33  ? 3.782   5.440   6.584   1.00 28.75  ? 160 PHE A CB  1 
ATOM   192 C CG  . PHE A 1 33  ? 4.641   6.561   7.110   1.00 27.99  ? 160 PHE A CG  1 
ATOM   193 C CD1 . PHE A 1 33  ? 5.372   6.448   8.288   1.00 29.96  ? 160 PHE A CD1 1 
ATOM   194 C CD2 . PHE A 1 33  ? 4.724   7.744   6.379   1.00 34.07  ? 160 PHE A CD2 1 
ATOM   195 C CE1 . PHE A 1 33  ? 6.161   7.502   8.729   1.00 35.53  ? 160 PHE A CE1 1 
ATOM   196 C CE2 . PHE A 1 33  ? 5.504   8.794   6.807   1.00 35.38  ? 160 PHE A CE2 1 
ATOM   197 C CZ  . PHE A 1 33  ? 6.223   8.682   7.981   1.00 31.99  ? 160 PHE A CZ  1 
ATOM   198 N N   . PHE A 1 34  ? 2.835   2.625   5.875   1.00 21.93  ? 161 PHE A N   1 
ATOM   199 C CA  . PHE A 1 34  ? 1.867   1.944   5.037   1.00 21.40  ? 161 PHE A CA  1 
ATOM   200 C C   . PHE A 1 34  ? 1.920   0.440   5.205   1.00 21.58  ? 161 PHE A C   1 
ATOM   201 O O   . PHE A 1 34  ? 1.467   -0.300  4.323   1.00 20.80  ? 161 PHE A O   1 
ATOM   202 C CB  . PHE A 1 34  ? 2.100   2.359   3.584   1.00 20.75  ? 161 PHE A CB  1 
ATOM   203 C CG  . PHE A 1 34  ? 2.049   3.842   3.391   1.00 21.39  ? 161 PHE A CG  1 
ATOM   204 C CD1 . PHE A 1 34  ? 0.933   4.555   3.809   1.00 27.30  ? 161 PHE A CD1 1 
ATOM   205 C CD2 . PHE A 1 34  ? 3.108   4.536   2.844   1.00 25.58  ? 161 PHE A CD2 1 
ATOM   206 C CE1 . PHE A 1 34  ? 0.875   5.935   3.664   1.00 24.64  ? 161 PHE A CE1 1 
ATOM   207 C CE2 . PHE A 1 34  ? 3.059   5.914   2.701   1.00 29.81  ? 161 PHE A CE2 1 
ATOM   208 C CZ  . PHE A 1 34  ? 1.936   6.609   3.123   1.00 28.40  ? 161 PHE A CZ  1 
ATOM   209 N N   . ALA A 1 35  ? 2.473   -0.036  6.322   1.00 19.53  ? 162 ALA A N   1 
ATOM   210 C CA  . ALA A 1 35  ? 2.740   -1.458  6.448   1.00 19.33  ? 162 ALA A CA  1 
ATOM   211 C C   . ALA A 1 35  ? 1.803   -2.185  7.396   1.00 21.10  ? 162 ALA A C   1 
ATOM   212 O O   . ALA A 1 35  ? 2.068   -3.350  7.698   1.00 24.04  ? 162 ALA A O   1 
ATOM   213 C CB  . ALA A 1 35  ? 4.182   -1.694  6.909   1.00 25.65  ? 162 ALA A CB  1 
ATOM   214 N N   . PHE A 1 36  ? 0.734   -1.548  7.884   1.00 20.77  ? 163 PHE A N   1 
ATOM   215 C CA  . PHE A 1 36  ? -0.106  -2.179  8.891   1.00 20.84  ? 163 PHE A CA  1 
ATOM   216 C C   . PHE A 1 36  ? -1.544  -1.707  8.703   1.00 20.74  ? 163 PHE A C   1 
ATOM   217 O O   . PHE A 1 36  ? -1.785  -0.646  8.119   1.00 21.18  ? 163 PHE A O   1 
ATOM   218 C CB  . PHE A 1 36  ? 0.362   -1.846  10.315  1.00 22.66  ? 163 PHE A CB  1 
ATOM   219 C CG  . PHE A 1 36  ? 0.217   -0.401  10.642  1.00 22.53  ? 163 PHE A CG  1 
ATOM   220 C CD1 . PHE A 1 36  ? 1.112   0.519   10.148  1.00 21.88  ? 163 PHE A CD1 1 
ATOM   221 C CD2 . PHE A 1 36  ? -0.839  0.046   11.427  1.00 30.15  ? 163 PHE A CD2 1 
ATOM   222 C CE1 . PHE A 1 36  ? 0.966   1.867   10.408  1.00 27.82  ? 163 PHE A CE1 1 
ATOM   223 C CE2 . PHE A 1 36  ? -0.992  1.395   11.705  1.00 30.64  ? 163 PHE A CE2 1 
ATOM   224 C CZ  . PHE A 1 36  ? -0.094  2.313   11.189  1.00 30.46  ? 163 PHE A CZ  1 
ATOM   225 N N   . PRO A 1 37  ? -2.512  -2.461  9.220   1.00 21.89  ? 164 PRO A N   1 
ATOM   226 C CA  . PRO A 1 37  ? -3.913  -1.992  9.155   1.00 21.03  ? 164 PRO A CA  1 
ATOM   227 C C   . PRO A 1 37  ? -4.134  -0.798  10.073  1.00 20.92  ? 164 PRO A C   1 
ATOM   228 O O   . PRO A 1 37  ? -4.011  -0.905  11.295  1.00 21.85  ? 164 PRO A O   1 
ATOM   229 C CB  . PRO A 1 37  ? -4.711  -3.210  9.618   1.00 23.13  ? 164 PRO A CB  1 
ATOM   230 C CG  . PRO A 1 37  ? -3.786  -4.380  9.427   1.00 28.61  ? 164 PRO A CG  1 
ATOM   231 C CD  . PRO A 1 37  ? -2.406  -3.855  9.672   1.00 25.16  ? 164 PRO A CD  1 
ATOM   232 N N   . VAL A 1 38  ? -4.511  0.331   9.489   1.00 21.70  ? 165 VAL A N   1 
ATOM   233 C CA  . VAL A 1 38  ? -4.710  1.545   10.273  1.00 20.79  ? 165 VAL A CA  1 
ATOM   234 C C   . VAL A 1 38  ? -5.925  1.380   11.178  1.00 20.73  ? 165 VAL A C   1 
ATOM   235 O O   . VAL A 1 38  ? -6.931  0.762   10.803  1.00 24.62  ? 165 VAL A O   1 
ATOM   236 C CB  . VAL A 1 38  ? -4.870  2.750   9.336   1.00 20.54  ? 165 VAL A CB  1 
ATOM   237 C CG1 . VAL A 1 38  ? -5.160  4.037   10.105  1.00 24.67  ? 165 VAL A CG1 1 
ATOM   238 C CG2 . VAL A 1 38  ? -3.613  2.913   8.480   1.00 25.80  ? 165 VAL A CG2 1 
ATOM   239 N N   . THR A 1 39  ? -5.829  1.910   12.386  1.00 21.03  ? 166 THR A N   1 
ATOM   240 C CA  . THR A 1 39  ? -6.943  1.848   13.318  1.00 19.89  ? 166 THR A CA  1 
ATOM   241 C C   . THR A 1 39  ? -7.601  3.212   13.434  1.00 22.27  ? 166 THR A C   1 
ATOM   242 O O   . THR A 1 39  ? -6.970  4.248   13.212  1.00 20.72  ? 166 THR A O   1 
ATOM   243 C CB  . THR A 1 39  ? -6.482  1.430   14.709  1.00 20.12  ? 166 THR A CB  1 
ATOM   244 O OG1 . THR A 1 39  ? -5.716  2.489   15.299  1.00 23.85  ? 166 THR A OG1 1 
ATOM   245 C CG2 . THR A 1 39  ? -5.639  0.144   14.665  1.00 21.14  ? 166 THR A CG2 1 
ATOM   246 N N   . ASP A 1 40  ? -8.873  3.208   13.837  1.00 21.09  ? 167 ASP A N   1 
ATOM   247 C CA  . ASP A 1 40  ? -9.532  4.485   14.111  1.00 20.93  ? 167 ASP A CA  1 
ATOM   248 C C   . ASP A 1 40  ? -8.917  5.187   15.320  1.00 21.20  ? 167 ASP A C   1 
ATOM   249 O O   . ASP A 1 40  ? -8.995  6.416   15.419  1.00 24.90  ? 167 ASP A O   1 
ATOM   250 C CB  . ASP A 1 40  ? -11.040 4.283   14.319  1.00 21.99  ? 167 ASP A CB  1 
ATOM   251 C CG  . ASP A 1 40  ? -11.796 4.051   13.007  1.00 27.44  ? 167 ASP A CG  1 
ATOM   252 O OD1 . ASP A 1 40  ? -11.183 4.029   11.924  1.00 27.13  ? 167 ASP A OD1 1 
ATOM   253 O OD2 . ASP A 1 40  ? -13.032 3.881   13.067  1.00 40.03  ? 167 ASP A OD2 1 
ATOM   254 N N   . ALA A 1 41  ? -8.305  4.440   16.259  1.00 19.20  ? 168 ALA A N   1 
ATOM   255 C CA  . ALA A 1 41  ? -7.624  5.085   17.380  1.00 21.21  ? 168 ALA A CA  1 
ATOM   256 C C   . ALA A 1 41  ? -6.449  5.927   16.896  1.00 22.13  ? 168 ALA A C   1 
ATOM   257 O O   . ALA A 1 41  ? -6.185  7.001   17.447  1.00 26.39  ? 168 ALA A O   1 
ATOM   258 C CB  . ALA A 1 41  ? -7.154  4.049   18.401  1.00 23.44  ? 168 ALA A CB  1 
ATOM   259 N N   . ILE A 1 42  ? -5.720  5.439   15.889  1.00 21.45  ? 169 ILE A N   1 
ATOM   260 C CA  . ILE A 1 42  ? -4.639  6.209   15.271  1.00 22.89  ? 169 ILE A CA  1 
ATOM   261 C C   . ILE A 1 42  ? -5.206  7.343   14.430  1.00 21.85  ? 169 ILE A C   1 
ATOM   262 O O   . ILE A 1 42  ? -4.718  8.481   14.475  1.00 24.81  ? 169 ILE A O   1 
ATOM   263 C CB  . ILE A 1 42  ? -3.766  5.282   14.408  1.00 21.70  ? 169 ILE A CB  1 
ATOM   264 C CG1 . ILE A 1 42  ? -2.956  4.331   15.278  1.00 23.39  ? 169 ILE A CG1 1 
ATOM   265 C CG2 . ILE A 1 42  ? -2.860  6.086   13.489  1.00 22.11  ? 169 ILE A CG2 1 
ATOM   266 C CD1 . ILE A 1 42  ? -2.424  3.118   14.508  1.00 23.14  ? 169 ILE A CD1 1 
ATOM   267 N N   . ALA A 1 43  ? -6.226  7.037   13.628  1.00 20.18  ? 170 ALA A N   1 
ATOM   268 C CA  . ALA A 1 43  ? -6.756  7.914   12.586  1.00 18.75  ? 170 ALA A CA  1 
ATOM   269 C C   . ALA A 1 43  ? -8.274  7.949   12.728  1.00 21.02  ? 170 ALA A C   1 
ATOM   270 O O   . ALA A 1 43  ? -8.987  7.217   12.032  1.00 21.14  ? 170 ALA A O   1 
ATOM   271 C CB  . ALA A 1 43  ? -6.346  7.408   11.207  1.00 21.50  ? 170 ALA A CB  1 
ATOM   272 N N   . PRO A 1 44  ? -8.801  8.791   13.611  1.00 23.50  ? 171 PRO A N   1 
ATOM   273 C CA  . PRO A 1 44  ? -10.255 8.804   13.819  1.00 21.96  ? 171 PRO A CA  1 
ATOM   274 C C   . PRO A 1 44  ? -11.002 9.028   12.510  1.00 23.34  ? 171 PRO A C   1 
ATOM   275 O O   . PRO A 1 44  ? -10.587 9.819   11.661  1.00 23.67  ? 171 PRO A O   1 
ATOM   276 C CB  . PRO A 1 44  ? -10.461 9.943   14.814  1.00 23.77  ? 171 PRO A CB  1 
ATOM   277 C CG  . PRO A 1 44  ? -9.171  9.962   15.602  1.00 27.58  ? 171 PRO A CG  1 
ATOM   278 C CD  . PRO A 1 44  ? -8.097  9.638   14.592  1.00 25.06  ? 171 PRO A CD  1 
ATOM   279 N N   . GLY A 1 45  ? -12.092 8.284   12.333  1.00 23.25  ? 172 GLY A N   1 
ATOM   280 C CA  . GLY A 1 45  ? -12.898 8.388   11.130  1.00 24.11  ? 172 GLY A CA  1 
ATOM   281 C C   . GLY A 1 45  ? -12.405 7.548   9.966   1.00 23.37  ? 172 GLY A C   1 
ATOM   282 O O   . GLY A 1 45  ? -13.086 7.512   8.924   1.00 24.62  ? 172 GLY A O   1 
ATOM   283 N N   . TYR A 1 46  ? -11.237 6.906   10.094  1.00 22.30  ? 173 TYR A N   1 
ATOM   284 C CA  . TYR A 1 46  ? -10.603 6.251   8.953   1.00 21.94  ? 173 TYR A CA  1 
ATOM   285 C C   . TYR A 1 46  ? -11.470 5.141   8.374   1.00 24.98  ? 173 TYR A C   1 
ATOM   286 O O   . TYR A 1 46  ? -11.632 5.037   7.147   1.00 25.85  ? 173 TYR A O   1 
ATOM   287 C CB  . TYR A 1 46  ? -9.252  5.698   9.379   1.00 21.23  ? 173 TYR A CB  1 
ATOM   288 C CG  . TYR A 1 46  ? -8.545  4.833   8.373   1.00 21.63  ? 173 TYR A CG  1 
ATOM   289 C CD1 . TYR A 1 46  ? -7.746  5.397   7.374   1.00 22.04  ? 173 TYR A CD1 1 
ATOM   290 C CD2 . TYR A 1 46  ? -8.607  3.440   8.455   1.00 25.99  ? 173 TYR A CD2 1 
ATOM   291 C CE1 . TYR A 1 46  ? -7.061  4.591   6.471   1.00 23.94  ? 173 TYR A CE1 1 
ATOM   292 C CE2 . TYR A 1 46  ? -7.930  2.629   7.547   1.00 27.01  ? 173 TYR A CE2 1 
ATOM   293 C CZ  . TYR A 1 46  ? -7.154  3.210   6.558   1.00 23.51  ? 173 TYR A CZ  1 
ATOM   294 O OH  . TYR A 1 46  ? -6.476  2.394   5.686   1.00 24.88  ? 173 TYR A OH  1 
ATOM   295 N N   . SER A 1 47  ? -12.041 4.290   9.234   1.00 23.74  ? 174 SER A N   1 
ATOM   296 C CA  A SER A 1 47  ? -12.791 3.155   8.708   0.59 25.33  ? 174 SER A CA  1 
ATOM   297 C CA  B SER A 1 47  ? -12.816 3.149   8.748   0.41 26.41  ? 174 SER A CA  1 
ATOM   298 C C   . SER A 1 47  ? -14.064 3.586   7.987   1.00 26.94  ? 174 SER A C   1 
ATOM   299 O O   . SER A 1 47  ? -14.552 2.856   7.113   1.00 30.39  ? 174 SER A O   1 
ATOM   300 C CB  A SER A 1 47  ? -13.116 2.171   9.834   0.59 26.27  ? 174 SER A CB  1 
ATOM   301 C CB  B SER A 1 47  ? -13.207 2.243   9.918   0.41 28.55  ? 174 SER A CB  1 
ATOM   302 O OG  A SER A 1 47  ? -13.944 2.760   10.822  0.59 29.96  ? 174 SER A OG  1 
ATOM   303 O OG  B SER A 1 47  ? -12.069 1.712   10.576  0.41 25.30  ? 174 SER A OG  1 
ATOM   304 N N   . MET A 1 48  ? -14.609 4.757   8.313   1.00 27.12  ? 175 MET A N   1 
ATOM   305 C CA  . MET A 1 48  ? -15.771 5.263   7.587   1.00 31.24  ? 175 MET A CA  1 
ATOM   306 C C   . MET A 1 48  ? -15.375 5.952   6.283   1.00 28.52  ? 175 MET A C   1 
ATOM   307 O O   . MET A 1 48  ? -16.106 5.875   5.285   1.00 33.09  ? 175 MET A O   1 
ATOM   308 C CB  . MET A 1 48  ? -16.548 6.231   8.483   1.00 42.85  ? 175 MET A CB  1 
ATOM   309 C CG  . MET A 1 48  ? -17.616 7.045   7.765   1.00 68.07  ? 175 MET A CG  1 
ATOM   310 S SD  . MET A 1 48  ? -17.062 8.731   7.374   1.00 60.63  ? 175 MET A SD  1 
ATOM   311 C CE  . MET A 1 48  ? -16.237 9.217   8.889   1.00 67.40  ? 175 MET A CE  1 
ATOM   312 N N   . ILE A 1 49  ? -14.250 6.664   6.291   1.00 26.58  ? 176 ILE A N   1 
ATOM   313 C CA  . ILE A 1 49  ? -13.810 7.401   5.109   1.00 26.74  ? 176 ILE A CA  1 
ATOM   314 C C   . ILE A 1 49  ? -13.255 6.448   4.067   1.00 26.39  ? 176 ILE A C   1 
ATOM   315 O O   . ILE A 1 49  ? -13.528 6.583   2.871   1.00 29.67  ? 176 ILE A O   1 
ATOM   316 C CB  . ILE A 1 49  ? -12.759 8.456   5.496   1.00 28.83  ? 176 ILE A CB  1 
ATOM   317 C CG1 . ILE A 1 49  ? -13.396 9.582   6.316   1.00 27.60  ? 176 ILE A CG1 1 
ATOM   318 C CG2 . ILE A 1 49  ? -12.052 9.010   4.237   1.00 30.22  ? 176 ILE A CG2 1 
ATOM   319 C CD1 . ILE A 1 49  ? -14.333 10.467  5.518   1.00 29.30  ? 176 ILE A CD1 1 
ATOM   320 N N   . ILE A 1 50  ? -12.421 5.502   4.500   1.00 23.43  ? 177 ILE A N   1 
ATOM   321 C CA  . ILE A 1 50  ? -11.683 4.622   3.601   1.00 24.41  ? 177 ILE A CA  1 
ATOM   322 C C   . ILE A 1 50  ? -12.457 3.310   3.514   1.00 25.23  ? 177 ILE A C   1 
ATOM   323 O O   . ILE A 1 50  ? -12.402 2.465   4.412   1.00 29.47  ? 177 ILE A O   1 
ATOM   324 C CB  . ILE A 1 50  ? -10.242 4.426   4.069   1.00 22.08  ? 177 ILE A CB  1 
ATOM   325 C CG1 . ILE A 1 50  ? -9.513  5.774   4.083   1.00 22.91  ? 177 ILE A CG1 1 
ATOM   326 C CG2 . ILE A 1 50  ? -9.533  3.424   3.191   1.00 25.20  ? 177 ILE A CG2 1 
ATOM   327 C CD1 . ILE A 1 50  ? -9.608  6.566   2.756   1.00 25.53  ? 177 ILE A CD1 1 
ATOM   328 N N   . LYS A 1 51  ? -13.205 3.154   2.426   1.00 28.04  ? 178 LYS A N   1 
ATOM   329 C CA  . LYS A 1 51  ? -14.075 1.999   2.268   1.00 28.88  ? 178 LYS A CA  1 
ATOM   330 C C   . LYS A 1 51  ? -13.289 0.726   1.993   1.00 26.60  ? 178 LYS A C   1 
ATOM   331 O O   . LYS A 1 51  ? -13.753 -0.374  2.327   1.00 32.05  ? 178 LYS A O   1 
ATOM   332 C CB  . LYS A 1 51  ? -15.048 2.252   1.116   1.00 32.13  ? 178 LYS A CB  1 
ATOM   333 C CG  . LYS A 1 51  ? -16.165 3.227   1.430   1.00 41.60  ? 178 LYS A CG  1 
ATOM   334 C CD  . LYS A 1 51  ? -17.374 2.512   1.991   1.00 60.60  ? 178 LYS A CD  1 
ATOM   335 C CE  . LYS A 1 51  ? -17.884 3.196   3.246   1.00 63.06  ? 178 LYS A CE  1 
ATOM   336 N NZ  . LYS A 1 51  ? -17.010 2.872   4.405   1.00 63.81  ? 178 LYS A NZ  1 
ATOM   337 N N   . HIS A 1 52  ? -12.143 0.851   1.344   1.00 28.36  ? 179 HIS A N   1 
ATOM   338 C CA  . HIS A 1 52  ? -11.332 -0.293  0.928   1.00 28.17  ? 179 HIS A CA  1 
ATOM   339 C C   . HIS A 1 52  ? -9.900  -0.074  1.389   1.00 24.46  ? 179 HIS A C   1 
ATOM   340 O O   . HIS A 1 52  ? -9.019  0.308   0.601   1.00 24.59  ? 179 HIS A O   1 
ATOM   341 C CB  . HIS A 1 52  ? -11.427 -0.498  -0.580  1.00 28.96  ? 179 HIS A CB  1 
ATOM   342 C CG  . HIS A 1 52  ? -12.826 -0.709  -1.047  1.00 35.31  ? 179 HIS A CG  1 
ATOM   343 N ND1 . HIS A 1 52  ? -13.567 -1.810  -0.674  1.00 41.39  ? 179 HIS A ND1 1 
ATOM   344 C CD2 . HIS A 1 52  ? -13.645 0.057   -1.805  1.00 40.35  ? 179 HIS A CD2 1 
ATOM   345 C CE1 . HIS A 1 52  ? -14.773 -1.726  -1.205  1.00 42.01  ? 179 HIS A CE1 1 
ATOM   346 N NE2 . HIS A 1 52  ? -14.845 -0.603  -1.897  1.00 42.54  ? 179 HIS A NE2 1 
ATOM   347 N N   . PRO A 1 53  ? -9.632  -0.305  2.671   1.00 23.98  ? 180 PRO A N   1 
ATOM   348 C CA  . PRO A 1 53  ? -8.280  -0.106  3.198   1.00 23.68  ? 180 PRO A CA  1 
ATOM   349 C C   . PRO A 1 53  ? -7.294  -1.085  2.584   1.00 22.62  ? 180 PRO A C   1 
ATOM   350 O O   . PRO A 1 53  ? -7.650  -2.194  2.170   1.00 25.50  ? 180 PRO A O   1 
ATOM   351 C CB  . PRO A 1 53  ? -8.444  -0.366  4.701   1.00 25.54  ? 180 PRO A CB  1 
ATOM   352 C CG  . PRO A 1 53  ? -9.630  -1.231  4.805   1.00 30.87  ? 180 PRO A CG  1 
ATOM   353 C CD  . PRO A 1 53  ? -10.567 -0.809  3.690   1.00 25.01  ? 180 PRO A CD  1 
ATOM   354 N N   . MET A 1 54  ? -6.042  -0.652  2.521   1.00 22.11  ? 181 MET A N   1 
ATOM   355 C CA  . MET A 1 54  ? -4.987  -1.522  2.019   1.00 20.84  ? 181 MET A CA  1 
ATOM   356 C C   . MET A 1 54  ? -3.668  -1.128  2.667   1.00 21.73  ? 181 MET A C   1 
ATOM   357 O O   . MET A 1 54  ? -3.460  0.039   3.012   1.00 21.82  ? 181 MET A O   1 
ATOM   358 C CB  . MET A 1 54  ? -4.897  -1.410  0.485   1.00 24.56  ? 181 MET A CB  1 
ATOM   359 C CG  . MET A 1 54  ? -3.940  -2.379  -0.221  1.00 25.29  ? 181 MET A CG  1 
ATOM   360 S SD  . MET A 1 54  ? -4.091  -4.099  0.300   1.00 26.40  ? 181 MET A SD  1 
ATOM   361 C CE  . MET A 1 54  ? -5.821  -4.328  -0.032  1.00 31.59  ? 181 MET A CE  1 
ATOM   362 N N   . ASP A 1 55  ? -2.767  -2.105  2.800   1.00 20.46  ? 182 ASP A N   1 
ATOM   363 C CA  . ASP A 1 55  ? -1.453  -1.863  3.391   1.00 20.92  ? 182 ASP A CA  1 
ATOM   364 C C   . ASP A 1 55  ? -0.491  -2.933  2.895   1.00 20.55  ? 182 ASP A C   1 
ATOM   365 O O   . ASP A 1 55  ? -0.908  -3.958  2.355   1.00 22.50  ? 182 ASP A O   1 
ATOM   366 C CB  . ASP A 1 55  ? -1.530  -1.863  4.922   1.00 22.82  ? 182 ASP A CB  1 
ATOM   367 C CG  . ASP A 1 55  ? -1.837  -3.221  5.471   1.00 22.89  ? 182 ASP A CG  1 
ATOM   368 O OD1 . ASP A 1 55  ? -3.021  -3.565  5.602   1.00 24.36  ? 182 ASP A OD1 1 
ATOM   369 O OD2 . ASP A 1 55  ? -0.884  -3.987  5.740   1.00 24.15  ? 182 ASP A OD2 1 
ATOM   370 N N   . PHE A 1 56  ? 0.811   -2.677  3.084   1.00 21.22  ? 183 PHE A N   1 
ATOM   371 C CA  . PHE A 1 56  ? 1.828   -3.591  2.567   1.00 23.03  ? 183 PHE A CA  1 
ATOM   372 C C   . PHE A 1 56  ? 1.757   -4.963  3.227   1.00 22.86  ? 183 PHE A C   1 
ATOM   373 O O   . PHE A 1 56  ? 2.098   -5.976  2.597   1.00 25.72  ? 183 PHE A O   1 
ATOM   374 C CB  . PHE A 1 56  ? 3.215   -3.011  2.810   1.00 22.36  ? 183 PHE A CB  1 
ATOM   375 C CG  . PHE A 1 56  ? 3.613   -1.906  1.877   1.00 25.39  ? 183 PHE A CG  1 
ATOM   376 C CD1 . PHE A 1 56  ? 3.415   -1.999  0.505   1.00 24.07  ? 183 PHE A CD1 1 
ATOM   377 C CD2 . PHE A 1 56  ? 4.249   -0.783  2.381   1.00 24.90  ? 183 PHE A CD2 1 
ATOM   378 C CE1 . PHE A 1 56  ? 3.849   -0.975  -0.342  1.00 32.82  ? 183 PHE A CE1 1 
ATOM   379 C CE2 . PHE A 1 56  ? 4.662   0.241   1.557   1.00 24.00  ? 183 PHE A CE2 1 
ATOM   380 C CZ  . PHE A 1 56  ? 4.481   0.143   0.190   1.00 27.96  ? 183 PHE A CZ  1 
ATOM   381 N N   . GLY A 1 57  ? 1.384   -5.021  4.510   1.00 23.62  ? 184 GLY A N   1 
ATOM   382 C CA  . GLY A 1 57  ? 1.278   -6.309  5.165   1.00 28.62  ? 184 GLY A CA  1 
ATOM   383 C C   . GLY A 1 57  ? 0.180   -7.153  4.557   1.00 25.17  ? 184 GLY A C   1 
ATOM   384 O O   . GLY A 1 57  ? 0.348   -8.359  4.344   1.00 29.28  ? 184 GLY A O   1 
ATOM   385 N N   . THR A 1 58  ? -0.954  -6.518  4.254   1.00 25.70  ? 185 THR A N   1 
ATOM   386 C CA  . THR A 1 58  ? -2.052  -7.220  3.610   1.00 26.91  ? 185 THR A CA  1 
ATOM   387 C C   . THR A 1 58  ? -1.666  -7.654  2.204   1.00 27.66  ? 185 THR A C   1 
ATOM   388 O O   . THR A 1 58  ? -1.981  -8.773  1.780   1.00 30.54  ? 185 THR A O   1 
ATOM   389 C CB  . THR A 1 58  ? -3.282  -6.316  3.601   1.00 28.75  ? 185 THR A CB  1 
ATOM   390 O OG1 . THR A 1 58  ? -3.692  -6.062  4.958   1.00 28.36  ? 185 THR A OG1 1 
ATOM   391 C CG2 . THR A 1 58  ? -4.427  -6.974  2.842   1.00 30.00  ? 185 THR A CG2 1 
ATOM   392 N N   . MET A 1 59  ? -0.936  -6.803  1.482   1.00 27.90  ? 186 MET A N   1 
ATOM   393 C CA  . MET A 1 59  ? -0.491  -7.181  0.148   1.00 27.98  ? 186 MET A CA  1 
ATOM   394 C C   . MET A 1 59  ? 0.430   -8.388  0.200   1.00 33.28  ? 186 MET A C   1 
ATOM   395 O O   . MET A 1 59  ? 0.331   -9.289  -0.639  1.00 34.40  ? 186 MET A O   1 
ATOM   396 C CB  . MET A 1 59  ? 0.200   -5.998  -0.517  1.00 25.34  ? 186 MET A CB  1 
ATOM   397 C CG  . MET A 1 59  ? -0.766  -4.895  -0.795  1.00 23.49  ? 186 MET A CG  1 
ATOM   398 S SD  . MET A 1 59  ? 0.043   -3.434  -1.458  1.00 30.62  ? 186 MET A SD  1 
ATOM   399 C CE  . MET A 1 59  ? 0.484   -4.009  -3.086  1.00 39.58  ? 186 MET A CE  1 
ATOM   400 N N   . LYS A 1 60  ? 1.330   -8.430  1.187   1.00 29.90  ? 187 LYS A N   1 
ATOM   401 C CA  . LYS A 1 60  ? 2.181   -9.603  1.350   1.00 31.43  ? 187 LYS A CA  1 
ATOM   402 C C   . LYS A 1 60  ? 1.343   -10.857 1.567   1.00 38.14  ? 187 LYS A C   1 
ATOM   403 O O   . LYS A 1 60  ? 1.612   -11.909 0.976   1.00 38.85  ? 187 LYS A O   1 
ATOM   404 C CB  . LYS A 1 60  ? 3.144   -9.389  2.518   1.00 33.13  ? 187 LYS A CB  1 
ATOM   405 C CG  . LYS A 1 60  ? 4.068   -10.573 2.771   1.00 38.63  ? 187 LYS A CG  1 
ATOM   406 C CD  . LYS A 1 60  ? 4.753   -11.016 1.483   1.00 47.98  ? 187 LYS A CD  1 
ATOM   407 C CE  . LYS A 1 60  ? 5.625   -12.234 1.715   0.00 50.08  ? 187 LYS A CE  1 
ATOM   408 N NZ  . LYS A 1 60  ? 6.826   -11.884 2.516   1.00 51.38  ? 187 LYS A NZ  1 
ATOM   409 N N   . ASP A 1 61  ? 0.304   -10.757 2.401   1.00 36.54  ? 188 ASP A N   1 
ATOM   410 C CA  . ASP A 1 61  ? -0.573  -11.903 2.622   1.00 41.78  ? 188 ASP A CA  1 
ATOM   411 C C   . ASP A 1 61  ? -1.310  -12.295 1.344   1.00 34.80  ? 188 ASP A C   1 
ATOM   412 O O   . ASP A 1 61  ? -1.573  -13.481 1.108   1.00 39.99  ? 188 ASP A O   1 
ATOM   413 C CB  . ASP A 1 61  ? -1.586  -11.590 3.725   1.00 36.79  ? 188 ASP A CB  1 
ATOM   414 C CG  . ASP A 1 61  ? -0.952  -11.448 5.104   1.00 47.48  ? 188 ASP A CG  1 
ATOM   415 O OD1 . ASP A 1 61  ? 0.193   -11.891 5.302   1.00 45.59  ? 188 ASP A OD1 1 
ATOM   416 O OD2 . ASP A 1 61  ? -1.623  -10.895 6.001   1.00 45.60  ? 188 ASP A OD2 1 
ATOM   417 N N   . LYS A 1 62  ? -1.694  -11.311 0.527   1.00 43.46  ? 189 LYS A N   1 
ATOM   418 C CA  . LYS A 1 62  ? -2.386  -11.646 -0.710  1.00 39.88  ? 189 LYS A CA  1 
ATOM   419 C C   . LYS A 1 62  ? -1.454  -12.333 -1.698  1.00 35.47  ? 189 LYS A C   1 
ATOM   420 O O   . LYS A 1 62  ? -1.902  -13.194 -2.468  1.00 40.16  ? 189 LYS A O   1 
ATOM   421 C CB  . LYS A 1 62  ? -3.011  -10.400 -1.333  1.00 38.60  ? 189 LYS A CB  1 
ATOM   422 C CG  . LYS A 1 62  ? -4.279  -9.949  -0.636  1.00 34.83  ? 189 LYS A CG  1 
ATOM   423 C CD  . LYS A 1 62  ? -4.760  -8.627  -1.182  1.00 36.69  ? 189 LYS A CD  1 
ATOM   424 C CE  . LYS A 1 62  ? -5.500  -8.807  -2.488  1.00 39.41  ? 189 LYS A CE  1 
ATOM   425 N NZ  . LYS A 1 62  ? -6.338  -7.598  -2.742  1.00 45.47  ? 189 LYS A NZ  1 
ATOM   426 N N   . ILE A 1 63  ? -0.159  -11.988 -1.684  1.00 42.04  ? 190 ILE A N   1 
ATOM   427 C CA  . ILE A 1 63  ? 0.825   -12.706 -2.496  1.00 45.20  ? 190 ILE A CA  1 
ATOM   428 C C   . ILE A 1 63  ? 0.880   -14.171 -2.078  1.00 39.79  ? 190 ILE A C   1 
ATOM   429 O O   . ILE A 1 63  ? 0.790   -15.082 -2.906  1.00 40.23  ? 190 ILE A O   1 
ATOM   430 C CB  . ILE A 1 63  ? 2.214   -12.053 -2.371  1.00 42.05  ? 190 ILE A CB  1 
ATOM   431 C CG1 . ILE A 1 63  ? 2.198   -10.617 -2.903  1.00 39.37  ? 190 ILE A CG1 1 
ATOM   432 C CG2 . ILE A 1 63  ? 3.276   -12.898 -3.079  1.00 46.86  ? 190 ILE A CG2 1 
ATOM   433 C CD1 . ILE A 1 63  ? 3.533   -9.900  -2.741  1.00 37.17  ? 190 ILE A CD1 1 
ATOM   434 N N   . VAL A 1 64  ? 1.027   -14.400 -0.775  1.00 48.11  ? 191 VAL A N   1 
ATOM   435 C CA  . VAL A 1 64  ? 1.169   -15.750 -0.234  1.00 47.12  ? 191 VAL A CA  1 
ATOM   436 C C   . VAL A 1 64  ? -0.077  -16.578 -0.524  1.00 49.62  ? 191 VAL A C   1 
ATOM   437 O O   . VAL A 1 64  ? 0.012   -17.732 -0.954  1.00 50.28  ? 191 VAL A O   1 
ATOM   438 C CB  . VAL A 1 64  ? 1.474   -15.668 1.273   1.00 46.67  ? 191 VAL A CB  1 
ATOM   439 C CG1 . VAL A 1 64  ? 1.286   -17.013 1.929   1.00 45.95  ? 191 VAL A CG1 1 
ATOM   440 C CG2 . VAL A 1 64  ? 2.891   -15.139 1.492   1.00 46.23  ? 191 VAL A CG2 1 
ATOM   441 N N   . ALA A 1 65  ? -1.252  -15.978 -0.381  1.00 44.94  ? 192 ALA A N   1 
ATOM   442 C CA  . ALA A 1 65  ? -2.492  -16.679 -0.697  1.00 46.45  ? 192 ALA A CA  1 
ATOM   443 C C   . ALA A 1 65  ? -2.642  -16.856 -2.210  1.00 48.88  ? 192 ALA A C   1 
ATOM   444 O O   . ALA A 1 65  ? -3.545  -17.548 -2.669  1.00 58.59  ? 192 ALA A O   1 
ATOM   445 C CB  . ALA A 1 65  ? -3.693  -15.942 -0.122  1.00 41.37  ? 192 ALA A CB  1 
ATOM   446 N N   . ASN A 1 66  ? -1.756  -16.224 -2.977  1.00 56.42  ? 193 ASN A N   1 
ATOM   447 C CA  . ASN A 1 66  ? -1.768  -16.317 -4.437  1.00 61.17  ? 193 ASN A CA  1 
ATOM   448 C C   . ASN A 1 66  ? -3.012  -15.656 -5.024  1.00 62.14  ? 193 ASN A C   1 
ATOM   449 O O   . ASN A 1 66  ? -3.553  -16.103 -6.039  1.00 60.62  ? 193 ASN A O   1 
ATOM   450 C CB  . ASN A 1 66  ? -1.647  -17.775 -4.899  1.00 73.25  ? 193 ASN A CB  1 
ATOM   451 C CG  . ASN A 1 66  ? -1.273  -17.899 -6.363  1.00 82.49  ? 193 ASN A CG  1 
ATOM   452 O OD1 . ASN A 1 66  ? -0.358  -17.229 -6.842  1.00 82.30  ? 193 ASN A OD1 1 
ATOM   453 N ND2 . ASN A 1 66  ? -1.983  -18.760 -7.083  1.00 86.61  ? 193 ASN A ND2 1 
ATOM   454 N N   . GLU A 1 67  ? -3.479  -14.578 -4.388  1.00 52.23  ? 194 GLU A N   1 
ATOM   455 C CA  . GLU A 1 67  ? -4.675  -13.894 -4.867  1.00 52.93  ? 194 GLU A CA  1 
ATOM   456 C C   . GLU A 1 67  ? -4.401  -13.016 -6.073  1.00 51.75  ? 194 GLU A C   1 
ATOM   457 O O   . GLU A 1 67  ? -5.341  -12.651 -6.787  1.00 59.04  ? 194 GLU A O   1 
ATOM   458 C CB  . GLU A 1 67  ? -5.291  -13.040 -3.761  1.00 54.66  ? 194 GLU A CB  1 
ATOM   459 C CG  . GLU A 1 67  ? -5.972  -13.824 -2.672  1.00 58.20  ? 194 GLU A CG  1 
ATOM   460 C CD  . GLU A 1 67  ? -6.404  -12.936 -1.539  0.00 49.30  ? 194 GLU A CD  1 
ATOM   461 O OE1 . GLU A 1 67  ? -7.058  -11.905 -1.804  1.00 44.98  ? 194 GLU A OE1 1 
ATOM   462 O OE2 . GLU A 1 67  ? -6.067  -13.259 -0.388  1.00 46.61  ? 194 GLU A OE2 1 
ATOM   463 N N   . TYR A 1 68  ? -3.147  -12.654 -6.311  1.00 50.34  ? 195 TYR A N   1 
ATOM   464 C CA  . TYR A 1 68  ? -2.798  -11.820 -7.449  1.00 46.72  ? 195 TYR A CA  1 
ATOM   465 C C   . TYR A 1 68  ? -2.546  -12.715 -8.651  1.00 56.36  ? 195 TYR A C   1 
ATOM   466 O O   . TYR A 1 68  ? -1.601  -13.512 -8.657  1.00 55.33  ? 195 TYR A O   1 
ATOM   467 C CB  . TYR A 1 68  ? -1.567  -10.970 -7.154  1.00 51.25  ? 195 TYR A CB  1 
ATOM   468 C CG  . TYR A 1 68  ? -1.760  -9.928  -6.079  1.00 41.74  ? 195 TYR A CG  1 
ATOM   469 C CD1 . TYR A 1 68  ? -2.724  -8.931  -6.201  1.00 45.36  ? 195 TYR A CD1 1 
ATOM   470 C CD2 . TYR A 1 68  ? -0.965  -9.933  -4.943  1.00 42.27  ? 195 TYR A CD2 1 
ATOM   471 C CE1 . TYR A 1 68  ? -2.890  -7.970  -5.207  1.00 34.61  ? 195 TYR A CE1 1 
ATOM   472 C CE2 . TYR A 1 68  ? -1.118  -8.983  -3.958  1.00 33.79  ? 195 TYR A CE2 1 
ATOM   473 C CZ  . TYR A 1 68  ? -2.081  -8.006  -4.091  1.00 36.18  ? 195 TYR A CZ  1 
ATOM   474 O OH  . TYR A 1 68  ? -2.240  -7.056  -3.112  1.00 36.80  ? 195 TYR A OH  1 
ATOM   475 N N   . LYS A 1 69  ? -3.321  -12.539 -9.702  1.00 59.41  ? 196 LYS A N   1 
ATOM   476 C CA  . LYS A 1 69  ? -3.090  -13.328 -10.886 1.00 65.52  ? 196 LYS A CA  1 
ATOM   477 C C   . LYS A 1 69  ? -2.336  -12.494 -11.902 1.00 66.92  ? 196 LYS A C   1 
ATOM   478 O O   . LYS A 1 69  ? -2.106  -12.945 -13.017 1.00 72.04  ? 196 LYS A O   1 
ATOM   479 C CB  . LYS A 1 69  ? -4.416  -13.797 -11.470 1.00 71.05  ? 196 LYS A CB  1 
ATOM   480 C CG  . LYS A 1 69  ? -5.070  -14.908 -10.661 1.00 82.32  ? 196 LYS A CG  1 
ATOM   481 C CD  . LYS A 1 69  ? -6.061  -15.692 -11.508 1.00 83.29  ? 196 LYS A CD  1 
ATOM   482 C CE  . LYS A 1 69  ? -5.352  -16.588 -12.511 1.00 86.07  ? 196 LYS A CE  1 
ATOM   483 N NZ  . LYS A 1 69  ? -5.640  -18.027 -12.270 1.00 87.99  ? 196 LYS A NZ  1 
ATOM   484 N N   . SER A 1 70  ? -1.939  -11.282 -11.521 1.00 59.68  ? 197 SER A N   1 
ATOM   485 C CA  . SER A 1 70  ? -1.266  -10.403 -12.461 1.00 57.03  ? 197 SER A CA  1 
ATOM   486 C C   . SER A 1 70  ? -0.499  -9.347  -11.689 1.00 50.86  ? 197 SER A C   1 
ATOM   487 O O   . SER A 1 70  ? -0.811  -9.044  -10.535 1.00 45.85  ? 197 SER A O   1 
ATOM   488 C CB  . SER A 1 70  ? -2.267  -9.720  -13.393 1.00 61.04  ? 197 SER A CB  1 
ATOM   489 O OG  . SER A 1 70  ? -3.423  -9.344  -12.665 1.00 61.89  ? 197 SER A OG  1 
ATOM   490 N N   . VAL A 1 71  ? 0.500   -8.766  -12.353 1.00 43.18  ? 198 VAL A N   1 
ATOM   491 C CA  . VAL A 1 71  ? 1.129   -7.578  -11.791 1.00 40.17  ? 198 VAL A CA  1 
ATOM   492 C C   . VAL A 1 71  ? 0.142   -6.422  -11.768 1.00 44.72  ? 198 VAL A C   1 
ATOM   493 O O   . VAL A 1 71  ? 0.193   -5.569  -10.875 1.00 43.20  ? 198 VAL A O   1 
ATOM   494 C CB  . VAL A 1 71  ? 2.397   -7.212  -12.576 1.00 45.45  ? 198 VAL A CB  1 
ATOM   495 C CG1 . VAL A 1 71  ? 3.137   -6.092  -11.865 1.00 45.57  ? 198 VAL A CG1 1 
ATOM   496 C CG2 . VAL A 1 71  ? 3.275   -8.433  -12.731 1.00 51.11  ? 198 VAL A CG2 1 
ATOM   497 N N   . THR A 1 72  ? -0.780  -6.376  -12.733 1.00 45.35  ? 199 THR A N   1 
ATOM   498 C CA  . THR A 1 72  ? -1.731  -5.272  -12.788 1.00 41.76  ? 199 THR A CA  1 
ATOM   499 C C   . THR A 1 72  ? -2.622  -5.253  -11.553 1.00 42.08  ? 199 THR A C   1 
ATOM   500 O O   . THR A 1 72  ? -2.928  -4.180  -11.023 1.00 38.52  ? 199 THR A O   1 
ATOM   501 C CB  . THR A 1 72  ? -2.568  -5.366  -14.063 1.00 50.05  ? 199 THR A CB  1 
ATOM   502 O OG1 . THR A 1 72  ? -3.099  -6.689  -14.186 1.00 65.07  ? 199 THR A OG1 1 
ATOM   503 C CG2 . THR A 1 72  ? -1.710  -5.059  -15.283 1.00 44.84  ? 199 THR A CG2 1 
ATOM   504 N N   . GLU A 1 73  ? -3.026  -6.432  -11.064 1.00 44.54  ? 200 GLU A N   1 
ATOM   505 C CA  . GLU A 1 73  ? -3.792  -6.499  -9.819  1.00 43.60  ? 200 GLU A CA  1 
ATOM   506 C C   . GLU A 1 73  ? -2.976  -5.995  -8.635  1.00 43.08  ? 200 GLU A C   1 
ATOM   507 O O   . GLU A 1 73  ? -3.490  -5.259  -7.787  1.00 39.50  ? 200 GLU A O   1 
ATOM   508 C CB  . GLU A 1 73  ? -4.260  -7.929  -9.554  1.00 53.01  ? 200 GLU A CB  1 
ATOM   509 C CG  . GLU A 1 73  ? -5.484  -8.357  -10.339 1.00 64.64  ? 200 GLU A CG  1 
ATOM   510 C CD  . GLU A 1 73  ? -5.577  -9.864  -10.483 1.00 75.23  ? 200 GLU A CD  1 
ATOM   511 O OE1 . GLU A 1 73  ? -5.974  -10.338 -11.568 1.00 84.99  ? 200 GLU A OE1 1 
ATOM   512 O OE2 . GLU A 1 73  ? -5.250  -10.574 -9.509  1.00 75.09  ? 200 GLU A OE2 1 
ATOM   513 N N   . PHE A 1 74  ? -1.712  -6.410  -8.548  1.00 38.03  ? 201 PHE A N   1 
ATOM   514 C CA  . PHE A 1 74  ? -0.830  -5.952  -7.479  1.00 31.09  ? 201 PHE A CA  1 
ATOM   515 C C   . PHE A 1 74  ? -0.687  -4.440  -7.510  1.00 32.36  ? 201 PHE A C   1 
ATOM   516 O O   . PHE A 1 74  ? -0.789  -3.771  -6.472  1.00 30.15  ? 201 PHE A O   1 
ATOM   517 C CB  . PHE A 1 74  ? 0.531   -6.636  -7.635  1.00 30.30  ? 201 PHE A CB  1 
ATOM   518 C CG  . PHE A 1 74  ? 1.577   -6.167  -6.661  1.00 29.68  ? 201 PHE A CG  1 
ATOM   519 C CD1 . PHE A 1 74  ? 1.694   -6.754  -5.410  1.00 34.44  ? 201 PHE A CD1 1 
ATOM   520 C CD2 . PHE A 1 74  ? 2.473   -5.164  -7.011  1.00 32.92  ? 201 PHE A CD2 1 
ATOM   521 C CE1 . PHE A 1 74  ? 2.664   -6.331  -4.515  1.00 37.17  ? 201 PHE A CE1 1 
ATOM   522 C CE2 . PHE A 1 74  ? 3.445   -4.739  -6.122  1.00 35.74  ? 201 PHE A CE2 1 
ATOM   523 C CZ  . PHE A 1 74  ? 3.541   -5.327  -4.872  1.00 35.20  ? 201 PHE A CZ  1 
ATOM   524 N N   . LYS A 1 75  ? -0.444  -3.883  -8.702  1.00 32.68  ? 202 LYS A N   1 
ATOM   525 C CA  . LYS A 1 75  ? -0.353  -2.434  -8.836  1.00 33.11  ? 202 LYS A CA  1 
ATOM   526 C C   . LYS A 1 75  ? -1.655  -1.748  -8.440  1.00 31.02  ? 202 LYS A C   1 
ATOM   527 O O   . LYS A 1 75  ? -1.626  -0.653  -7.871  1.00 32.34  ? 202 LYS A O   1 
ATOM   528 C CB  . LYS A 1 75  ? 0.040   -2.063  -10.269 1.00 40.37  ? 202 LYS A CB  1 
ATOM   529 C CG  . LYS A 1 75  ? 1.449   -2.508  -10.641 1.00 53.35  ? 202 LYS A CG  1 
ATOM   530 C CD  . LYS A 1 75  ? 1.859   -2.043  -12.031 1.00 66.92  ? 202 LYS A CD  1 
ATOM   531 C CE  . LYS A 1 75  ? 3.265   -2.531  -12.376 1.00 77.89  ? 202 LYS A CE  1 
ATOM   532 N NZ  . LYS A 1 75  ? 4.326   -1.512  -12.114 1.00 79.05  ? 202 LYS A NZ  1 
ATOM   533 N N   . ALA A 1 76  ? -2.805  -2.369  -8.717  1.00 30.77  ? 203 ALA A N   1 
ATOM   534 C CA  . ALA A 1 76  ? -4.078  -1.767  -8.317  1.00 31.13  ? 203 ALA A CA  1 
ATOM   535 C C   . ALA A 1 76  ? -4.159  -1.605  -6.806  1.00 32.22  ? 203 ALA A C   1 
ATOM   536 O O   . ALA A 1 76  ? -4.636  -0.578  -6.307  1.00 30.51  ? 203 ALA A O   1 
ATOM   537 C CB  . ALA A 1 76  ? -5.244  -2.614  -8.828  1.00 34.34  ? 203 ALA A CB  1 
ATOM   538 N N   . ASP A 1 77  ? -3.698  -2.605  -6.059  1.00 29.42  ? 204 ASP A N   1 
ATOM   539 C CA  . ASP A 1 77  ? -3.728  -2.521  -4.600  1.00 26.94  ? 204 ASP A CA  1 
ATOM   540 C C   . ASP A 1 77  ? -2.744  -1.480  -4.084  1.00 28.72  ? 204 ASP A C   1 
ATOM   541 O O   . ASP A 1 77  ? -3.049  -0.741  -3.139  1.00 24.75  ? 204 ASP A O   1 
ATOM   542 C CB  . ASP A 1 77  ? -3.413  -3.884  -3.990  1.00 31.54  ? 204 ASP A CB  1 
ATOM   543 C CG  . ASP A 1 77  ? -4.653  -4.673  -3.643  1.00 32.93  ? 204 ASP A CG  1 
ATOM   544 O OD1 . ASP A 1 77  ? -5.771  -4.119  -3.729  1.00 40.54  ? 204 ASP A OD1 1 
ATOM   545 O OD2 . ASP A 1 77  ? -4.494  -5.853  -3.279  1.00 38.01  ? 204 ASP A OD2 1 
ATOM   546 N N   . PHE A 1 78  ? -1.560  -1.408  -4.691  1.00 27.49  ? 205 PHE A N   1 
ATOM   547 C CA  . PHE A 1 78  ? -0.598  -0.377  -4.320  1.00 28.15  ? 205 PHE A CA  1 
ATOM   548 C C   . PHE A 1 78  ? -1.174  1.016   -4.560  1.00 28.22  ? 205 PHE A C   1 
ATOM   549 O O   . PHE A 1 78  ? -1.076  1.903   -3.699  1.00 24.82  ? 205 PHE A O   1 
ATOM   550 C CB  . PHE A 1 78  ? 0.689   -0.571  -5.119  1.00 31.54  ? 205 PHE A CB  1 
ATOM   551 C CG  . PHE A 1 78  ? 1.700   0.505   -4.903  1.00 32.50  ? 205 PHE A CG  1 
ATOM   552 C CD1 . PHE A 1 78  ? 2.247   0.709   -3.647  1.00 33.69  ? 205 PHE A CD1 1 
ATOM   553 C CD2 . PHE A 1 78  ? 2.094   1.319   -5.944  1.00 32.97  ? 205 PHE A CD2 1 
ATOM   554 C CE1 . PHE A 1 78  ? 3.188   1.698   -3.437  1.00 37.85  ? 205 PHE A CE1 1 
ATOM   555 C CE2 . PHE A 1 78  ? 3.035   2.313   -5.744  1.00 34.63  ? 205 PHE A CE2 1 
ATOM   556 C CZ  . PHE A 1 78  ? 3.585   2.500   -4.492  1.00 33.40  ? 205 PHE A CZ  1 
ATOM   557 N N   . LYS A 1 79  ? -1.774  1.226   -5.731  1.00 28.67  ? 206 LYS A N   1 
ATOM   558 C CA  . LYS A 1 79  ? -2.380  2.519   -6.021  1.00 26.44  ? 206 LYS A CA  1 
ATOM   559 C C   . LYS A 1 79  ? -3.506  2.821   -5.038  1.00 26.87  ? 206 LYS A C   1 
ATOM   560 O O   . LYS A 1 79  ? -3.638  3.957   -4.575  1.00 26.41  ? 206 LYS A O   1 
ATOM   561 C CB  . LYS A 1 79  ? -2.884  2.560   -7.462  1.00 29.93  ? 206 LYS A CB  1 
ATOM   562 C CG  . LYS A 1 79  ? -3.555  3.897   -7.825  1.00 31.03  ? 206 LYS A CG  1 
ATOM   563 C CD  . LYS A 1 79  ? -3.819  4.027   -9.318  1.00 42.27  ? 206 LYS A CD  1 
ATOM   564 C CE  . LYS A 1 79  ? -4.412  5.398   -9.651  1.00 44.39  ? 206 LYS A CE  1 
ATOM   565 N NZ  . LYS A 1 79  ? -5.780  5.571   -9.099  1.00 48.31  ? 206 LYS A NZ  1 
ATOM   566 N N   . LEU A 1 80  ? -4.318  1.812   -4.700  1.00 27.44  ? 207 LEU A N   1 
ATOM   567 C CA  . LEU A 1 80  ? -5.387  1.990   -3.716  1.00 24.29  ? 207 LEU A CA  1 
ATOM   568 C C   . LEU A 1 80  ? -4.834  2.466   -2.381  1.00 26.38  ? 207 LEU A C   1 
ATOM   569 O O   . LEU A 1 80  ? -5.366  3.401   -1.755  1.00 24.00  ? 207 LEU A O   1 
ATOM   570 C CB  . LEU A 1 80  ? -6.139  0.668   -3.548  1.00 28.06  ? 207 LEU A CB  1 
ATOM   571 C CG  . LEU A 1 80  ? -7.177  0.583   -2.429  1.00 26.21  ? 207 LEU A CG  1 
ATOM   572 C CD1 . LEU A 1 80  ? -8.287  1.597   -2.669  1.00 27.79  ? 207 LEU A CD1 1 
ATOM   573 C CD2 . LEU A 1 80  ? -7.754  -0.817  -2.337  1.00 24.81  ? 207 LEU A CD2 1 
ATOM   574 N N   . MET A 1 81  ? -3.774  1.800   -1.915  1.00 23.12  ? 208 MET A N   1 
ATOM   575 C CA  . MET A 1 81  ? -3.110  2.194   -0.678  1.00 21.67  ? 208 MET A CA  1 
ATOM   576 C C   . MET A 1 81  ? -2.706  3.665   -0.733  1.00 22.76  ? 208 MET A C   1 
ATOM   577 O O   . MET A 1 81  ? -2.960  4.434   0.210   1.00 22.51  ? 208 MET A O   1 
ATOM   578 C CB  . MET A 1 81  ? -1.888  1.296   -0.455  1.00 23.57  ? 208 MET A CB  1 
ATOM   579 C CG  . MET A 1 81  ? -1.236  1.452   0.874   1.00 25.14  ? 208 MET A CG  1 
ATOM   580 S SD  . MET A 1 81  ? 0.266   0.479   0.875   1.00 28.50  ? 208 MET A SD  1 
ATOM   581 C CE  . MET A 1 81  ? 1.288   1.490   -0.184  1.00 34.92  ? 208 MET A CE  1 
ATOM   582 N N   . CYS A 1 82  ? -2.082  4.074   -1.839  1.00 23.40  ? 209 CYS A N   1 
ATOM   583 C CA  . CYS A 1 82  ? -1.596  5.441   -1.938  1.00 24.58  ? 209 CYS A CA  1 
ATOM   584 C C   . CYS A 1 82  ? -2.742  6.427   -2.052  1.00 25.63  ? 209 CYS A C   1 
ATOM   585 O O   . CYS A 1 82  ? -2.714  7.490   -1.420  1.00 25.30  ? 209 CYS A O   1 
ATOM   586 C CB  . CYS A 1 82  ? -0.648  5.565   -3.123  1.00 23.22  ? 209 CYS A CB  1 
ATOM   587 S SG  . CYS A 1 82  ? 0.890   4.623   -2.877  1.00 26.73  ? 209 CYS A SG  1 
ATOM   588 N N   . ASP A 1 83  ? -3.771  6.086   -2.830  1.00 24.21  ? 210 ASP A N   1 
ATOM   589 C CA  . ASP A 1 83  ? -4.915  6.985   -2.968  1.00 25.41  ? 210 ASP A CA  1 
ATOM   590 C C   . ASP A 1 83  ? -5.635  7.158   -1.641  1.00 26.47  ? 210 ASP A C   1 
ATOM   591 O O   . ASP A 1 83  ? -6.087  8.260   -1.301  1.00 25.58  ? 210 ASP A O   1 
ATOM   592 C CB  . ASP A 1 83  ? -5.900  6.455   -4.000  1.00 24.22  ? 210 ASP A CB  1 
ATOM   593 C CG  . ASP A 1 83  ? -5.393  6.583   -5.427  1.00 31.38  ? 210 ASP A CG  1 
ATOM   594 O OD1 . ASP A 1 83  ? -4.443  7.362   -5.670  1.00 33.83  ? 210 ASP A OD1 1 
ATOM   595 O OD2 . ASP A 1 83  ? -5.960  5.903   -6.303  1.00 33.68  ? 210 ASP A OD2 1 
ATOM   596 N N   . ASN A 1 84  ? -5.783  6.069   -0.886  1.00 21.77  ? 211 ASN A N   1 
ATOM   597 C CA  . ASN A 1 84  ? -6.424  6.169   0.425   1.00 21.66  ? 211 ASN A CA  1 
ATOM   598 C C   . ASN A 1 84  ? -5.680  7.144   1.330   1.00 21.32  ? 211 ASN A C   1 
ATOM   599 O O   . ASN A 1 84  ? -6.300  8.002   1.982   1.00 21.18  ? 211 ASN A O   1 
ATOM   600 C CB  . ASN A 1 84  ? -6.473  4.791   1.086   1.00 22.24  ? 211 ASN A CB  1 
ATOM   601 C CG  . ASN A 1 84  ? -7.483  3.865   0.459   1.00 23.12  ? 211 ASN A CG  1 
ATOM   602 O OD1 . ASN A 1 84  ? -8.404  4.290   -0.247  1.00 25.85  ? 211 ASN A OD1 1 
ATOM   603 N ND2 . ASN A 1 84  ? -7.329  2.570   0.736   1.00 23.65  ? 211 ASN A ND2 1 
ATOM   604 N N   . ALA A 1 85  ? -4.349  7.030   1.385   1.00 20.99  ? 212 ALA A N   1 
ATOM   605 C CA  . ALA A 1 85  ? -3.554  7.914   2.238   1.00 20.64  ? 212 ALA A CA  1 
ATOM   606 C C   . ALA A 1 85  ? -3.653  9.362   1.778   1.00 23.50  ? 212 ALA A C   1 
ATOM   607 O O   . ALA A 1 85  ? -3.647  10.280  2.615   1.00 23.10  ? 212 ALA A O   1 
ATOM   608 C CB  . ALA A 1 85  ? -2.090  7.470   2.245   1.00 21.98  ? 212 ALA A CB  1 
ATOM   609 N N   . MET A 1 86  ? -3.759  9.592   0.462   1.00 23.69  ? 213 MET A N   1 
ATOM   610 C CA  . MET A 1 86  ? -3.875  10.949  -0.057  1.00 23.68  ? 213 MET A CA  1 
ATOM   611 C C   . MET A 1 86  ? -5.292  11.482  0.022   1.00 22.96  ? 213 MET A C   1 
ATOM   612 O O   . MET A 1 86  ? -5.538  12.618  -0.404  1.00 26.49  ? 213 MET A O   1 
ATOM   613 C CB  . MET A 1 86  ? -3.366  10.997  -1.498  1.00 26.10  ? 213 MET A CB  1 
ATOM   614 C CG  . MET A 1 86  ? -1.865  10.795  -1.553  1.00 26.74  ? 213 MET A CG  1 
ATOM   615 S SD  . MET A 1 86  ? -1.232  10.776  -3.240  1.00 32.76  ? 213 MET A SD  1 
ATOM   616 C CE  . MET A 1 86  ? -1.687  12.407  -3.756  1.00 36.08  ? 213 MET A CE  1 
ATOM   617 N N   . THR A 1 87  ? -6.239  10.684  0.511   1.00 22.95  ? 214 THR A N   1 
ATOM   618 C CA  . THR A 1 87  ? -7.616  11.107  0.727   1.00 22.88  ? 214 THR A CA  1 
ATOM   619 C C   . THR A 1 87  ? -7.872  11.434  2.192   1.00 22.26  ? 214 THR A C   1 
ATOM   620 O O   . THR A 1 87  ? -8.462  12.472  2.510   1.00 24.37  ? 214 THR A O   1 
ATOM   621 C CB  . THR A 1 87  ? -8.579  10.011  0.251   1.00 23.57  ? 214 THR A CB  1 
ATOM   622 O OG1 . THR A 1 87  ? -8.410  9.812   -1.164  1.00 28.61  ? 214 THR A OG1 1 
ATOM   623 C CG2 . THR A 1 87  ? -10.033 10.406  0.530   1.00 24.03  ? 214 THR A CG2 1 
ATOM   624 N N   . TYR A 1 88  ? -7.424  10.561  3.096   1.00 21.14  ? 215 TYR A N   1 
ATOM   625 C CA  . TYR A 1 88  ? -7.667  10.765  4.518   1.00 19.44  ? 215 TYR A CA  1 
ATOM   626 C C   . TYR A 1 88  ? -6.800  11.891  5.081   1.00 21.83  ? 215 TYR A C   1 
ATOM   627 O O   . TYR A 1 88  ? -7.248  12.643  5.958   1.00 21.26  ? 215 TYR A O   1 
ATOM   628 C CB  . TYR A 1 88  ? -7.417  9.456   5.291   1.00 20.54  ? 215 TYR A CB  1 
ATOM   629 C CG  . TYR A 1 88  ? -7.622  9.661   6.767   1.00 20.38  ? 215 TYR A CG  1 
ATOM   630 C CD1 . TYR A 1 88  ? -8.883  9.542   7.341   1.00 20.21  ? 215 TYR A CD1 1 
ATOM   631 C CD2 . TYR A 1 88  ? -6.549  10.008  7.601   1.00 20.89  ? 215 TYR A CD2 1 
ATOM   632 C CE1 . TYR A 1 88  ? -9.083  9.780   8.698   1.00 19.79  ? 215 TYR A CE1 1 
ATOM   633 C CE2 . TYR A 1 88  ? -6.740  10.254  8.951   1.00 19.84  ? 215 TYR A CE2 1 
ATOM   634 C CZ  . TYR A 1 88  ? -8.001  10.121  9.502   1.00 19.98  ? 215 TYR A CZ  1 
ATOM   635 O OH  . TYR A 1 88  ? -8.210  10.363  10.825  1.00 22.78  ? 215 TYR A OH  1 
ATOM   636 N N   . ASN A 1 89  ? -5.550  12.005  4.613   1.00 21.97  ? 216 ASN A N   1 
ATOM   637 C CA  . ASN A 1 89  ? -4.569  12.925  5.180   1.00 20.48  ? 216 ASN A CA  1 
ATOM   638 C C   . ASN A 1 89  ? -4.498  14.199  4.355   1.00 22.01  ? 216 ASN A C   1 
ATOM   639 O O   . ASN A 1 89  ? -4.571  14.153  3.121   1.00 24.32  ? 216 ASN A O   1 
ATOM   640 C CB  . ASN A 1 89  ? -3.179  12.282  5.219   1.00 21.06  ? 216 ASN A CB  1 
ATOM   641 C CG  . ASN A 1 89  ? -3.161  10.986  6.004   1.00 21.52  ? 216 ASN A CG  1 
ATOM   642 O OD1 . ASN A 1 89  ? -3.119  9.882   5.420   1.00 23.76  ? 216 ASN A OD1 1 
ATOM   643 N ND2 . ASN A 1 89  ? -3.204  11.098  7.314   1.00 18.98  ? 216 ASN A ND2 1 
ATOM   644 N N   . ARG A 1 90  ? -4.344  15.337  5.042   1.00 23.35  ? 217 ARG A N   1 
ATOM   645 C CA  . ARG A 1 90  ? -4.217  16.613  4.357   1.00 23.02  ? 217 ARG A CA  1 
ATOM   646 C C   . ARG A 1 90  ? -2.898  16.665  3.587   1.00 24.40  ? 217 ARG A C   1 
ATOM   647 O O   . ARG A 1 90  ? -1.934  15.989  3.962   1.00 23.79  ? 217 ARG A O   1 
ATOM   648 C CB  . ARG A 1 90  ? -4.270  17.757  5.368   1.00 26.75  ? 217 ARG A CB  1 
ATOM   649 C CG  . ARG A 1 90  ? -5.681  18.171  5.760   1.00 32.46  ? 217 ARG A CG  1 
ATOM   650 C CD  . ARG A 1 90  ? -5.663  19.200  6.873   1.00 50.70  ? 217 ARG A CD  1 
ATOM   651 N NE  . ARG A 1 90  ? -5.131  18.646  8.115   1.00 54.90  ? 217 ARG A NE  1 
ATOM   652 C CZ  . ARG A 1 90  ? -4.982  19.337  9.243   1.00 63.21  ? 217 ARG A CZ  1 
ATOM   653 N NH1 . ARG A 1 90  ? -4.494  18.745  10.322  1.00 65.23  ? 217 ARG A NH1 1 
ATOM   654 N NH2 . ARG A 1 90  ? -5.311  20.620  9.288   1.00 64.55  ? 217 ARG A NH2 1 
ATOM   655 N N   . PRO A 1 91  ? -2.828  17.461  2.514   1.00 25.47  ? 218 PRO A N   1 
ATOM   656 C CA  . PRO A 1 91  ? -1.581  17.514  1.726   1.00 24.53  ? 218 PRO A CA  1 
ATOM   657 C C   . PRO A 1 91  ? -0.334  17.807  2.546   1.00 28.19  ? 218 PRO A C   1 
ATOM   658 O O   . PRO A 1 91  ? 0.716   17.214  2.271   1.00 30.80  ? 218 PRO A O   1 
ATOM   659 C CB  . PRO A 1 91  ? -1.876  18.615  0.699   1.00 27.21  ? 218 PRO A CB  1 
ATOM   660 C CG  . PRO A 1 91  ? -3.362  18.496  0.488   1.00 29.38  ? 218 PRO A CG  1 
ATOM   661 C CD  . PRO A 1 91  ? -3.925  18.195  1.861   1.00 26.28  ? 218 PRO A CD  1 
ATOM   662 N N   . ASP A 1 92  ? -0.412  18.681  3.548   1.00 27.27  ? 219 ASP A N   1 
ATOM   663 C CA  . ASP A 1 92  ? 0.759   19.014  4.365   1.00 28.61  ? 219 ASP A CA  1 
ATOM   664 C C   . ASP A 1 92  ? 0.886   18.070  5.562   1.00 29.37  ? 219 ASP A C   1 
ATOM   665 O O   . ASP A 1 92  ? 0.866   18.481  6.723   0.41 29.67  ? 219 ASP A O   1 
ATOM   666 C CB  . ASP A 1 92  ? 0.698   20.460  4.829   1.00 33.26  ? 219 ASP A CB  1 
ATOM   667 C CG  . ASP A 1 92  ? 2.041   20.953  5.326   1.00 39.06  ? 219 ASP A CG  1 
ATOM   668 O OD1 . ASP A 1 92  ? 3.060   20.322  4.965   1.00 51.39  ? 219 ASP A OD1 1 
ATOM   669 O OD2 . ASP A 1 92  ? 2.083   21.940  6.082   0.61 38.95  ? 219 ASP A OD2 1 
ATOM   670 N N   . THR A 1 93  ? 1.011   16.784  5.262   1.00 25.73  ? 220 THR A N   1 
ATOM   671 C CA  . THR A 1 93  ? 1.293   15.781  6.280   1.00 23.87  ? 220 THR A CA  1 
ATOM   672 C C   . THR A 1 93  ? 2.334   14.814  5.744   1.00 27.26  ? 220 THR A C   1 
ATOM   673 O O   . THR A 1 93  ? 2.477   14.639  4.530   1.00 25.57  ? 220 THR A O   1 
ATOM   674 C CB  . THR A 1 93  ? 0.056   14.963  6.694   1.00 24.69  ? 220 THR A CB  1 
ATOM   675 O OG1 . THR A 1 93  ? -0.459  14.258  5.560   1.00 24.60  ? 220 THR A OG1 1 
ATOM   676 C CG2 . THR A 1 93  ? -1.021  15.849  7.298   1.00 26.25  ? 220 THR A CG2 1 
ATOM   677 N N   . VAL A 1 94  ? 3.036   14.146  6.668   1.00 28.28  ? 221 VAL A N   1 
ATOM   678 C CA  . VAL A 1 94  ? 4.045   13.175  6.246   1.00 29.54  ? 221 VAL A CA  1 
ATOM   679 C C   . VAL A 1 94  ? 3.392   12.035  5.474   1.00 28.51  ? 221 VAL A C   1 
ATOM   680 O O   . VAL A 1 94  ? 3.976   11.502  4.521   1.00 29.21  ? 221 VAL A O   1 
ATOM   681 C CB  . VAL A 1 94  ? 4.859   12.658  7.455   1.00 33.14  ? 221 VAL A CB  1 
ATOM   682 C CG1 . VAL A 1 94  ? 5.627   13.792  8.114   1.00 36.98  ? 221 VAL A CG1 1 
ATOM   683 C CG2 . VAL A 1 94  ? 3.955   11.987  8.461   1.00 32.54  ? 221 VAL A CG2 1 
ATOM   684 N N   . TYR A 1 95  ? 2.160   11.674  5.828   1.00 27.14  ? 222 TYR A N   1 
ATOM   685 C CA  . TYR A 1 95  ? 1.521   10.520  5.201   1.00 26.51  ? 222 TYR A CA  1 
ATOM   686 C C   . TYR A 1 95  ? 1.102   10.822  3.778   1.00 25.97  ? 222 TYR A C   1 
ATOM   687 O O   . TYR A 1 95  ? 1.329   10.012  2.876   1.00 26.26  ? 222 TYR A O   1 
ATOM   688 C CB  . TYR A 1 95  ? 0.333   10.065  6.046   1.00 25.92  ? 222 TYR A CB  1 
ATOM   689 C CG  . TYR A 1 95  ? 0.771   9.871   7.458   1.00 27.07  ? 222 TYR A CG  1 
ATOM   690 C CD1 . TYR A 1 95  ? 1.603   8.824   7.783   1.00 30.09  ? 222 TYR A CD1 1 
ATOM   691 C CD2 . TYR A 1 95  ? 0.427   10.780  8.454   1.00 30.16  ? 222 TYR A CD2 1 
ATOM   692 C CE1 . TYR A 1 95  ? 2.054   8.655   9.045   1.00 32.85  ? 222 TYR A CE1 1 
ATOM   693 C CE2 . TYR A 1 95  ? 0.874   10.612  9.745   1.00 32.60  ? 222 TYR A CE2 1 
ATOM   694 C CZ  . TYR A 1 95  ? 1.690   9.544   10.027  1.00 30.36  ? 222 TYR A CZ  1 
ATOM   695 O OH  . TYR A 1 95  ? 2.182   9.306   11.298  1.00 38.53  ? 222 TYR A OH  1 
ATOM   696 N N   . TYR A 1 96  ? 0.504   11.992  3.545   1.00 25.56  ? 223 TYR A N   1 
ATOM   697 C CA  . TYR A 1 96  ? 0.167   12.375  2.184   1.00 25.79  ? 223 TYR A CA  1 
ATOM   698 C C   . TYR A 1 96  ? 1.424   12.473  1.338   1.00 27.26  ? 223 TYR A C   1 
ATOM   699 O O   . TYR A 1 96  ? 1.479   11.966  0.210   1.00 27.89  ? 223 TYR A O   1 
ATOM   700 C CB  . TYR A 1 96  ? -0.589  13.703  2.208   1.00 25.65  ? 223 TYR A CB  1 
ATOM   701 C CG  . TYR A 1 96  ? -1.024  14.216  0.851   1.00 26.54  ? 223 TYR A CG  1 
ATOM   702 C CD1 . TYR A 1 96  ? -0.113  14.788  -0.032  1.00 28.15  ? 223 TYR A CD1 1 
ATOM   703 C CD2 . TYR A 1 96  ? -2.347  14.163  0.470   1.00 26.38  ? 223 TYR A CD2 1 
ATOM   704 C CE1 . TYR A 1 96  ? -0.512  15.265  -1.260  1.00 29.60  ? 223 TYR A CE1 1 
ATOM   705 C CE2 . TYR A 1 96  ? -2.759  14.628  -0.757  1.00 27.78  ? 223 TYR A CE2 1 
ATOM   706 C CZ  . TYR A 1 96  ? -1.836  15.197  -1.625  1.00 29.42  ? 223 TYR A CZ  1 
ATOM   707 O OH  . TYR A 1 96  ? -2.224  15.684  -2.864  1.00 32.18  ? 223 TYR A OH  1 
ATOM   708 N N   . LYS A 1 97  ? 2.450   13.128  1.873   1.00 28.21  ? 224 LYS A N   1 
ATOM   709 C CA  . LYS A 1 97  ? 3.654   13.365  1.094   1.00 30.30  ? 224 LYS A CA  1 
ATOM   710 C C   . LYS A 1 97  ? 4.348   12.063  0.727   1.00 31.02  ? 224 LYS A C   1 
ATOM   711 O O   . LYS A 1 97  ? 4.830   11.909  -0.403  1.00 32.54  ? 224 LYS A O   1 
ATOM   712 C CB  . LYS A 1 97  ? 4.606   14.282  1.860   1.00 31.59  ? 224 LYS A CB  1 
ATOM   713 C CG  . LYS A 1 97  ? 4.107   15.720  1.961   1.00 31.47  ? 224 LYS A CG  1 
ATOM   714 C CD  . LYS A 1 97  ? 4.980   16.550  2.879   1.00 33.30  ? 224 LYS A CD  1 
ATOM   715 C CE  . LYS A 1 97  ? 4.489   17.986  2.969   1.00 42.82  ? 224 LYS A CE  1 
ATOM   716 N NZ  . LYS A 1 97  ? 4.394   18.453  4.378   0.00 41.08  ? 224 LYS A NZ  1 
ATOM   717 N N   . LEU A 1 98  ? 4.423   11.112  1.663   1.00 30.36  ? 225 LEU A N   1 
ATOM   718 C CA  . LEU A 1 98  ? 5.133   9.884   1.332   1.00 31.36  ? 225 LEU A CA  1 
ATOM   719 C C   . LEU A 1 98  ? 4.301   9.016   0.401   1.00 30.36  ? 225 LEU A C   1 
ATOM   720 O O   . LEU A 1 98  ? 4.847   8.355   -0.490  1.00 31.52  ? 225 LEU A O   1 
ATOM   721 C CB  . LEU A 1 98  ? 5.516   9.110   2.593   1.00 31.62  ? 225 LEU A CB  1 
ATOM   722 C CG  . LEU A 1 98  ? 6.445   7.930   2.276   1.00 33.31  ? 225 LEU A CG  1 
ATOM   723 C CD1 . LEU A 1 98  ? 7.753   8.425   1.659   1.00 36.56  ? 225 LEU A CD1 1 
ATOM   724 C CD2 . LEU A 1 98  ? 6.706   7.104   3.514   1.00 39.15  ? 225 LEU A CD2 1 
ATOM   725 N N   . ALA A 1 99  ? 2.979   9.006   0.589   1.00 28.55  ? 226 ALA A N   1 
ATOM   726 C CA  . ALA A 1 99  ? 2.116   8.278   -0.328  1.00 27.98  ? 226 ALA A CA  1 
ATOM   727 C C   . ALA A 1 99  ? 2.284   8.788   -1.752  1.00 29.23  ? 226 ALA A C   1 
ATOM   728 O O   . ALA A 1 99  ? 2.360   7.993   -2.698  1.00 30.36  ? 226 ALA A O   1 
ATOM   729 C CB  . ALA A 1 99  ? 0.663   8.404   0.104   1.00 26.53  ? 226 ALA A CB  1 
ATOM   730 N N   . LYS A 1 100 ? 2.343   10.114  -1.925  1.00 29.89  ? 227 LYS A N   1 
ATOM   731 C CA  . LYS A 1 100 ? 2.523   10.689  -3.254  1.00 31.82  ? 227 LYS A CA  1 
ATOM   732 C C   . LYS A 1 100 ? 3.862   10.281  -3.842  1.00 33.98  ? 227 LYS A C   1 
ATOM   733 O O   . LYS A 1 100 ? 3.945   9.887   -5.012  1.00 35.48  ? 227 LYS A O   1 
ATOM   734 C CB  . LYS A 1 100 ? 2.410   12.209  -3.175  1.00 32.50  ? 227 LYS A CB  1 
ATOM   735 C CG  . LYS A 1 100 ? 2.492   12.906  -4.519  1.00 40.14  ? 227 LYS A CG  1 
ATOM   736 C CD  . LYS A 1 100 ? 2.357   14.423  -4.368  1.00 40.18  ? 227 LYS A CD  1 
ATOM   737 C CE  . LYS A 1 100 ? 2.957   15.170  -5.557  1.00 56.61  ? 227 LYS A CE  1 
ATOM   738 N NZ  . LYS A 1 100 ? 4.417   14.898  -5.734  1.00 64.87  ? 227 LYS A NZ  1 
ATOM   739 N N   . LYS A 1 101 ? 4.923   10.349  -3.040  1.00 34.58  ? 228 LYS A N   1 
ATOM   740 C CA  . LYS A 1 101 ? 6.248   10.058  -3.569  1.00 38.41  ? 228 LYS A CA  1 
ATOM   741 C C   . LYS A 1 101 ? 6.383   8.591   -3.946  1.00 39.02  ? 228 LYS A C   1 
ATOM   742 O O   . LYS A 1 101 ? 6.953   8.268   -4.993  1.00 41.00  ? 228 LYS A O   1 
ATOM   743 C CB  . LYS A 1 101 ? 7.319   10.459  -2.557  1.00 42.51  ? 228 LYS A CB  1 
ATOM   744 C CG  . LYS A 1 101 ? 8.719   10.318  -3.104  1.00 51.58  ? 228 LYS A CG  1 
ATOM   745 C CD  . LYS A 1 101 ? 9.727   11.112  -2.297  1.00 65.83  ? 228 LYS A CD  1 
ATOM   746 C CE  . LYS A 1 101 ? 9.635   10.776  -0.825  0.00 66.93  ? 228 LYS A CE  1 
ATOM   747 N NZ  . LYS A 1 101 ? 10.862  10.076  -0.344  1.00 76.80  ? 228 LYS A NZ  1 
ATOM   748 N N   . ILE A 1 102 ? 5.870   7.684   -3.113  1.00 35.03  ? 229 ILE A N   1 
ATOM   749 C CA  . ILE A 1 102 ? 6.042   6.272   -3.437  1.00 38.57  ? 229 ILE A CA  1 
ATOM   750 C C   . ILE A 1 102 ? 5.054   5.811   -4.510  1.00 39.60  ? 229 ILE A C   1 
ATOM   751 O O   . ILE A 1 102 ? 5.353   4.879   -5.265  1.00 37.39  ? 229 ILE A O   1 
ATOM   752 C CB  . ILE A 1 102 ? 5.967   5.396   -2.173  1.00 44.79  ? 229 ILE A CB  1 
ATOM   753 C CG1 . ILE A 1 102 ? 4.536   5.233   -1.670  1.00 39.55  ? 229 ILE A CG1 1 
ATOM   754 C CG2 . ILE A 1 102 ? 6.888   5.950   -1.086  1.00 41.75  ? 229 ILE A CG2 1 
ATOM   755 C CD1 . ILE A 1 102 ? 4.457   4.372   -0.427  1.00 44.82  ? 229 ILE A CD1 1 
ATOM   756 N N   . LEU A 1 103 ? 3.889   6.449   -4.633  1.00 33.22  ? 230 LEU A N   1 
ATOM   757 C CA  . LEU A 1 103 ? 3.024   6.132   -5.764  1.00 33.44  ? 230 LEU A CA  1 
ATOM   758 C C   . LEU A 1 103 ? 3.747   6.375   -7.078  1.00 38.66  ? 230 LEU A C   1 
ATOM   759 O O   . LEU A 1 103 ? 3.758   5.516   -7.970  1.00 37.73  ? 230 LEU A O   1 
ATOM   760 C CB  . LEU A 1 103 ? 1.748   6.964   -5.710  1.00 32.43  ? 230 LEU A CB  1 
ATOM   761 C CG  . LEU A 1 103 ? 0.806   6.805   -6.900  1.00 33.35  ? 230 LEU A CG  1 
ATOM   762 C CD1 . LEU A 1 103 ? 0.335   5.368   -7.051  1.00 36.87  ? 230 LEU A CD1 1 
ATOM   763 C CD2 . LEU A 1 103 ? -0.372  7.756   -6.749  1.00 36.05  ? 230 LEU A CD2 1 
ATOM   764 N N   . HIS A 1 104 ? 4.380   7.529   -7.192  1.00 39.96  ? 231 HIS A N   1 
ATOM   765 C CA  . HIS A 1 104 ? 5.111   7.879   -8.396  1.00 48.09  ? 231 HIS A CA  1 
ATOM   766 C C   . HIS A 1 104 ? 6.323   6.977   -8.609  1.00 44.13  ? 231 HIS A C   1 
ATOM   767 O O   . HIS A 1 104 ? 6.609   6.569   -9.719  1.00 47.11  ? 231 HIS A O   1 
ATOM   768 C CB  . HIS A 1 104 ? 5.533   9.346   -8.322  1.00 47.28  ? 231 HIS A CB  1 
ATOM   769 C CG  . HIS A 1 104 ? 6.233   9.848   -9.547  1.00 64.67  ? 231 HIS A CG  1 
ATOM   770 N ND1 . HIS A 1 104 ? 7.057   9.057   -10.313 1.00 76.41  ? 231 HIS A ND1 1 
ATOM   771 C CD2 . HIS A 1 104 ? 6.242   11.072  -10.126 1.00 74.36  ? 231 HIS A CD2 1 
ATOM   772 C CE1 . HIS A 1 104 ? 7.540   9.768   -11.316 1.00 76.30  ? 231 HIS A CE1 1 
ATOM   773 N NE2 . HIS A 1 104 ? 7.060   10.994  -11.225 1.00 78.17  ? 231 HIS A NE2 1 
ATOM   774 N N   . ALA A 1 105 ? 7.034   6.651   -7.544  1.00 42.44  ? 232 ALA A N   1 
ATOM   775 C CA  . ALA A 1 105 ? 8.224   5.821   -7.688  1.00 46.99  ? 232 ALA A CA  1 
ATOM   776 C C   . ALA A 1 105 ? 7.856   4.368   -7.968  1.00 43.45  ? 232 ALA A C   1 
ATOM   777 O O   . ALA A 1 105 ? 8.557   3.678   -8.721  1.00 46.59  ? 232 ALA A O   1 
ATOM   778 C CB  . ALA A 1 105 ? 9.096   5.939   -6.442  1.00 52.42  ? 232 ALA A CB  1 
ATOM   779 N N   . GLY A 1 106 ? 6.755   3.892   -7.389  1.00 43.23  ? 233 GLY A N   1 
ATOM   780 C CA  . GLY A 1 106 ? 6.286   2.553   -7.702  1.00 43.40  ? 233 GLY A CA  1 
ATOM   781 C C   . GLY A 1 106 ? 5.838   2.402   -9.143  1.00 54.86  ? 233 GLY A C   1 
ATOM   782 O O   . GLY A 1 106 ? 6.044   1.352   -9.758  1.00 53.96  ? 233 GLY A O   1 
ATOM   783 N N   . PHE A 1 107 ? 5.222   3.447   -9.703  1.00 52.47  ? 234 PHE A N   1 
ATOM   784 C CA  . PHE A 1 107 ? 4.786   3.384   -11.095 1.00 63.29  ? 234 PHE A CA  1 
ATOM   785 C C   . PHE A 1 107 ? 5.962   3.199   -12.045 1.00 66.65  ? 234 PHE A C   1 
ATOM   786 O O   . PHE A 1 107 ? 5.797   2.627   -13.129 1.00 72.00  ? 234 PHE A O   1 
ATOM   787 C CB  . PHE A 1 107 ? 4.000   4.644   -11.459 1.00 72.12  ? 234 PHE A CB  1 
ATOM   788 C CG  . PHE A 1 107 ? 2.508   4.481   -11.353 1.00 85.34  ? 234 PHE A CG  1 
ATOM   789 C CD1 . PHE A 1 107 ? 1.652   5.352   -12.014 1.00 91.89  ? 234 PHE A CD1 1 
ATOM   790 C CD2 . PHE A 1 107 ? 1.961   3.457   -10.594 1.00 87.07  ? 234 PHE A CD2 1 
ATOM   791 C CE1 . PHE A 1 107 ? 0.279   5.205   -11.916 1.00 92.68  ? 234 PHE A CE1 1 
ATOM   792 C CE2 . PHE A 1 107 ? 0.590   3.305   -10.492 1.00 87.98  ? 234 PHE A CE2 1 
ATOM   793 C CZ  . PHE A 1 107 ? -0.252  4.179   -11.155 1.00 90.97  ? 234 PHE A CZ  1 
ATOM   794 N N   . LYS A 1 108 ? 7.144   3.647   -11.637 1.00 71.15  ? 235 LYS A N   1 
ATOM   795 C CA  . LYS A 1 108 ? 8.337   3.495   -12.463 1.00 76.68  ? 235 LYS A CA  1 
ATOM   796 C C   . LYS A 1 108 ? 8.621   2.016   -12.718 1.00 83.59  ? 235 LYS A C   1 
ATOM   797 O O   . LYS A 1 108 ? 8.613   1.559   -13.862 1.00 86.34  ? 235 LYS A O   1 
ATOM   798 C CB  . LYS A 1 108 ? 9.543   4.157   -11.793 1.00 79.46  ? 235 LYS A CB  1 
ATOM   799 C CG  . LYS A 1 108 ? 9.482   5.676   -11.766 1.00 84.13  ? 235 LYS A CG  1 
ATOM   800 C CD  . LYS A 1 108 ? 10.866  6.281   -11.592 1.00 95.06  ? 235 LYS A CD  1 
ATOM   801 C CE  . LYS A 1 108 ? 10.827  7.495   -10.679 1.00 99.14  ? 235 LYS A CE  1 
ATOM   802 N NZ  . LYS A 1 108 ? 11.543  7.249   -9.397  1.00 100.99 ? 235 LYS A NZ  1 
ATOM   803 N N   . MET A 1 109 ? 8.867   1.272   -11.643 1.00 81.60  ? 236 MET A N   1 
ATOM   804 C CA  . MET A 1 109 ? 9.145   -0.157  -11.730 1.00 86.44  ? 236 MET A CA  1 
ATOM   805 C C   . MET A 1 109 ? 7.989   -0.906  -12.382 1.00 83.00  ? 236 MET A C   1 
ATOM   806 O O   . MET A 1 109 ? 6.823   -0.649  -12.084 1.00 77.59  ? 236 MET A O   1 
ATOM   807 C CB  . MET A 1 109 ? 9.428   -0.733  -10.341 1.00 89.03  ? 236 MET A CB  1 
ATOM   808 C CG  . MET A 1 109 ? 10.038  0.262   -9.368  1.00 90.59  ? 236 MET A CG  1 
ATOM   809 S SD  . MET A 1 109 ? 10.448  -0.480  -7.777  1.00 91.84  ? 236 MET A SD  1 
ATOM   810 C CE  . MET A 1 109 ? 8.880   -1.224  -7.336  1.00 77.92  ? 236 MET A CE  1 
HETATM 811 C C4  . B49 B 2 .   ? 0.597   8.739   14.089  1.00 28.96  ? 301 B49 A C4  1 
HETATM 812 C C5  . B49 B 2 .   ? -3.101  5.526   5.495   1.00 20.91  ? 301 B49 A C5  1 
HETATM 813 C C6  . B49 B 2 .   ? -1.963  5.093   6.166   1.00 20.40  ? 301 B49 A C6  1 
HETATM 814 C C7  . B49 B 2 .   ? -3.567  7.158   7.303   1.00 19.54  ? 301 B49 A C7  1 
HETATM 815 C C13 . B49 B 2 .   ? -2.188  9.830   11.895  1.00 23.84  ? 301 B49 A C13 1 
HETATM 816 C C15 . B49 B 2 .   ? -3.876  6.552   6.083   1.00 22.11  ? 301 B49 A C15 1 
HETATM 817 C C17 . B49 B 2 .   ? -2.422  6.703   7.980   1.00 18.81  ? 301 B49 A C17 1 
HETATM 818 C C20 . B49 B 2 .   ? -1.794  7.118   9.277   1.00 22.04  ? 301 B49 A C20 1 
HETATM 819 C C21 . B49 B 2 .   ? -0.581  6.278   9.453   1.00 24.42  ? 301 B49 A C21 1 
HETATM 820 C C22 . B49 B 2 .   ? -1.497  11.188  14.034  1.00 35.99  ? 301 B49 A C22 1 
HETATM 821 C C3  . B49 B 2 .   ? -3.355  10.683  11.409  1.00 29.36  ? 301 B49 A C3  1 
HETATM 822 C C12 . B49 B 2 .   ? -2.318  8.082   10.024  1.00 23.25  ? 301 B49 A C12 1 
HETATM 823 C C14 . B49 B 2 .   ? -0.492  8.988   13.044  1.00 24.54  ? 301 B49 A C14 1 
HETATM 824 C C16 . B49 B 2 .   ? -1.643  5.697   7.386   1.00 20.19  ? 301 B49 A C16 1 
HETATM 825 C C18 . B49 B 2 .   ? -1.724  8.685   11.282  1.00 22.37  ? 301 B49 A C18 1 
HETATM 826 C C19 . B49 B 2 .   ? -1.413  10.021  13.021  1.00 27.41  ? 301 B49 A C19 1 
HETATM 827 N N23 . B49 B 2 .   ? -0.693  8.181   11.990  1.00 22.25  ? 301 B49 A N23 1 
HETATM 828 N N24 . B49 B 2 .   ? -0.487  5.410   8.308   1.00 22.51  ? 301 B49 A N24 1 
HETATM 829 N N25 . B49 B 2 .   ? -1.865  12.539  13.606  1.00 43.51  ? 301 B49 A N25 1 
HETATM 830 O O27 . B49 B 2 .   ? 0.211   6.248   10.356  1.00 23.64  ? 301 B49 A O27 1 
HETATM 831 O O28 . B49 B 2 .   ? -1.237  11.019  15.167  1.00 42.94  ? 301 B49 A O28 1 
HETATM 832 F F29 . B49 B 2 .   ? -4.987  6.982   5.430   1.00 23.88  ? 301 B49 A F29 1 
HETATM 833 C C37 . B49 B 2 .   ? -1.921  13.600  14.618  1.00 58.62  ? 301 B49 A C37 1 
HETATM 834 C C38 . B49 B 2 .   ? -2.134  14.965  13.942  1.00 69.95  ? 301 B49 A C38 1 
HETATM 835 N N4  . B49 B 2 .   ? -3.321  15.659  14.446  1.00 76.15  ? 301 B49 A N4  1 
HETATM 836 C C39 . B49 B 2 .   ? -4.303  14.732  15.004  1.00 74.79  ? 301 B49 A C39 1 
HETATM 837 C C40 . B49 B 2 .   ? -3.945  16.409  13.356  1.00 76.66  ? 301 B49 A C40 1 
HETATM 838 C C41 . B49 B 2 .   ? -4.010  15.578  12.075  1.00 74.82  ? 301 B49 A C41 1 
HETATM 839 C C42 . B49 B 2 .   ? -4.873  15.284  16.314  1.00 75.03  ? 301 B49 A C42 1 
HETATM 840 O O   . HOH C 3 .   ? -7.314  21.536  8.788   1.00 43.11  ? 401 HOH A O   1 
HETATM 841 O O   . HOH C 3 .   ? 14.365  -7.729  -4.627  1.00 54.81  ? 402 HOH A O   1 
HETATM 842 O O   . HOH C 3 .   ? 5.970   20.237  4.602   1.00 96.01  ? 403 HOH A O   1 
HETATM 843 O O   . HOH C 3 .   ? -9.686  1.265   10.959  1.00 39.26  ? 404 HOH A O   1 
HETATM 844 O O   . HOH C 3 .   ? -3.448  16.838  9.159   1.00 78.98  ? 405 HOH A O   1 
HETATM 845 O O   . HOH C 3 .   ? -2.572  9.178   16.182  1.00 41.03  ? 406 HOH A O   1 
HETATM 846 O O   . HOH C 3 .   ? -7.192  3.654   -6.200  1.00 39.53  ? 407 HOH A O   1 
HETATM 847 O O   . HOH C 3 .   ? -4.765  15.827  -3.396  1.00 38.45  ? 408 HOH A O   1 
HETATM 848 O O   . HOH C 3 .   ? -5.998  14.918  1.066   1.00 25.14  ? 409 HOH A O   1 
HETATM 849 O O   . HOH C 3 .   ? -4.128  20.246  12.434  1.00 66.62  ? 410 HOH A O   1 
HETATM 850 O O   . HOH C 3 .   ? -3.261  -1.787  -12.038 1.00 48.86  ? 411 HOH A O   1 
HETATM 851 O O   . HOH C 3 .   ? -3.500  9.744   -5.075  1.00 39.37  ? 412 HOH A O   1 
HETATM 852 O O   . HOH C 3 .   ? -0.603  1.336   6.853   1.00 22.09  ? 413 HOH A O   1 
HETATM 853 O O   . HOH C 3 .   ? -4.136  -10.079 5.723   1.00 43.63  ? 414 HOH A O   1 
HETATM 854 O O   . HOH C 3 .   ? -5.259  -2.141  5.417   1.00 26.00  ? 415 HOH A O   1 
HETATM 855 O O   . HOH C 3 .   ? 10.419  10.611  2.259   1.00 54.36  ? 416 HOH A O   1 
HETATM 856 O O   . HOH C 3 .   ? -3.217  13.235  8.958   1.00 27.45  ? 417 HOH A O   1 
HETATM 857 O O   . HOH C 3 .   ? -15.917 7.401   1.911   1.00 44.39  ? 418 HOH A O   1 
HETATM 858 O O   . HOH C 3 .   ? 8.041   2.146   12.657  1.00 28.28  ? 419 HOH A O   1 
HETATM 859 O O   . HOH C 3 .   ? 8.597   5.511   6.304   1.00 26.76  ? 420 HOH A O   1 
HETATM 860 O O   . HOH C 3 .   ? -4.834  -7.694  6.795   1.00 61.43  ? 421 HOH A O   1 
HETATM 861 O O   . HOH C 3 .   ? 7.784   -23.854 -4.988  1.00 62.50  ? 422 HOH A O   1 
HETATM 862 O O   . HOH C 3 .   ? -1.772  -15.497 2.927   1.00 45.81  ? 423 HOH A O   1 
HETATM 863 O O   . HOH C 3 .   ? -5.667  2.223   3.084   1.00 21.70  ? 424 HOH A O   1 
HETATM 864 O O   . HOH C 3 .   ? 8.595   -6.659  1.595   1.00 50.12  ? 425 HOH A O   1 
HETATM 865 O O   . HOH C 3 .   ? -7.712  -0.780  8.682   1.00 30.06  ? 426 HOH A O   1 
HETATM 866 O O   . HOH C 3 .   ? -6.183  -5.454  -7.271  1.00 39.37  ? 427 HOH A O   1 
HETATM 867 O O   . HOH C 3 .   ? 5.445   14.178  -1.827  1.00 38.43  ? 428 HOH A O   1 
HETATM 868 O O   . HOH C 3 .   ? -5.116  -12.709 2.134   1.00 46.65  ? 429 HOH A O   1 
HETATM 869 O O   . HOH C 3 .   ? -5.738  -0.011  6.835   1.00 26.87  ? 430 HOH A O   1 
HETATM 870 O O   . HOH C 3 .   ? -3.151  -2.673  13.246  1.00 22.35  ? 431 HOH A O   1 
HETATM 871 O O   . HOH C 3 .   ? 13.360  1.128   -3.341  1.00 45.06  ? 432 HOH A O   1 
HETATM 872 O O   . HOH C 3 .   ? 1.205   -5.561  9.138   1.00 25.54  ? 433 HOH A O   1 
HETATM 873 O O   . HOH C 3 .   ? -1.080  -6.069  7.603   1.00 30.87  ? 434 HOH A O   1 
HETATM 874 O O   . HOH C 3 .   ? -6.608  1.086   -7.408  1.00 41.45  ? 435 HOH A O   1 
HETATM 875 O O   . HOH C 3 .   ? -6.804  12.177  12.437  1.00 25.46  ? 436 HOH A O   1 
HETATM 876 O O   . HOH C 3 .   ? -4.913  11.291  14.335  1.00 37.94  ? 437 HOH A O   1 
HETATM 877 O O   . HOH C 3 .   ? -1.727  1.849   4.310   1.00 25.45  ? 438 HOH A O   1 
HETATM 878 O O   . HOH C 3 .   ? -9.053  5.729   -2.586  1.00 36.67  ? 439 HOH A O   1 
HETATM 879 O O   . HOH C 3 .   ? 6.696   -0.351  4.599   1.00 26.87  ? 440 HOH A O   1 
HETATM 880 O O   . HOH C 3 .   ? 4.936   -6.560  4.326   1.00 50.22  ? 441 HOH A O   1 
HETATM 881 O O   . HOH C 3 .   ? -3.316  3.630   2.904   1.00 22.33  ? 442 HOH A O   1 
HETATM 882 O O   . HOH C 3 .   ? -8.712  -10.811 -3.833  1.00 41.93  ? 443 HOH A O   1 
HETATM 883 O O   . HOH C 3 .   ? 10.036  4.069   12.881  1.00 44.93  ? 444 HOH A O   1 
HETATM 884 O O   . HOH C 3 .   ? -5.956  13.255  -3.168  1.00 39.10  ? 445 HOH A O   1 
HETATM 885 O O   . HOH C 3 .   ? 6.751   12.192  4.266   1.00 30.20  ? 446 HOH A O   1 
HETATM 886 O O   . HOH C 3 .   ? 2.058   17.794  -0.206  1.00 36.96  ? 447 HOH A O   1 
HETATM 887 O O   . HOH C 3 .   ? -7.393  -3.057  -5.855  1.00 43.87  ? 448 HOH A O   1 
HETATM 888 O O   . HOH C 3 .   ? -11.122 7.182   17.200  1.00 33.33  ? 449 HOH A O   1 
HETATM 889 O O   . HOH C 3 .   ? -4.651  15.438  7.909   1.00 25.02  ? 450 HOH A O   1 
HETATM 890 O O   . HOH C 3 .   ? -11.049 3.129   -0.285  1.00 27.78  ? 451 HOH A O   1 
HETATM 891 O O   . HOH C 3 .   ? -12.970 5.006   0.196   1.00 34.37  ? 452 HOH A O   1 
HETATM 892 O O   . HOH C 3 .   ? -13.255 7.107   14.745  1.00 29.27  ? 453 HOH A O   1 
HETATM 893 O O   . HOH C 3 .   ? 5.653   -5.084  6.307   1.00 51.78  ? 454 HOH A O   1 
HETATM 894 O O   . HOH C 3 .   ? -12.515 7.647   0.309   1.00 45.90  ? 455 HOH A O   1 
HETATM 895 O O   . HOH C 3 .   ? 6.299   16.869  6.054   1.00 52.13  ? 456 HOH A O   1 
HETATM 896 O O   . HOH C 3 .   ? 8.312   -8.852  -0.114  1.00 52.26  ? 457 HOH A O   1 
HETATM 897 O O   . HOH C 3 .   ? -9.482  1.728   16.801  1.00 24.40  ? 458 HOH A O   1 
HETATM 898 O O   . HOH C 3 .   ? 12.151  -3.723  -10.072 1.00 53.70  ? 459 HOH A O   1 
HETATM 899 O O   . HOH C 3 .   ? 9.318   -1.093  6.184   1.00 49.98  ? 460 HOH A O   1 
HETATM 900 O O   . HOH C 3 .   ? -10.224 0.460   14.119  1.00 20.76  ? 461 HOH A O   1 
HETATM 901 O O   . HOH C 3 .   ? -2.662  20.752  3.948   1.00 31.56  ? 462 HOH A O   1 
HETATM 902 O O   . HOH C 3 .   ? 3.701   -17.463 -12.421 1.00 44.82  ? 463 HOH A O   1 
HETATM 903 O O   . HOH C 3 .   ? 2.113   14.811  9.558   1.00 30.98  ? 464 HOH A O   1 
HETATM 904 O O   . HOH C 3 .   ? -10.367 0.000   8.423   1.00 33.84  ? 465 HOH A O   1 
HETATM 905 O O   . HOH C 3 .   ? 1.589   12.121  13.032  1.00 53.58  ? 466 HOH A O   1 
HETATM 906 O O   . HOH C 3 .   ? 0.105   -7.859  -15.702 1.00 55.89  ? 467 HOH A O   1 
HETATM 907 O O   . HOH C 3 .   ? -4.766  -10.534 2.877   1.00 50.79  ? 468 HOH A O   1 
HETATM 908 O O   . HOH C 3 .   ? -0.818  13.782  10.477  1.00 33.95  ? 469 HOH A O   1 
HETATM 909 O O   . HOH C 3 .   ? 7.887   11.974  1.665   1.00 35.10  ? 470 HOH A O   1 
HETATM 910 O O   . HOH C 3 .   ? -6.787  10.425  -4.458  1.00 56.09  ? 471 HOH A O   1 
HETATM 911 O O   . HOH C 3 .   ? -0.021  -15.516 4.420   1.00 51.61  ? 472 HOH A O   1 
HETATM 912 O O   . HOH C 3 .   ? -13.936 9.643   0.748   1.00 50.54  ? 473 HOH A O   1 
HETATM 913 O O   . HOH C 3 .   ? -6.910  24.030  9.072   1.00 62.21  ? 474 HOH A O   1 
HETATM 914 O O   . HOH C 3 .   ? -8.470  -0.730  -6.777  1.00 46.96  ? 475 HOH A O   1 
HETATM 915 O O   . HOH C 3 .   ? -9.899  -14.221 -3.101  1.00 33.26  ? 476 HOH A O   1 
HETATM 916 O O   . HOH C 3 .   ? -4.466  -14.731 3.462   1.00 53.76  ? 477 HOH A O   1 
HETATM 917 O O   . HOH C 3 .   ? -8.322  21.867  11.544  1.00 43.76  ? 478 HOH A O   1 
HETATM 918 O O   . HOH C 3 .   ? -9.362  4.326   -5.005  1.00 46.49  ? 479 HOH A O   1 
HETATM 919 O O   . HOH C 3 .   ? -5.770  13.499  10.386  1.00 30.38  ? 480 HOH A O   1 
HETATM 920 O O   . HOH C 3 .   ? 8.003   14.337  0.071   1.00 43.29  ? 481 HOH A O   1 
HETATM 921 O O   . HOH C 3 .   ? -11.156 5.285   19.104  1.00 41.76  ? 482 HOH A O   1 
HETATM 922 O O   . HOH C 3 .   ? -11.074 -11.530 -2.999  1.00 34.29  ? 483 HOH A O   1 
HETATM 923 O O   . HOH C 3 .   ? 3.291   16.211  -1.872  1.00 45.65  ? 484 HOH A O   1 
HETATM 924 O O   . HOH C 3 .   ? 2.429   -7.927  8.120   1.00 46.54  ? 485 HOH A O   1 
HETATM 925 O O   . HOH C 3 .   ? -11.566 2.485   18.350  1.00 38.16  ? 486 HOH A O   1 
HETATM 926 O O   . HOH C 3 .   ? -6.959  -9.490  1.856   1.00 49.03  ? 487 HOH A O   1 
HETATM 927 O O   . HOH C 3 .   ? -8.752  5.916   21.042  1.00 53.13  ? 488 HOH A O   1 
HETATM 928 O O   . HOH C 3 .   ? -10.189 -6.465  -5.121  1.00 56.32  ? 489 HOH A O   1 
HETATM 929 O O   . HOH C 3 .   ? 3.945   13.650  11.439  1.00 51.79  ? 490 HOH A O   1 
HETATM 930 O O   . HOH C 3 .   ? 7.798   14.690  5.099   1.00 43.28  ? 491 HOH A O   1 
# 
loop_
_atom_site_anisotrop.id 
_atom_site_anisotrop.type_symbol 
_atom_site_anisotrop.pdbx_label_atom_id 
_atom_site_anisotrop.pdbx_label_alt_id 
_atom_site_anisotrop.pdbx_label_comp_id 
_atom_site_anisotrop.pdbx_label_asym_id 
_atom_site_anisotrop.pdbx_label_seq_id 
_atom_site_anisotrop.pdbx_PDB_ins_code 
_atom_site_anisotrop.U[1][1] 
_atom_site_anisotrop.U[2][2] 
_atom_site_anisotrop.U[3][3] 
_atom_site_anisotrop.U[1][2] 
_atom_site_anisotrop.U[1][3] 
_atom_site_anisotrop.U[2][3] 
_atom_site_anisotrop.pdbx_auth_seq_id 
_atom_site_anisotrop.pdbx_auth_comp_id 
_atom_site_anisotrop.pdbx_auth_asym_id 
_atom_site_anisotrop.pdbx_auth_atom_id 
1   N N   . SER A 11  ? 1.1863 0.7701 1.0508 0.2091  0.2522  0.0015  138 SER A N   
2   C CA  . SER A 11  ? 1.0491 0.6871 0.9434 0.1965  0.2445  -0.0051 138 SER A CA  
3   C C   . SER A 11  ? 1.0339 0.6643 0.9207 0.1801  0.2532  -0.0244 138 SER A C   
4   O O   . SER A 11  ? 1.0213 0.6612 0.9085 0.1976  0.2613  -0.0317 138 SER A O   
5   C CB  . SER A 11  ? 1.0025 0.7046 0.9284 0.2243  0.2370  0.0017  138 SER A CB  
6   O OG  . SER A 11  ? 1.0755 0.7794 0.9989 0.2530  0.2447  -0.0020 138 SER A OG  
7   N N   . THR A 12  ? 0.9870 0.6026 0.8664 0.1469  0.2508  -0.0334 139 THR A N   
8   C CA  . THR A 12  ? 0.8321 0.4393 0.6993 0.1283  0.2561  -0.0522 139 THR A CA  
9   C C   . THR A 12  ? 0.8522 0.5120 0.7390 0.1276  0.2535  -0.0566 139 THR A C   
10  O O   . THR A 12  ? 0.8640 0.5666 0.7766 0.1343  0.2461  -0.0462 139 THR A O   
11  C CB  . THR A 12  ? 0.8983 0.4769 0.7514 0.0935  0.2510  -0.0614 139 THR A CB  
12  O OG1 . THR A 12  ? 0.8342 0.4457 0.7061 0.0780  0.2380  -0.0589 139 THR A OG1 
13  C CG2 . THR A 12  ? 1.0340 0.5703 0.8728 0.0904  0.2545  -0.0546 139 THR A CG2 
14  N N   . PRO A 13  ? 0.7612 0.4194 0.6340 0.1184  0.2604  -0.0722 140 PRO A N   
15  C CA  . PRO A 13  ? 0.7303 0.4359 0.6157 0.1134  0.2607  -0.0762 140 PRO A CA  
16  C C   . PRO A 13  ? 0.7029 0.4284 0.5979 0.0925  0.2485  -0.0724 140 PRO A C   
17  O O   . PRO A 13  ? 0.6788 0.4518 0.5966 0.0963  0.2471  -0.0655 140 PRO A O   
18  C CB  . PRO A 13  ? 0.7684 0.4524 0.6246 0.1013  0.2689  -0.0940 140 PRO A CB  
19  C CG  . PRO A 13  ? 0.8535 0.4949 0.6934 0.1152  0.2774  -0.0978 140 PRO A CG  
20  C CD  . PRO A 13  ? 0.8484 0.4635 0.6920 0.1158  0.2705  -0.0859 140 PRO A CD  
21  N N   . ILE A 14  ? 0.7490 0.4428 0.6284 0.0695  0.2390  -0.0780 141 ILE A N   
22  C CA  . ILE A 14  ? 0.7602 0.4715 0.6471 0.0515  0.2262  -0.0762 141 ILE A CA  
23  C C   . ILE A 14  ? 0.6470 0.3840 0.5640 0.0634  0.2187  -0.0579 141 ILE A C   
24  O O   . ILE A 14  ? 0.5986 0.3782 0.5334 0.0554  0.2043  -0.0487 141 ILE A O   
25  C CB  . ILE A 14  ? 0.7625 0.4437 0.6313 0.0252  0.2139  -0.0877 141 ILE A CB  
26  C CG1 . ILE A 14  ? 0.6465 0.3570 0.5237 0.0074  0.1928  -0.0839 141 ILE A CG1 
27  C CG2 . ILE A 14  ? 0.7163 0.3704 0.5896 0.0245  0.2125  -0.0827 141 ILE A CG2 
28  C CD1 . ILE A 14  ? 0.8943 0.5877 0.7531 -0.0163 0.1792  -0.0995 141 ILE A CD1 
29  N N   . GLN A 15  ? 0.6550 0.3709 0.5757 0.0800  0.2225  -0.0491 142 GLN A N   
30  C CA  . GLN A 15  ? 0.6428 0.3805 0.5865 0.0944  0.2158  -0.0318 142 GLN A CA  
31  C C   . GLN A 15  ? 0.6436 0.4366 0.6127 0.1152  0.2179  -0.0246 142 GLN A C   
32  O O   . GLN A 15  ? 0.6179 0.4548 0.6092 0.1101  0.2028  -0.0144 142 GLN A O   
33  C CB  . GLN A 15  ? 0.7337 0.4358 0.6668 0.1062  0.2179  -0.0226 142 GLN A CB  
34  C CG  . GLN A 15  ? 0.7385 0.4013 0.6554 0.0804  0.2149  -0.0276 142 GLN A CG  
35  C CD  . GLN A 15  ? 0.8857 0.5102 0.7861 0.0886  0.2220  -0.0196 142 GLN A CD  
36  O OE1 . GLN A 15  ? 0.9429 0.5497 0.8308 0.1093  0.2318  -0.0176 142 GLN A OE1 
37  N NE2 . GLN A 15  ? 0.8287 0.4394 0.7268 0.0724  0.2182  -0.0157 142 GLN A NE2 
38  N N   . GLN A 16  ? 0.6198 0.4219 0.5877 0.1313  0.2281  -0.0292 143 GLN A N   
39  C CA  . GLN A 16  ? 0.5802 0.4449 0.5767 0.1472  0.2299  -0.0259 143 GLN A CA  
40  C C   . GLN A 16  ? 0.5975 0.5021 0.6046 0.1226  0.2271  -0.0294 143 GLN A C   
41  O O   . GLN A 16  ? 0.5717 0.5298 0.6068 0.1214  0.2172  -0.0214 143 GLN A O   
42  C CB  . GLN A 16  ? 0.6650 0.5314 0.6569 0.1650  0.2421  -0.0345 143 GLN A CB  
43  C CG  . GLN A 16  ? 0.6952 0.5215 0.6730 0.1886  0.2436  -0.0301 143 GLN A CG  
44  C CD  . GLN A 16  ? 0.8150 0.6422 0.7879 0.2072  0.2564  -0.0404 143 GLN A CD  
45  O OE1 . GLN A 16  ? 0.9545 0.7271 0.8984 0.2098  0.2643  -0.0460 143 GLN A OE1 
46  N NE2 . GLN A 16  ? 0.7607 0.6523 0.7632 0.2186  0.2594  -0.0444 143 GLN A NE2 
47  N N   . LEU A 17  ? 0.5464 0.4253 0.5268 0.0986  0.2293  -0.0407 144 LEU A N   
48  C CA  . LEU A 17  ? 0.5032 0.4106 0.4823 0.0720  0.2215  -0.0417 144 LEU A CA  
49  C C   . LEU A 17  ? 0.4966 0.4171 0.4869 0.0566  0.1986  -0.0305 144 LEU A C   
50  O O   . LEU A 17  ? 0.4687 0.4301 0.4751 0.0463  0.1921  -0.0249 144 LEU A O   
51  C CB  . LEU A 17  ? 0.5935 0.4620 0.5336 0.0531  0.2253  -0.0552 144 LEU A CB  
52  C CG  . LEU A 17  ? 0.5732 0.4551 0.4973 0.0270  0.2179  -0.0558 144 LEU A CG  
53  C CD1 . LEU A 17  ? 0.5244 0.4522 0.4629 0.0274  0.2332  -0.0550 144 LEU A CD1 
54  C CD2 . LEU A 17  ? 0.6729 0.5115 0.5534 0.0136  0.2187  -0.0693 144 LEU A CD2 
55  N N   . LEU A 18  ? 0.4757 0.3612 0.4572 0.0532  0.1877  -0.0282 145 LEU A N   
56  C CA  . LEU A 18  ? 0.4420 0.3380 0.4322 0.0398  0.1671  -0.0191 145 LEU A CA  
57  C C   . LEU A 18  ? 0.4411 0.3739 0.4612 0.0549  0.1618  -0.0063 145 LEU A C   
58  O O   . LEU A 18  ? 0.4287 0.3891 0.4602 0.0436  0.1479  -0.0001 145 LEU A O   
59  C CB  . LEU A 18  ? 0.4792 0.3340 0.4552 0.0316  0.1595  -0.0225 145 LEU A CB  
60  C CG  . LEU A 18  ? 0.5482 0.3744 0.4959 0.0139  0.1586  -0.0373 145 LEU A CG  
61  C CD1 . LEU A 18  ? 0.5968 0.3964 0.5391 0.0026  0.1489  -0.0425 145 LEU A CD1 
62  C CD2 . LEU A 18  ? 0.5557 0.4008 0.4920 -0.0015 0.1493  -0.0379 145 LEU A CD2 
63  N N   . GLU A 19  ? 0.4655 0.3969 0.4952 0.0820  0.1718  -0.0025 146 GLU A N   
64  C CA  . GLU A 19  ? 0.4866 0.4579 0.5425 0.0996  0.1646  0.0089  146 GLU A CA  
65  C C   . GLU A 19  ? 0.4343 0.4671 0.5146 0.0945  0.1641  0.0069  146 GLU A C   
66  O O   . GLU A 19  ? 0.4416 0.5125 0.5412 0.0898  0.1507  0.0133  146 GLU A O   
67  C CB  . GLU A 19  ? 0.5871 0.5420 0.6429 0.1346  0.1754  0.0137  146 GLU A CB  
68  C CG  . GLU A 19  ? 0.6881 0.5777 0.7175 0.1355  0.1783  0.0165  146 GLU A CG  
69  C CD  . GLU A 19  ? 0.8327 0.7038 0.8573 0.1681  0.1822  0.0281  146 GLU A CD  
70  O OE1 . GLU A 19  ? 0.9341 0.7601 0.9347 0.1745  0.1911  0.0255  146 GLU A OE1 
71  O OE2 . GLU A 19  ? 0.8725 0.7761 0.9118 0.1805  0.1698  0.0398  146 GLU A OE2 
72  N N   . HIS A 20  ? 0.4195 0.4621 0.4978 0.0922  0.1798  -0.0031 147 HIS A N   
73  C CA  . HIS A 20  ? 0.3904 0.4900 0.4902 0.0803  0.1831  -0.0068 147 HIS A CA  
74  C C   . HIS A 20  ? 0.4276 0.5265 0.5174 0.0462  0.1700  -0.0049 147 HIS A C   
75  O O   . HIS A 20  ? 0.3898 0.5321 0.5009 0.0358  0.1624  -0.0023 147 HIS A O   
76  C CB  . HIS A 20  ? 0.4669 0.5706 0.5605 0.0823  0.2058  -0.0186 147 HIS A CB  
77  C CG  . HIS A 20  ? 0.5693 0.7200 0.6754 0.0597  0.2132  -0.0237 147 HIS A CG  
78  N ND1 . HIS A 20  ? 0.6974 0.9194 0.8449 0.0678  0.2187  -0.0262 147 HIS A ND1 
79  C CD2 . HIS A 20  ? 0.6482 0.7837 0.7289 0.0285  0.2169  -0.0273 147 HIS A CD2 
80  C CE1 . HIS A 20  ? 0.6853 0.9335 0.8338 0.0386  0.2278  -0.0318 147 HIS A CE1 
81  N NE2 . HIS A 20  ? 0.6561 0.8483 0.7609 0.0152  0.2273  -0.0312 147 HIS A NE2 
82  N N   . PHE A 21  ? 0.3903 0.4397 0.4460 0.0292  0.1668  -0.0074 148 PHE A N   
83  C CA  . PHE A 21  ? 0.3784 0.4194 0.4185 0.0020  0.1536  -0.0049 148 PHE A CA  
84  C C   . PHE A 21  ? 0.3283 0.3804 0.3833 0.0019  0.1344  0.0041  148 PHE A C   
85  O O   . PHE A 21  ? 0.3532 0.4243 0.4120 -0.0151 0.1263  0.0065  148 PHE A O   
86  C CB  . PHE A 21  ? 0.4051 0.3935 0.4067 -0.0090 0.1497  -0.0095 148 PHE A CB  
87  C CG  . PHE A 21  ? 0.4627 0.4375 0.4388 -0.0165 0.1656  -0.0186 148 PHE A CG  
88  C CD1 . PHE A 21  ? 0.5519 0.5604 0.5368 -0.0216 0.1824  -0.0210 148 PHE A CD1 
89  C CD2 . PHE A 21  ? 0.6237 0.5545 0.5662 -0.0197 0.1642  -0.0261 148 PHE A CD2 
90  C CE1 . PHE A 21  ? 0.6603 0.6544 0.6174 -0.0289 0.1994  -0.0294 148 PHE A CE1 
91  C CE2 . PHE A 21  ? 0.6545 0.5704 0.5677 -0.0260 0.1784  -0.0348 148 PHE A CE2 
92  C CZ  . PHE A 21  ? 0.6405 0.5859 0.5591 -0.0302 0.1969  -0.0358 148 PHE A CZ  
93  N N   . LEU A 22  ? 0.3204 0.3562 0.3799 0.0196  0.1286  0.0086  149 LEU A N   
94  C CA  . LEU A 22  ? 0.3318 0.3742 0.4005 0.0204  0.1118  0.0168  149 LEU A CA  
95  C C   . LEU A 22  ? 0.3095 0.4062 0.4076 0.0265  0.1084  0.0203  149 LEU A C   
96  O O   . LEU A 22  ? 0.3364 0.4481 0.4390 0.0144  0.0948  0.0233  149 LEU A O   
97  C CB  . LEU A 22  ? 0.4170 0.4287 0.4812 0.0375  0.1109  0.0211  149 LEU A CB  
98  C CG  . LEU A 22  ? 0.3482 0.3645 0.4185 0.0404  0.0964  0.0300  149 LEU A CG  
99  C CD1 . LEU A 22  ? 0.3560 0.3601 0.4140 0.0183  0.0831  0.0281  149 LEU A CD1 
100 C CD2 . LEU A 22  ? 0.4466 0.4295 0.5090 0.0567  0.1012  0.0348  149 LEU A CD2 
101 N N   . ARG A 23  ? 0.2966 0.4248 0.4149 0.0461  0.1198  0.0185  150 ARG A N   
102 C CA  . ARG A 23  ? 0.3219 0.5125 0.4729 0.0532  0.1151  0.0190  150 ARG A CA  
103 C C   . ARG A 23  ? 0.3502 0.5718 0.5085 0.0219  0.1149  0.0126  150 ARG A C   
104 O O   . ARG A 23  ? 0.3205 0.5766 0.4948 0.0125  0.1027  0.0130  150 ARG A O   
105 C CB  . ARG A 23  ? 0.3535 0.5754 0.5258 0.0830  0.1284  0.0161  150 ARG A CB  
106 C CG  . ARG A 23  ? 0.5179 0.7814 0.7146 0.1116  0.1175  0.0221  150 ARG A CG  
107 C CD  . ARG A 23  ? 0.6136 0.8731 0.8133 0.1523  0.1286  0.0239  150 ARG A CD  
108 N NE  . ARG A 23  ? 0.7492 0.9916 0.9417 0.1516  0.1501  0.0148  150 ARG A NE  
109 C CZ  . ARG A 23  ? 0.8529 1.0438 1.0231 0.1732  0.1628  0.0156  150 ARG A CZ  
110 N NH1 . ARG A 23  ? 0.9398 1.0875 1.0909 0.1941  0.1563  0.0262  150 ARG A NH1 
111 N NH2 . ARG A 23  ? 0.8578 1.0355 1.0198 0.1707  0.1820  0.0052  150 ARG A NH2 
112 N N   . GLN A 24  ? 0.3385 0.5434 0.4805 0.0040  0.1290  0.0063  151 GLN A N   
113 C CA  . GLN A 24  ? 0.3258 0.5496 0.4666 -0.0281 0.1326  0.0012  151 GLN A CA  
114 C C   . GLN A 24  ? 0.3166 0.5072 0.4342 -0.0491 0.1157  0.0061  151 GLN A C   
115 O O   . GLN A 24  ? 0.3825 0.5970 0.5080 -0.0699 0.1108  0.0040  151 GLN A O   
116 C CB  . GLN A 24  ? 0.4096 0.6135 0.5284 -0.0410 0.1528  -0.0049 151 GLN A CB  
117 C CG  . GLN A 24  ? 0.4930 0.7366 0.6366 -0.0228 0.1727  -0.0123 151 GLN A CG  
118 C CD  . GLN A 24  ? 0.7598 1.0834 0.9513 -0.0218 0.1746  -0.0176 151 GLN A CD  
119 O OE1 . GLN A 24  ? 0.8782 1.2301 1.0773 -0.0520 0.1784  -0.0224 151 GLN A OE1 
120 N NE2 . GLN A 24  ? 0.7821 1.1421 1.0047 0.0131  0.1718  -0.0174 151 GLN A NE2 
121 N N   . LEU A 25  ? 0.3227 0.4591 0.4118 -0.0440 0.1072  0.0110  152 LEU A N   
122 C CA  . LEU A 25  ? 0.3231 0.4285 0.3905 -0.0585 0.0910  0.0148  152 LEU A CA  
123 C C   . LEU A 25  ? 0.3060 0.4385 0.3944 -0.0527 0.0761  0.0181  152 LEU A C   
124 O O   . LEU A 25  ? 0.3085 0.4405 0.3901 -0.0711 0.0671  0.0175  152 LEU A O   
125 C CB  . LEU A 25  ? 0.4033 0.4568 0.4434 -0.0510 0.0847  0.0169  152 LEU A CB  
126 C CG  . LEU A 25  ? 0.4258 0.4460 0.4358 -0.0587 0.0944  0.0126  152 LEU A CG  
127 C CD1 . LEU A 25  ? 0.4523 0.4341 0.4447 -0.0493 0.0860  0.0118  152 LEU A CD1 
128 C CD2 . LEU A 25  ? 0.4369 0.4396 0.4184 -0.0830 0.0944  0.0125  152 LEU A CD2 
129 N N   . GLN A 26  ? 0.2744 0.4269 0.3838 -0.0269 0.0738  0.0216  153 GLN A N   
130 C CA  . GLN A 26  ? 0.2547 0.4293 0.3773 -0.0190 0.0587  0.0256  153 GLN A CA  
131 C C   . GLN A 26  ? 0.2305 0.4631 0.3794 -0.0302 0.0563  0.0195  153 GLN A C   
132 O O   . GLN A 26  ? 0.2576 0.5048 0.4098 -0.0360 0.0420  0.0193  153 GLN A O   
133 C CB  . GLN A 26  ? 0.2289 0.4031 0.3595 0.0128  0.0582  0.0324  153 GLN A CB  
134 C CG  . GLN A 26  ? 0.2842 0.4032 0.3907 0.0184  0.0591  0.0368  153 GLN A CG  
135 C CD  . GLN A 26  ? 0.2865 0.3965 0.3924 0.0421  0.0554  0.0455  153 GLN A CD  
136 O OE1 . GLN A 26  ? 0.3948 0.4908 0.4996 0.0619  0.0659  0.0486  153 GLN A OE1 
137 N NE2 . GLN A 26  ? 0.3369 0.4505 0.4394 0.0405  0.0420  0.0493  153 GLN A NE2 
138 N N   . ARG A 27  ? 0.2263 0.4951 0.3945 -0.0348 0.0707  0.0127  154 ARG A N   
139 C CA  . ARG A 27  ? 0.2537 0.5840 0.4507 -0.0516 0.0704  0.0037  154 ARG A CA  
140 C C   . ARG A 27  ? 0.2496 0.5589 0.4262 -0.0889 0.0663  -0.0003 154 ARG A C   
141 O O   . ARG A 27  ? 0.2983 0.6507 0.4943 -0.1063 0.0606  -0.0082 154 ARG A O   
142 C CB  . ARG A 27  ? 0.3160 0.6876 0.5367 -0.0521 0.0908  -0.0043 154 ARG A CB  
143 C CG  . ARG A 27  ? 0.4143 0.8318 0.6671 -0.0134 0.0921  -0.0040 154 ARG A CG  
144 C CD  . ARG A 27  ? 0.4080 0.8647 0.6835 -0.0106 0.1145  -0.0132 154 ARG A CD  
145 N NE  . ARG A 27  ? 0.5095 0.9826 0.7884 -0.0488 0.1235  -0.0230 154 ARG A NE  
146 C CZ  . ARG A 27  ? 0.5645 1.0392 0.8430 -0.0576 0.1439  -0.0288 154 ARG A CZ  
147 N NH1 . ARG A 27  ? 0.5955 1.0647 0.8749 -0.0313 0.1582  -0.0283 154 ARG A NH1 
148 N NH2 . ARG A 27  ? 0.6401 1.1185 0.9142 -0.0917 0.1506  -0.0351 154 ARG A NH2 
149 N N   . LYS A 28  ? 0.2649 0.5082 0.4015 -0.1010 0.0686  0.0041  155 LYS A N   
150 C CA  . LYS A 28  ? 0.3084 0.5164 0.4157 -0.1312 0.0641  0.0023  155 LYS A CA  
151 C C   . LYS A 28  ? 0.2792 0.4682 0.3760 -0.1252 0.0437  0.0056  155 LYS A C   
152 O O   . LYS A 28  ? 0.3143 0.4761 0.3883 -0.1475 0.0383  0.0029  155 LYS A O   
153 C CB  . LYS A 28  ? 0.3785 0.5222 0.4429 -0.1400 0.0725  0.0063  155 LYS A CB  
154 C CG  . LYS A 28  ? 0.5011 0.6535 0.5644 -0.1502 0.0948  0.0027  155 LYS A CG  
155 C CD  . LYS A 28  ? 0.7134 0.8179 0.7477 -0.1346 0.0982  0.0079  155 LYS A CD  
156 C CE  . LYS A 28  ? 0.7968 0.8867 0.8088 -0.1494 0.1191  0.0052  155 LYS A CE  
157 N NZ  . LYS A 28  ? 0.9113 1.0471 0.9446 -0.1735 0.1363  -0.0022 155 LYS A NZ  
158 N N   . ASP A 29  ? 0.2330 0.4321 0.3427 -0.0959 0.0342  0.0112  156 ASP A N   
159 C CA  . ASP A 29  ? 0.2344 0.4164 0.3333 -0.0868 0.0173  0.0147  156 ASP A CA  
160 C C   . ASP A 29  ? 0.2220 0.4574 0.3506 -0.0670 0.0088  0.0151  156 ASP A C   
161 O O   . ASP A 29  ? 0.2304 0.4581 0.3584 -0.0401 0.0048  0.0232  156 ASP A O   
162 C CB  . ASP A 29  ? 0.2255 0.3566 0.3018 -0.0704 0.0160  0.0224  156 ASP A CB  
163 C CG  . ASP A 29  ? 0.2423 0.3583 0.3090 -0.0596 0.0021  0.0258  156 ASP A CG  
164 O OD1 . ASP A 29  ? 0.2545 0.3779 0.3167 -0.0709 -0.0080 0.0215  156 ASP A OD1 
165 O OD2 . ASP A 29  ? 0.2466 0.3431 0.3092 -0.0412 0.0028  0.0316  156 ASP A OD2 
166 N N   . PRO A 30  ? 0.2244 0.5145 0.3775 -0.0799 0.0058  0.0059  157 PRO A N   
167 C CA  . PRO A 30  ? 0.2139 0.5633 0.3965 -0.0567 -0.0039 0.0054  157 PRO A CA  
168 C C   . PRO A 30  ? 0.2574 0.5937 0.4244 -0.0416 -0.0212 0.0107  157 PRO A C   
169 O O   . PRO A 30  ? 0.3192 0.6855 0.4981 -0.0128 -0.0288 0.0157  157 PRO A O   
170 C CB  . PRO A 30  ? 0.2601 0.6726 0.4718 -0.0816 -0.0045 -0.0096 157 PRO A CB  
171 C CG  . PRO A 30  ? 0.2556 0.6259 0.4410 -0.1210 0.0003  -0.0155 157 PRO A CG  
172 C CD  . PRO A 30  ? 0.2126 0.5142 0.3666 -0.1171 0.0116  -0.0054 157 PRO A CD  
173 N N   . HIS A 31  ? 0.2336 0.5243 0.3712 -0.0576 -0.0272 0.0101  158 HIS A N   
174 C CA  . HIS A 31  ? 0.2504 0.5273 0.3705 -0.0440 -0.0412 0.0141  158 HIS A CA  
175 C C   . HIS A 31  ? 0.2803 0.5065 0.3792 -0.0238 -0.0363 0.0264  158 HIS A C   
176 O O   . HIS A 31  ? 0.3343 0.5458 0.4168 -0.0118 -0.0443 0.0306  158 HIS A O   
177 C CB  . HIS A 31  ? 0.2618 0.5201 0.3618 -0.0708 -0.0501 0.0043  158 HIS A CB  
178 C CG  . HIS A 31  ? 0.2600 0.5683 0.3799 -0.0955 -0.0551 -0.0103 158 HIS A CG  
179 N ND1 . HIS A 31  ? 0.2723 0.6458 0.4172 -0.0851 -0.0675 -0.0157 158 HIS A ND1 
180 C CD2 . HIS A 31  ? 0.3388 0.6434 0.4576 -0.1313 -0.0484 -0.0213 158 HIS A CD2 
181 C CE1 . HIS A 31  ? 0.3717 0.7862 0.5352 -0.1153 -0.0690 -0.0317 158 HIS A CE1 
182 N NE2 . HIS A 31  ? 0.3617 0.7321 0.5085 -0.1454 -0.0559 -0.0351 158 HIS A NE2 
183 N N   . GLY A 32  ? 0.2146 0.4150 0.3129 -0.0213 -0.0227 0.0307  159 GLY A N   
184 C CA  . GLY A 32  ? 0.2149 0.3736 0.2975 -0.0051 -0.0175 0.0395  159 GLY A CA  
185 C C   . GLY A 32  ? 0.2609 0.3762 0.3189 -0.0151 -0.0212 0.0379  159 GLY A C   
186 O O   . GLY A 32  ? 0.2971 0.3906 0.3448 -0.0018 -0.0201 0.0434  159 GLY A O   
187 N N   . PHE A 33  ? 0.2669 0.3682 0.3138 -0.0376 -0.0245 0.0303  160 PHE A N   
188 C CA  . PHE A 33  ? 0.3144 0.3721 0.3365 -0.0429 -0.0280 0.0281  160 PHE A CA  
189 C C   . PHE A 33  ? 0.3299 0.3625 0.3493 -0.0309 -0.0208 0.0325  160 PHE A C   
190 O O   . PHE A 33  ? 0.2871 0.2986 0.2958 -0.0242 -0.0235 0.0321  160 PHE A O   
191 C CB  . PHE A 33  ? 0.3511 0.3852 0.3562 -0.0657 -0.0279 0.0217  160 PHE A CB  
192 C CG  . PHE A 33  ? 0.3395 0.3846 0.3394 -0.0856 -0.0342 0.0140  160 PHE A CG  
193 C CD1 . PHE A 33  ? 0.3459 0.4314 0.3610 -0.0831 -0.0418 0.0112  160 PHE A CD1 
194 C CD2 . PHE A 33  ? 0.4355 0.4474 0.4116 -0.1080 -0.0325 0.0089  160 PHE A CD2 
195 C CE1 . PHE A 33  ? 0.4138 0.5113 0.4249 -0.1052 -0.0480 0.0009  160 PHE A CE1 
196 C CE2 . PHE A 33  ? 0.4531 0.4692 0.4220 -0.1311 -0.0359 0.0000  160 PHE A CE2 
197 C CZ  . PHE A 33  ? 0.3886 0.4500 0.3771 -0.1313 -0.0441 -0.0053 160 PHE A CZ  
198 N N   . PHE A 34  ? 0.2559 0.2920 0.2853 -0.0299 -0.0109 0.0343  161 PHE A N   
199 C CA  . PHE A 34  ? 0.2586 0.2705 0.2841 -0.0244 -0.0043 0.0349  161 PHE A CA  
200 C C   . PHE A 34  ? 0.2534 0.2736 0.2929 -0.0088 0.0056  0.0404  161 PHE A C   
201 O O   . PHE A 34  ? 0.2488 0.2535 0.2881 -0.0071 0.0139  0.0390  161 PHE A O   
202 C CB  . PHE A 34  ? 0.2582 0.2562 0.2738 -0.0373 -0.0004 0.0311  161 PHE A CB  
203 C CG  . PHE A 34  ? 0.2804 0.2586 0.2737 -0.0522 -0.0083 0.0273  161 PHE A CG  
204 C CD1 . PHE A 34  ? 0.3690 0.3228 0.3457 -0.0485 -0.0182 0.0251  161 PHE A CD1 
205 C CD2 . PHE A 34  ? 0.3339 0.3163 0.3216 -0.0700 -0.0044 0.0254  161 PHE A CD2 
206 C CE1 . PHE A 34  ? 0.3532 0.2798 0.3033 -0.0594 -0.0251 0.0220  161 PHE A CE1 
207 C CE2 . PHE A 34  ? 0.4059 0.3600 0.3667 -0.0854 -0.0097 0.0224  161 PHE A CE2 
208 C CZ  . PHE A 34  ? 0.4054 0.3282 0.3453 -0.0785 -0.0207 0.0212  161 PHE A CZ  
209 N N   . ALA A 35  ? 0.2178 0.2587 0.2656 0.0033  0.0047  0.0461  162 ALA A N   
210 C CA  . ALA A 35  ? 0.2120 0.2550 0.2676 0.0205  0.0152  0.0528  162 ALA A CA  
211 C C   . ALA A 35  ? 0.2441 0.2674 0.2904 0.0318  0.0191  0.0589  162 ALA A C   
212 O O   . ALA A 35  ? 0.2834 0.3012 0.3290 0.0476  0.0281  0.0664  162 ALA A O   
213 C CB  . ALA A 35  ? 0.2748 0.3558 0.3443 0.0314  0.0130  0.0563  162 ALA A CB  
214 N N   . PHE A 36  ? 0.2472 0.2578 0.2842 0.0251  0.0142  0.0559  163 PHE A N   
215 C CA  . PHE A 36  ? 0.2561 0.2517 0.2840 0.0335  0.0205  0.0612  163 PHE A CA  
216 C C   . PHE A 36  ? 0.2604 0.2413 0.2861 0.0228  0.0207  0.0529  163 PHE A C   
217 O O   . PHE A 36  ? 0.2651 0.2483 0.2913 0.0133  0.0110  0.0447  163 PHE A O   
218 C CB  . PHE A 36  ? 0.2773 0.2881 0.2956 0.0431  0.0126  0.0673  163 PHE A CB  
219 C CG  . PHE A 36  ? 0.2738 0.2943 0.2880 0.0324  -0.0011 0.0595  163 PHE A CG  
220 C CD1 . PHE A 36  ? 0.2576 0.2959 0.2780 0.0225  -0.0113 0.0536  163 PHE A CD1 
221 C CD2 . PHE A 36  ? 0.3780 0.3871 0.3803 0.0315  -0.0017 0.0568  163 PHE A CD2 
222 C CE1 . PHE A 36  ? 0.3361 0.3735 0.3473 0.0111  -0.0222 0.0458  163 PHE A CE1 
223 C CE2 . PHE A 36  ? 0.3859 0.3977 0.3807 0.0237  -0.0135 0.0485  163 PHE A CE2 
224 C CZ  . PHE A 36  ? 0.3794 0.4014 0.3765 0.0132  -0.0241 0.0432  163 PHE A CZ  
225 N N   . PRO A 37  ? 0.2810 0.2472 0.3035 0.0246  0.0321  0.0545  164 PRO A N   
226 C CA  . PRO A 37  ? 0.2699 0.2330 0.2961 0.0159  0.0321  0.0442  164 PRO A CA  
227 C C   . PRO A 37  ? 0.2679 0.2411 0.2860 0.0179  0.0213  0.0418  164 PRO A C   
228 O O   . PRO A 37  ? 0.2830 0.2573 0.2897 0.0250  0.0241  0.0485  164 PRO A O   
229 C CB  . PRO A 37  ? 0.3021 0.2497 0.3272 0.0150  0.0509  0.0468  164 PRO A CB  
230 C CG  . PRO A 37  ? 0.3787 0.3105 0.3978 0.0224  0.0606  0.0570  164 PRO A CG  
231 C CD  . PRO A 37  ? 0.3306 0.2793 0.3460 0.0337  0.0478  0.0642  164 PRO A CD  
232 N N   . VAL A 38  ? 0.2763 0.2525 0.2959 0.0130  0.0095  0.0322  165 VAL A N   
233 C CA  . VAL A 38  ? 0.2675 0.2466 0.2757 0.0155  -0.0007 0.0282  165 VAL A CA  
234 C C   . VAL A 38  ? 0.2657 0.2473 0.2748 0.0194  0.0079  0.0244  165 VAL A C   
235 O O   . VAL A 38  ? 0.3094 0.2935 0.3327 0.0162  0.0176  0.0189  165 VAL A O   
236 C CB  . VAL A 38  ? 0.2683 0.2401 0.2720 0.0115  -0.0140 0.0194  165 VAL A CB  
237 C CG1 . VAL A 38  ? 0.3277 0.2939 0.3155 0.0153  -0.0235 0.0138  165 VAL A CG1 
238 C CG2 . VAL A 38  ? 0.3367 0.3059 0.3375 0.0042  -0.0187 0.0234  165 VAL A CG2 
239 N N   . THR A 39  ? 0.2739 0.2572 0.2680 0.0249  0.0057  0.0259  166 THR A N   
240 C CA  . THR A 39  ? 0.2589 0.2457 0.2510 0.0286  0.0160  0.0217  166 THR A CA  
241 C C   . THR A 39  ? 0.2902 0.2785 0.2775 0.0330  0.0055  0.0092  166 THR A C   
242 O O   . THR A 39  ? 0.2777 0.2571 0.2525 0.0334  -0.0095 0.0069  166 THR A O   
243 C CB  . THR A 39  ? 0.2696 0.2535 0.2413 0.0344  0.0230  0.0319  166 THR A CB  
244 O OG1 . THR A 39  ? 0.3226 0.3076 0.2760 0.0382  0.0078  0.0308  166 THR A OG1 
245 C CG2 . THR A 39  ? 0.2856 0.2626 0.2550 0.0359  0.0311  0.0463  166 THR A CG2 
246 N N   . ASP A 40  ? 0.2688 0.2676 0.2648 0.0365  0.0149  0.0004  167 ASP A N   
247 C CA  . ASP A 40  ? 0.2690 0.2686 0.2577 0.0459  0.0062  -0.0119 167 ASP A CA  
248 C C   . ASP A 40  ? 0.2861 0.2743 0.2454 0.0506  0.0022  -0.0096 167 ASP A C   
249 O O   . ASP A 40  ? 0.3418 0.3184 0.2859 0.0570  -0.0092 -0.0183 167 ASP A O   
250 C CB  . ASP A 40  ? 0.2679 0.2904 0.2774 0.0499  0.0186  -0.0238 167 ASP A CB  
251 C CG  . ASP A 40  ? 0.3220 0.3603 0.3601 0.0479  0.0148  -0.0330 167 ASP A CG  
252 O OD1 . ASP A 40  ? 0.3221 0.3489 0.3599 0.0439  0.0038  -0.0292 167 ASP A OD1 
253 O OD2 . ASP A 40  ? 0.4644 0.5305 0.5260 0.0500  0.0235  -0.0456 167 ASP A OD2 
254 N N   . ALA A 41  ? 0.2649 0.2531 0.2116 0.0485  0.0107  0.0016  168 ALA A N   
255 C CA  . ALA A 41  ? 0.3031 0.2832 0.2197 0.0525  0.0039  0.0027  168 ALA A CA  
256 C C   . ALA A 41  ? 0.3211 0.2914 0.2283 0.0471  -0.0156 0.0021  168 ALA A C   
257 O O   . ALA A 41  ? 0.3860 0.3456 0.2711 0.0480  -0.0255 -0.0056 168 ALA A O   
258 C CB  . ALA A 41  ? 0.3357 0.3178 0.2371 0.0541  0.0147  0.0161  168 ALA A CB  
259 N N   . ILE A 42  ? 0.3063 0.2795 0.2291 0.0397  -0.0194 0.0090  169 ILE A N   
260 C CA  . ILE A 42  ? 0.3285 0.2950 0.2462 0.0307  -0.0343 0.0075  169 ILE A CA  
261 C C   . ILE A 42  ? 0.3234 0.2695 0.2371 0.0296  -0.0417 -0.0032 169 ILE A C   
262 O O   . ILE A 42  ? 0.3738 0.3016 0.2673 0.0240  -0.0522 -0.0096 169 ILE A O   
263 C CB  . ILE A 42  ? 0.3036 0.2811 0.2398 0.0247  -0.0328 0.0173  169 ILE A CB  
264 C CG1 . ILE A 42  ? 0.3205 0.3143 0.2538 0.0299  -0.0295 0.0282  169 ILE A CG1 
265 C CG2 . ILE A 42  ? 0.3111 0.2825 0.2464 0.0124  -0.0440 0.0139  169 ILE A CG2 
266 C CD1 . ILE A 42  ? 0.3085 0.3103 0.2605 0.0305  -0.0226 0.0384  169 ILE A CD1 
267 N N   . ALA A 43  ? 0.2964 0.2437 0.2269 0.0348  -0.0367 -0.0057 170 ALA A N   
268 C CA  . ALA A 43  ? 0.2857 0.2143 0.2124 0.0378  -0.0450 -0.0133 170 ALA A CA  
269 C C   . ALA A 43  ? 0.3077 0.2459 0.2451 0.0526  -0.0403 -0.0228 170 ALA A C   
270 O O   . ALA A 43  ? 0.2953 0.2510 0.2569 0.0542  -0.0355 -0.0239 170 ALA A O   
271 C CB  . ALA A 43  ? 0.3163 0.2447 0.2558 0.0297  -0.0464 -0.0078 170 ALA A CB  
272 N N   . PRO A 44  ? 0.3301 0.2382 0.3245 0.0693  -0.0140 -0.0139 171 PRO A N   
273 C CA  . PRO A 44  ? 0.3043 0.2189 0.3110 0.0794  0.0043  -0.0133 171 PRO A CA  
274 C C   . PRO A 44  ? 0.2909 0.2608 0.3350 0.0775  0.0010  -0.0111 171 PRO A C   
275 O O   . PRO A 44  ? 0.2928 0.2723 0.3344 0.0749  -0.0146 -0.0057 171 PRO A O   
276 C CB  . PRO A 44  ? 0.3589 0.2192 0.3253 0.0966  0.0072  -0.0055 171 PRO A CB  
277 C CG  . PRO A 44  ? 0.4379 0.2459 0.3643 0.0895  -0.0066 -0.0053 171 PRO A CG  
278 C CD  . PRO A 44  ? 0.3828 0.2347 0.3345 0.0718  -0.0242 -0.0067 171 PRO A CD  
279 N N   . GLY A 45  ? 0.2673 0.2729 0.3433 0.0747  0.0134  -0.0142 172 GLY A N   
280 C CA  . GLY A 45  ? 0.2481 0.3069 0.3610 0.0717  0.0065  -0.0120 172 GLY A CA  
281 C C   . GLY A 45  ? 0.2289 0.3090 0.3501 0.0532  -0.0068 -0.0185 172 GLY A C   
282 O O   . GLY A 45  ? 0.2241 0.3416 0.3698 0.0477  -0.0156 -0.0171 172 GLY A O   
283 N N   . TYR A 46  ? 0.2313 0.2872 0.3289 0.0473  -0.0097 -0.0256 173 TYR A N   
284 C CA  . TYR A 46  ? 0.2222 0.2943 0.3171 0.0390  -0.0205 -0.0322 173 TYR A CA  
285 C C   . TYR A 46  ? 0.2534 0.3379 0.3577 0.0262  -0.0224 -0.0381 173 TYR A C   
286 O O   . TYR A 46  ? 0.2563 0.3613 0.3646 0.0200  -0.0339 -0.0390 173 TYR A O   
287 C CB  . TYR A 46  ? 0.2288 0.2788 0.2993 0.0434  -0.0213 -0.0394 173 TYR A CB  
288 C CG  . TYR A 46  ? 0.2328 0.2962 0.2927 0.0442  -0.0275 -0.0488 173 TYR A CG  
289 C CD1 . TYR A 46  ? 0.2266 0.3220 0.2888 0.0450  -0.0327 -0.0454 173 TYR A CD1 
290 C CD2 . TYR A 46  ? 0.3045 0.3413 0.3416 0.0455  -0.0276 -0.0612 173 TYR A CD2 
291 C CE1 . TYR A 46  ? 0.2511 0.3601 0.2982 0.0520  -0.0339 -0.0546 173 TYR A CE1 
292 C CE2 . TYR A 46  ? 0.3248 0.3627 0.3387 0.0544  -0.0333 -0.0715 173 TYR A CE2 
293 C CZ  . TYR A 46  ? 0.2645 0.3429 0.2859 0.0605  -0.0344 -0.0687 173 TYR A CZ  
294 O OH  . TYR A 46  ? 0.2902 0.3711 0.2841 0.0753  -0.0356 -0.0794 173 TYR A OH  
295 N N   . SER A 47  ? 0.2452 0.3110 0.3457 0.0182  -0.0128 -0.0411 174 SER A N   
296 C CA  A SER A 47  ? 0.2652 0.3332 0.3642 -0.0025 -0.0191 -0.0450 174 SER A CA  
297 C CA  B SER A 47  ? 0.2788 0.3466 0.3782 -0.0028 -0.0186 -0.0449 174 SER A CA  
298 C C   . SER A 47  ? 0.2537 0.3741 0.3958 -0.0134 -0.0254 -0.0357 174 SER A C   
299 O O   . SER A 47  ? 0.2958 0.4227 0.4359 -0.0327 -0.0403 -0.0374 174 SER A O   
300 C CB  A SER A 47  ? 0.2965 0.3275 0.3741 -0.0158 -0.0082 -0.0477 174 SER A CB  
301 C CB  B SER A 47  ? 0.3233 0.3570 0.4042 -0.0159 -0.0066 -0.0466 174 SER A CB  
302 O OG  A SER A 47  ? 0.3276 0.3786 0.4323 -0.0156 0.0105  -0.0380 174 SER A OG  
303 O OG  B SER A 47  ? 0.3160 0.2942 0.3512 -0.0041 -0.0059 -0.0563 174 SER A OG  
304 N N   . MET A 48  ? 0.2338 0.3875 0.4094 0.0009  -0.0179 -0.0262 175 MET A N   
305 C CA  . MET A 48  ? 0.2527 0.4624 0.4721 -0.0011 -0.0273 -0.0177 175 MET A CA  
306 C C   . MET A 48  ? 0.2197 0.4330 0.4310 0.0069  -0.0480 -0.0176 175 MET A C   
307 O O   . MET A 48  ? 0.2612 0.5047 0.4915 -0.0029 -0.0661 -0.0147 175 MET A O   
308 C CB  . MET A 48  ? 0.3791 0.6192 0.6296 0.0202  -0.0104 -0.0086 175 MET A CB  
309 C CG  . MET A 48  ? 0.6637 0.9638 0.9587 0.0328  -0.0222 -0.0001 175 MET A CG  
310 S SD  . MET A 48  ? 0.5881 0.8599 0.8557 0.0689  -0.0338 0.0026  175 MET A SD  
311 C CE  . MET A 48  ? 0.7078 0.9196 0.9333 0.0869  -0.0106 0.0015  175 MET A CE  
312 N N   . ILE A 49  ? 0.2151 0.3981 0.3967 0.0216  -0.0468 -0.0190 176 ILE A N   
313 C CA  . ILE A 49  ? 0.2225 0.4050 0.3885 0.0253  -0.0632 -0.0168 176 ILE A CA  
314 C C   . ILE A 49  ? 0.2300 0.4021 0.3707 0.0109  -0.0727 -0.0250 176 ILE A C   
315 O O   . ILE A 49  ? 0.2712 0.4509 0.4053 0.0057  -0.0895 -0.0238 176 ILE A O   
316 C CB  . ILE A 49  ? 0.2671 0.4224 0.4061 0.0371  -0.0592 -0.0127 176 ILE A CB  
317 C CG1 . ILE A 49  ? 0.2512 0.4005 0.3970 0.0567  -0.0553 -0.0042 176 ILE A CG1 
318 C CG2 . ILE A 49  ? 0.2951 0.4459 0.4074 0.0314  -0.0731 -0.0100 176 ILE A CG2 
319 C CD1 . ILE A 49  ? 0.2632 0.4308 0.4194 0.0689  -0.0717 0.0026  176 ILE A CD1 
320 N N   . ILE A 50  ? 0.1900 0.3810 0.3192 -0.0022 0.0143  -0.0031 177 ILE A N   
321 C CA  . ILE A 50  ? 0.2047 0.3925 0.3303 -0.0109 0.0063  -0.0099 177 ILE A CA  
322 C C   . ILE A 50  ? 0.1994 0.4003 0.3589 -0.0250 0.0115  -0.0208 177 ILE A C   
323 O O   . ILE A 50  ? 0.2562 0.4407 0.4229 -0.0327 0.0268  -0.0168 177 ILE A O   
324 C CB  . ILE A 50  ? 0.1952 0.3515 0.2923 -0.0115 0.0098  -0.0025 177 ILE A CB  
325 C CG1 . ILE A 50  ? 0.2178 0.3632 0.2894 -0.0008 0.0034  0.0058  177 ILE A CG1 
326 C CG2 . ILE A 50  ? 0.2360 0.3888 0.3325 -0.0186 0.0052  -0.0099 177 ILE A CG2 
327 C CD1 . ILE A 50  ? 0.2462 0.4078 0.3158 0.0062  -0.0096 0.0049  177 ILE A CD1 
328 N N   . LYS A 51  ? 0.2175 0.4490 0.3989 -0.0283 -0.0013 -0.0342 178 LYS A N   
329 C CA  . LYS A 51  ? 0.2112 0.4559 0.4302 -0.0436 0.0013  -0.0475 178 LYS A CA  
330 C C   . LYS A 51  ? 0.1897 0.4132 0.4079 -0.0562 0.0043  -0.0577 178 LYS A C   
331 O O   . LYS A 51  ? 0.2538 0.4669 0.4970 -0.0693 0.0145  -0.0619 178 LYS A O   
332 C CB  . LYS A 51  ? 0.2399 0.5117 0.4690 -0.0406 -0.0171 -0.0573 178 LYS A CB  
333 C CG  . LYS A 51  ? 0.3472 0.6413 0.5922 -0.0304 -0.0171 -0.0483 178 LYS A CG  
334 C CD  . LYS A 51  ? 0.5697 0.8767 0.8562 -0.0419 -0.0072 -0.0496 178 LYS A CD  
335 C CE  . LYS A 51  ? 0.5964 0.9064 0.8932 -0.0335 0.0108  -0.0338 178 LYS A CE  
336 N NZ  . LYS A 51  ? 0.6214 0.9018 0.9014 -0.0362 0.0309  -0.0252 178 LYS A NZ  
337 N N   . HIS A 52  ? 0.2284 0.4367 0.4123 -0.0497 -0.0038 -0.0580 179 HIS A N   
338 C CA  . HIS A 52  ? 0.2352 0.4213 0.4138 -0.0572 -0.0015 -0.0680 179 HIS A CA  
339 C C   . HIS A 52  ? 0.2099 0.3657 0.3536 -0.0478 0.0051  -0.0515 179 HIS A C   
340 O O   . HIS A 52  ? 0.2206 0.3755 0.3383 -0.0395 -0.0033 -0.0518 179 HIS A O   
341 C CB  . HIS A 52  ? 0.2395 0.4460 0.4147 -0.0580 -0.0195 -0.0902 179 HIS A CB  
342 C CG  . HIS A 52  ? 0.3021 0.5343 0.5052 -0.0648 -0.0289 -0.1040 179 HIS A CG  
343 N ND1 . HIS A 52  ? 0.3705 0.5942 0.6079 -0.0804 -0.0201 -0.1126 179 HIS A ND1 
344 C CD2 . HIS A 52  ? 0.3584 0.6179 0.5569 -0.0559 -0.0443 -0.1052 179 HIS A CD2 
345 C CE1 . HIS A 52  ? 0.3640 0.6133 0.6189 -0.0824 -0.0317 -0.1209 179 HIS A CE1 
346 N NE2 . HIS A 52  ? 0.3709 0.6427 0.6026 -0.0672 -0.0466 -0.1167 179 HIS A NE2 
347 N N   . PRO A 53  ? 0.2113 0.3450 0.3547 -0.0482 0.0205  -0.0361 180 PRO A N   
348 C CA  . PRO A 53  ? 0.2250 0.3355 0.3392 -0.0394 0.0243  -0.0210 180 PRO A CA  
349 C C   . PRO A 53  ? 0.2190 0.3125 0.3280 -0.0403 0.0256  -0.0271 180 PRO A C   
350 O O   . PRO A 53  ? 0.2507 0.3382 0.3798 -0.0496 0.0298  -0.0411 180 PRO A O   
351 C CB  . PRO A 53  ? 0.2530 0.3478 0.3698 -0.0397 0.0402  -0.0055 180 PRO A CB  
352 C CG  . PRO A 53  ? 0.3068 0.4069 0.4593 -0.0521 0.0503  -0.0130 180 PRO A CG  
353 C CD  . PRO A 53  ? 0.2158 0.3477 0.3866 -0.0565 0.0357  -0.0313 180 PRO A CD  
354 N N   . MET A 54  ? 0.2231 0.3093 0.3078 -0.0308 0.0226  -0.0173 181 MET A N   
355 C CA  . MET A 54  ? 0.2136 0.2848 0.2933 -0.0281 0.0262  -0.0204 181 MET A CA  
356 C C   . MET A 54  ? 0.2336 0.2960 0.2959 -0.0185 0.0276  -0.0017 181 MET A C   
357 O O   . MET A 54  ? 0.2358 0.3075 0.2857 -0.0146 0.0207  0.0079  181 MET A O   
358 C CB  . MET A 54  ? 0.2583 0.3446 0.3303 -0.0263 0.0162  -0.0372 181 MET A CB  
359 C CG  . MET A 54  ? 0.2738 0.3461 0.3409 -0.0224 0.0218  -0.0456 181 MET A CG  
360 S SD  . MET A 54  ? 0.2903 0.3306 0.3821 -0.0302 0.0373  -0.0532 181 MET A SD  
361 C CE  . MET A 54  ? 0.3430 0.3973 0.4601 -0.0467 0.0312  -0.0753 181 MET A CE  
362 N N   . ASP A 55  ? 0.2225 0.2677 0.2869 -0.0145 0.0359  0.0025  182 ASP A N   
363 C CA  . ASP A 55  ? 0.2330 0.2752 0.2864 -0.0049 0.0356  0.0198  182 ASP A CA  
364 C C   . ASP A 55  ? 0.2307 0.2607 0.2895 0.0018  0.0436  0.0185  182 ASP A C   
365 O O   . ASP A 55  ? 0.2563 0.2725 0.3260 -0.0017 0.0513  0.0046  182 ASP A O   
366 C CB  . ASP A 55  ? 0.2613 0.2948 0.3112 -0.0031 0.0396  0.0362  182 ASP A CB  
367 C CG  . ASP A 55  ? 0.2654 0.2764 0.3279 -0.0038 0.0547  0.0404  182 ASP A CG  
368 O OD1 . ASP A 55  ? 0.2815 0.2874 0.3567 -0.0129 0.0617  0.0341  182 ASP A OD1 
369 O OD2 . ASP A 55  ? 0.2852 0.2837 0.3484 0.0053  0.0607  0.0510  182 ASP A OD2 
370 N N   . PHE A 56  ? 0.2389 0.2749 0.2926 0.0116  0.0416  0.0318  183 PHE A N   
371 C CA  . PHE A 56  ? 0.2620 0.2905 0.3224 0.0213  0.0501  0.0320  183 PHE A CA  
372 C C   . PHE A 56  ? 0.2653 0.2661 0.3373 0.0250  0.0634  0.0367  183 PHE A C   
373 O O   . PHE A 56  ? 0.3041 0.2888 0.3845 0.0304  0.0739  0.0284  183 PHE A O   
374 C CB  . PHE A 56  ? 0.2478 0.2939 0.3077 0.0307  0.0450  0.0482  183 PHE A CB  
375 C CG  . PHE A 56  ? 0.2803 0.3492 0.3351 0.0293  0.0382  0.0453  183 PHE A CG  
376 C CD1 . PHE A 56  ? 0.2645 0.3368 0.3134 0.0299  0.0423  0.0305  183 PHE A CD1 
377 C CD2 . PHE A 56  ? 0.2679 0.3547 0.3236 0.0281  0.0280  0.0581  183 PHE A CD2 
378 C CE1 . PHE A 56  ? 0.3704 0.4637 0.4129 0.0310  0.0389  0.0330  183 PHE A CE1 
379 C CE2 . PHE A 56  ? 0.2506 0.3556 0.3058 0.0262  0.0246  0.0590  183 PHE A CE2 
380 C CZ  . PHE A 56  ? 0.3020 0.4104 0.3501 0.0286  0.0313  0.0488  183 PHE A CZ  
381 N N   . GLY A 57  ? 0.2778 0.2709 0.3489 0.0240  0.0648  0.0516  184 GLY A N   
382 C CA  . GLY A 57  ? 0.3471 0.3114 0.4290 0.0285  0.0802  0.0608  184 GLY A CA  
383 C C   . GLY A 57  ? 0.3053 0.2479 0.4031 0.0163  0.0907  0.0412  184 GLY A C   
384 O O   . GLY A 57  ? 0.3617 0.2766 0.4741 0.0196  0.1046  0.0380  184 GLY A O   
385 N N   . THR A 58  ? 0.3075 0.2633 0.4058 0.0019  0.0836  0.0268  185 THR A N   
386 C CA  . THR A 58  ? 0.3203 0.2637 0.4383 -0.0123 0.0894  0.0046  185 THR A CA  
387 C C   . THR A 58  ? 0.3307 0.2711 0.4492 -0.0111 0.0874  -0.0197 185 THR A C   
388 O O   . THR A 58  ? 0.3695 0.2847 0.5060 -0.0167 0.0973  -0.0362 185 THR A O   
389 C CB  . THR A 58  ? 0.3355 0.3021 0.4550 -0.0250 0.0797  -0.0036 185 THR A CB  
390 O OG1 . THR A 58  ? 0.3314 0.2967 0.4496 -0.0248 0.0859  0.0176  185 THR A OG1 
391 C CG2 . THR A 58  ? 0.3441 0.3069 0.4889 -0.0411 0.0814  -0.0296 185 THR A CG2 
392 N N   . MET A 59  ? 0.3324 0.2965 0.4312 -0.0029 0.0762  -0.0219 186 MET A N   
393 C CA  . MET A 59  ? 0.3355 0.2990 0.4285 0.0017  0.0764  -0.0433 186 MET A CA  
394 C C   . MET A 59  ? 0.4096 0.3433 0.5115 0.0134  0.0924  -0.0405 186 MET A C   
395 O O   . MET A 59  ? 0.4284 0.3428 0.5356 0.0125  0.0993  -0.0644 186 MET A O   
396 C CB  . MET A 59  ? 0.2990 0.2940 0.3699 0.0099  0.0655  -0.0391 186 MET A CB  
397 C CG  . MET A 59  ? 0.2701 0.2902 0.3324 0.0007  0.0511  -0.0447 186 MET A CG  
398 S SD  . MET A 59  ? 0.3576 0.4089 0.3969 0.0101  0.0416  -0.0334 186 MET A SD  
399 C CE  . MET A 59  ? 0.4753 0.5292 0.4994 0.0189  0.0462  -0.0554 186 MET A CE  
400 N N   . LYS A 60  ? 0.3676 0.2971 0.4713 0.0256  0.0981  -0.0124 187 LYS A N   
401 C CA  . LYS A 60  ? 0.3925 0.2935 0.5080 0.0399  0.1143  -0.0054 187 LYS A CA  
402 C C   . LYS A 60  ? 0.4843 0.3441 0.6208 0.0307  0.1286  -0.0155 187 LYS A C   
403 O O   . LYS A 60  ? 0.4997 0.3300 0.6465 0.0360  0.1414  -0.0308 187 LYS A O   
404 C CB  . LYS A 60  ? 0.4116 0.3207 0.5265 0.0544  0.1144  0.0287  187 LYS A CB  
405 C CG  . LYS A 60  ? 0.4854 0.3681 0.6141 0.0732  0.1309  0.0413  187 LYS A CG  
406 C CD  . LYS A 60  ? 0.6047 0.4833 0.7349 0.0830  0.1383  0.0210  187 LYS A CD  
407 C CE  . LYS A 60  ? 0.6356 0.4848 0.7824 0.1039  0.1568  0.0326  187 LYS A CE  
408 N NZ  . LYS A 60  ? 0.6423 0.5179 0.7921 0.1229  0.1524  0.0654  187 LYS A NZ  
409 N N   . ASP A 61  ? 0.4623 0.3184 0.6076 0.0168  0.1284  -0.0077 188 ASP A N   
410 C CA  . ASP A 61  ? 0.5324 0.3507 0.7045 0.0046  0.1438  -0.0159 188 ASP A CA  
411 C C   . ASP A 61  ? 0.4425 0.2546 0.6251 -0.0108 0.1402  -0.0572 188 ASP A C   
412 O O   . ASP A 61  ? 0.5135 0.2868 0.7193 -0.0168 0.1543  -0.0729 188 ASP A O   
413 C CB  . ASP A 61  ? 0.4648 0.2880 0.6450 -0.0075 0.1454  0.0013  188 ASP A CB  
414 C CG  . ASP A 61  ? 0.6046 0.4270 0.7724 0.0085  0.1512  0.0407  188 ASP A CG  
415 O OD1 . ASP A 61  ? 0.5860 0.3972 0.7488 0.0279  0.1569  0.0566  188 ASP A OD1 
416 O OD2 . ASP A 61  ? 0.5781 0.4136 0.7410 0.0027  0.1499  0.0554  188 ASP A OD2 
417 N N   . LYS A 62  ? 0.5453 0.3946 0.7114 -0.0176 0.1211  -0.0756 189 LYS A N   
418 C CA  . LYS A 62  ? 0.4982 0.3477 0.6694 -0.0304 0.1140  -0.1160 189 LYS A CA  
419 C C   . LYS A 62  ? 0.4525 0.2830 0.6121 -0.0167 0.1205  -0.1355 189 LYS A C   
420 O O   . LYS A 62  ? 0.5154 0.3239 0.6864 -0.0259 0.1231  -0.1697 189 LYS A O   
421 C CB  . LYS A 62  ? 0.4724 0.3686 0.6257 -0.0370 0.0917  -0.1269 189 LYS A CB  
422 C CG  . LYS A 62  ? 0.4126 0.3251 0.5855 -0.0540 0.0861  -0.1208 189 LYS A CG  
423 C CD  . LYS A 62  ? 0.4272 0.3855 0.5813 -0.0551 0.0651  -0.1258 189 LYS A CD  
424 C CE  . LYS A 62  ? 0.4559 0.4300 0.6115 -0.0648 0.0508  -0.1641 189 LYS A CE  
425 N NZ  . LYS A 62  ? 0.5203 0.5387 0.6688 -0.0680 0.0318  -0.1641 189 LYS A NZ  
426 N N   . ILE A 63  ? 0.5396 0.3789 0.6788 0.0052  0.1238  -0.1160 190 ILE A N   
427 C CA  . ILE A 63  ? 0.5888 0.4090 0.7198 0.0221  0.1351  -0.1301 190 ILE A CA  
428 C C   . ILE A 63  ? 0.5291 0.2946 0.6884 0.0233  0.1563  -0.1326 190 ILE A C   
429 O O   . ILE A 63  ? 0.5410 0.2879 0.6995 0.0207  0.1579  -0.1590 190 ILE A O   
430 C CB  . ILE A 63  ? 0.5467 0.3906 0.6606 0.0448  0.1367  -0.1026 190 ILE A CB  
431 C CG1 . ILE A 63  ? 0.5050 0.3977 0.5931 0.0431  0.1186  -0.1009 190 ILE A CG1 
432 C CG2 . ILE A 63  ? 0.6155 0.4388 0.7264 0.0653  0.1530  -0.1133 190 ILE A CG2 
433 C CD1 . ILE A 63  ? 0.4714 0.3901 0.5505 0.0613  0.1200  -0.0732 190 ILE A CD1 
434 N N   . VAL A 64  ? 0.6338 0.3841 0.8101 0.0269  0.1662  -0.0975 191 VAL A N   
435 C CA  . VAL A 64  ? 0.6269 0.3414 0.8221 0.0291  0.1810  -0.0850 191 VAL A CA  
436 C C   . VAL A 64  ? 0.6580 0.3534 0.8741 0.0045  0.1810  -0.1105 191 VAL A C   
437 O O   . VAL A 64  ? 0.6727 0.3394 0.8981 0.0048  0.1892  -0.1251 191 VAL A O   
438 C CB  . VAL A 64  ? 0.6192 0.3333 0.8209 0.0380  0.1883  -0.0397 191 VAL A CB  
439 C CG1 . VAL A 64  ? 0.6142 0.2952 0.8362 0.0361  0.2039  -0.0270 191 VAL A CG1 
440 C CG2 . VAL A 64  ? 0.6123 0.3466 0.7979 0.0644  0.1871  -0.0151 191 VAL A CG2 
441 N N   . ALA A 65  ? 0.5894 0.3031 0.8151 -0.0165 0.1711  -0.1167 192 ALA A N   
442 C CA  . ALA A 65  ? 0.6028 0.3100 0.8522 -0.0402 0.1678  -0.1422 192 ALA A CA  
443 C C   . ALA A 65  ? 0.6357 0.3493 0.8720 -0.0454 0.1539  -0.1863 192 ALA A C   
444 O O   . ALA A 65  ? 0.7541 0.4624 1.0095 -0.0636 0.1492  -0.2107 192 ALA A O   
445 C CB  . ALA A 65  ? 0.5245 0.2590 0.7882 -0.0590 0.1593  -0.1362 192 ALA A CB  
446 N N   . ASN A 66  ? 0.7376 0.4655 0.9406 -0.0284 0.1476  -0.1957 193 ASN A N   
447 C CA  . ASN A 66  ? 0.8024 0.5400 0.9818 -0.0276 0.1349  -0.2344 193 ASN A CA  
448 C C   . ASN A 66  ? 0.8029 0.5773 0.9810 -0.0476 0.1120  -0.2584 193 ASN A C   
449 O O   . ASN A 66  ? 0.7843 0.5623 0.9565 -0.0558 0.1002  -0.2911 193 ASN A O   
450 C CB  . ASN A 66  ? 0.9656 0.6631 1.1543 -0.0273 0.1444  -0.2530 193 ASN A CB  
451 C CG  . ASN A 66  ? 1.0929 0.7948 1.2465 -0.0174 0.1354  -0.2874 193 ASN A CG  
452 O OD1 . ASN A 66  ? 1.0954 0.8156 1.2159 0.0029  0.1350  -0.2839 193 ASN A OD1 
453 N ND2 . ASN A 66  ? 1.1482 0.8344 1.3081 -0.0310 0.1288  -0.3201 193 ASN A ND2 
454 N N   . GLU A 67  ? 0.6659 0.4698 0.8488 -0.0541 0.1048  -0.2418 194 GLU A N   
455 C CA  . GLU A 67  ? 0.6609 0.5051 0.8452 -0.0706 0.0824  -0.2596 194 GLU A CA  
456 C C   . GLU A 67  ? 0.6482 0.5286 0.7895 -0.0595 0.0644  -0.2776 194 GLU A C   
457 O O   . GLU A 67  ? 0.7309 0.6448 0.8675 -0.0692 0.0436  -0.2960 194 GLU A O   
458 C CB  . GLU A 67  ? 0.6700 0.5334 0.8736 -0.0801 0.0814  -0.2344 194 GLU A CB  
459 C CG  . GLU A 67  ? 0.7086 0.5493 0.9535 -0.0937 0.0960  -0.2168 194 GLU A CG  
460 C CD  . GLU A 67  ? 0.5865 0.4448 0.8420 -0.0980 0.0979  -0.1877 194 GLU A CD  
461 O OE1 . GLU A 67  ? 0.5200 0.4189 0.7700 -0.1039 0.0801  -0.1942 194 GLU A OE1 
462 O OE2 . GLU A 67  ? 0.5573 0.3903 0.8232 -0.0930 0.1168  -0.1567 194 GLU A OE2 
463 N N   . TYR A 68  ? 0.6415 0.5195 0.7517 -0.0374 0.0726  -0.2690 195 TYR A N   
464 C CA  . TYR A 68  ? 0.5987 0.5120 0.6646 -0.0237 0.0596  -0.2797 195 TYR A CA  
465 C C   . TYR A 68  ? 0.7330 0.6316 0.7768 -0.0168 0.0589  -0.3067 195 TYR A C   
466 O O   . TYR A 68  ? 0.7323 0.5966 0.7732 -0.0037 0.0770  -0.3053 195 TYR A O   
467 C CB  . TYR A 68  ? 0.6593 0.5840 0.7040 -0.0025 0.0702  -0.2516 195 TYR A CB  
468 C CG  . TYR A 68  ? 0.5278 0.4747 0.5833 -0.0068 0.0649  -0.2129 195 TYR A CG  
469 C CD1 . TYR A 68  ? 0.5630 0.5470 0.6137 -0.0166 0.0453  -0.2125 195 TYR A CD1 
470 C CD2 . TYR A 68  ? 0.5352 0.4666 0.6040 0.0008  0.0789  -0.1777 195 TYR A CD2 
471 C CE1 . TYR A 68  ? 0.4186 0.4191 0.4776 -0.0190 0.0420  -0.1796 195 TYR A CE1 
472 C CE2 . TYR A 68  ? 0.4198 0.3701 0.4940 -0.0024 0.0734  -0.1464 195 TYR A CE2 
473 C CZ  . TYR A 68  ? 0.4410 0.4235 0.5101 -0.0125 0.0559  -0.1484 195 TYR A CZ  
474 O OH  . TYR A 68  ? 0.4425 0.4403 0.5156 -0.0146 0.0517  -0.1200 195 TYR A OH  
475 N N   . LYS A 69  ? 0.7686 0.6923 0.7963 -0.0242 0.0382  -0.3301 196 LYS A N   
476 C CA  . LYS A 69  ? 0.8594 0.7725 0.8574 -0.0164 0.0353  -0.3575 196 LYS A CA  
477 C C   . LYS A 69  ? 0.8870 0.8241 0.8316 0.0072  0.0353  -0.3526 196 LYS A C   
478 O O   . LYS A 69  ? 0.9659 0.8927 0.8785 0.0176  0.0368  -0.3726 196 LYS A O   
479 C CB  . LYS A 69  ? 0.9211 0.8504 0.9281 -0.0349 0.0132  -0.3851 196 LYS A CB  
480 C CG  . LYS A 69  ? 1.0767 0.9715 1.0793 -0.0375 0.0156  -0.4172 196 LYS A CG  
481 C CD  . LYS A 69  ? 1.0776 0.9544 1.1323 -0.0635 0.0126  -0.4305 196 LYS A CD  
482 C CE  . LYS A 69  ? 1.1270 0.9657 1.1777 -0.0665 0.0152  -0.4643 196 LYS A CE  
483 N NZ  . LYS A 69  ? 1.1601 0.9427 1.2404 -0.0669 0.0403  -0.4571 196 LYS A NZ  
484 N N   . SER A 70  ? 0.7886 0.7559 0.7232 0.0162  0.0356  -0.3251 197 SER A N   
485 C CA  . SER A 70  ? 0.7612 0.7574 0.6484 0.0363  0.0351  -0.3151 197 SER A CA  
486 C C   . SER A 70  ? 0.6762 0.6902 0.5662 0.0463  0.0452  -0.2799 197 SER A C   
487 O O   . SER A 70  ? 0.6017 0.6163 0.5242 0.0355  0.0446  -0.2667 197 SER A O   
488 C CB  . SER A 70  ? 0.8064 0.8416 0.6714 0.0318  0.0102  -0.3237 197 SER A CB  
489 O OG  . SER A 70  ? 0.7999 0.8524 0.6994 0.0130  -0.0057 -0.3207 197 SER A OG  
490 N N   . VAL A 71  ? 0.5850 0.6146 0.4413 0.0665  0.0552  -0.2641 198 VAL A N   
491 C CA  . VAL A 71  ? 0.5376 0.5930 0.3955 0.0747  0.0610  -0.2287 198 VAL A CA  
492 C C   . VAL A 71  ? 0.5852 0.6750 0.4391 0.0656  0.0393  -0.2186 198 VAL A C   
493 O O   . VAL A 71  ? 0.5562 0.6600 0.4253 0.0633  0.0391  -0.1949 198 VAL A O   
494 C CB  . VAL A 71  ? 0.6105 0.6762 0.4400 0.0958  0.0779  -0.2107 198 VAL A CB  
495 C CG1 . VAL A 71  ? 0.6003 0.6889 0.4424 0.1017  0.0852  -0.1716 198 VAL A CG1 
496 C CG2 . VAL A 71  ? 0.6926 0.7243 0.5252 0.1064  0.0992  -0.2236 198 VAL A CG2 
497 N N   . THR A 72  ? 0.5947 0.6988 0.4295 0.0614  0.0209  -0.2355 199 THR A N   
498 C CA  . THR A 72  ? 0.5386 0.6762 0.3719 0.0562  0.0010  -0.2232 199 THR A CA  
499 C C   . THR A 72  ? 0.5297 0.6656 0.4036 0.0375  -0.0077 -0.2245 199 THR A C   
500 O O   . THR A 72  ? 0.4756 0.6324 0.3557 0.0362  -0.0141 -0.2021 199 THR A O   
501 C CB  . THR A 72  ? 0.6458 0.8001 0.4559 0.0570  -0.0167 -0.2423 199 THR A CB  
502 O OG1 . THR A 72  ? 0.8389 0.9704 0.6630 0.0447  -0.0210 -0.2779 199 THR A OG1 
503 C CG2 . THR A 72  ? 0.5919 0.7541 0.3578 0.0771  -0.0076 -0.2341 199 THR A CG2 
504 N N   . GLU A 73  ? 0.5601 0.6684 0.4638 0.0227  -0.0058 -0.2484 200 GLU A N   
505 C CA  . GLU A 73  ? 0.5360 0.6383 0.4824 0.0040  -0.0089 -0.2472 200 GLU A CA  
506 C C   . GLU A 73  ? 0.5287 0.6193 0.4889 0.0076  0.0063  -0.2108 200 GLU A C   
507 O O   . GLU A 73  ? 0.4738 0.5748 0.4523 -0.0001 0.0007  -0.1892 200 GLU A O   
508 C CB  . GLU A 73  ? 0.6556 0.7235 0.6350 -0.0124 -0.0047 -0.2723 200 GLU A CB  
509 C CG  . GLU A 73  ? 0.7960 0.8776 0.7825 -0.0242 -0.0237 -0.2960 200 GLU A CG  
510 C CD  . GLU A 73  ? 0.9365 0.9802 0.9418 -0.0344 -0.0165 -0.3223 200 GLU A CD  
511 O OE1 . GLU A 73  ? 1.0636 1.1125 1.0532 -0.0347 -0.0279 -0.3467 200 GLU A OE1 
512 O OE2 . GLU A 73  ? 0.9368 0.9441 0.9723 -0.0414 0.0010  -0.3174 200 GLU A OE2 
513 N N   . PHE A 74  ? 0.4740 0.5426 0.4281 0.0199  0.0253  -0.2006 201 PHE A N   
514 C CA  . PHE A 74  ? 0.3841 0.4449 0.3522 0.0245  0.0373  -0.1628 201 PHE A CA  
515 C C   . PHE A 74  ? 0.3949 0.4876 0.3473 0.0302  0.0297  -0.1357 201 PHE A C   
516 O O   . PHE A 74  ? 0.3604 0.4548 0.3303 0.0241  0.0275  -0.1117 201 PHE A O   
517 C CB  . PHE A 74  ? 0.3823 0.4231 0.3457 0.0399  0.0572  -0.1593 201 PHE A CB  
518 C CG  . PHE A 74  ? 0.3698 0.4102 0.3476 0.0467  0.0671  -0.1222 201 PHE A CG  
519 C CD1 . PHE A 74  ? 0.4285 0.4439 0.4361 0.0413  0.0739  -0.1091 201 PHE A CD1 
520 C CD2 . PHE A 74  ? 0.4076 0.4735 0.3697 0.0586  0.0699  -0.1003 201 PHE A CD2 
521 C CE1 . PHE A 74  ? 0.4579 0.4776 0.4770 0.0483  0.0795  -0.0772 201 PHE A CE1 
522 C CE2 . PHE A 74  ? 0.4363 0.5052 0.4163 0.0627  0.0763  -0.0696 201 PHE A CE2 
523 C CZ  . PHE A 74  ? 0.4275 0.4751 0.4348 0.0579  0.0794  -0.0593 201 PHE A CZ  
524 N N   . LYS A 75  ? 0.4024 0.5186 0.3206 0.0429  0.0269  -0.1391 202 LYS A N   
525 C CA  . LYS A 75  ? 0.4036 0.5465 0.3078 0.0487  0.0214  -0.1126 202 LYS A CA  
526 C C   . LYS A 75  ? 0.3688 0.5260 0.2838 0.0374  0.0034  -0.1112 202 LYS A C   
527 O O   . LYS A 75  ? 0.3808 0.5458 0.3021 0.0369  0.0014  -0.0850 202 LYS A O   
528 C CB  . LYS A 75  ? 0.5021 0.6670 0.3648 0.0659  0.0235  -0.1161 202 LYS A CB  
529 C CG  . LYS A 75  ? 0.6724 0.8287 0.5259 0.0802  0.0451  -0.1108 202 LYS A CG  
530 C CD  . LYS A 75  ? 0.8507 1.0212 0.6707 0.0937  0.0481  -0.1036 202 LYS A CD  
531 C CE  . LYS A 75  ? 0.9936 1.1547 0.8112 0.1060  0.0709  -0.0970 202 LYS A CE  
532 N NZ  . LYS A 75  ? 0.9997 1.1730 0.8308 0.1105  0.0827  -0.0591 202 LYS A NZ  
533 N N   . ALA A 76  ? 0.3625 0.5236 0.2832 0.0279  -0.0094 -0.1398 203 ALA A N   
534 C CA  . ALA A 76  ? 0.3556 0.5343 0.2929 0.0180  -0.0254 -0.1384 203 ALA A CA  
535 C C   . ALA A 76  ? 0.3642 0.5253 0.3348 0.0071  -0.0189 -0.1184 203 ALA A C   
536 O O   . ALA A 76  ? 0.3362 0.5101 0.3131 0.0064  -0.0249 -0.1006 203 ALA A O   
537 C CB  . ALA A 76  ? 0.3900 0.5779 0.3367 0.0072  -0.0398 -0.1750 203 ALA A CB  
538 N N   . ASP A 77  ? 0.3321 0.4633 0.3222 0.0006  -0.0060 -0.1207 204 ASP A N   
539 C CA  . ASP A 77  ? 0.2977 0.4127 0.3132 -0.0072 0.0009  -0.1011 204 ASP A CA  
540 C C   . ASP A 77  ? 0.3230 0.4396 0.3286 0.0018  0.0054  -0.0709 204 ASP A C   
541 O O   . ASP A 77  ? 0.2691 0.3871 0.2841 -0.0019 0.0031  -0.0546 204 ASP A O   
542 C CB  . ASP A 77  ? 0.3602 0.4422 0.3960 -0.0131 0.0146  -0.1080 204 ASP A CB  
543 C CG  . ASP A 77  ? 0.3704 0.4449 0.4358 -0.0299 0.0128  -0.1259 204 ASP A CG  
544 O OD1 . ASP A 77  ? 0.4559 0.5548 0.5297 -0.0372 0.0003  -0.1314 204 ASP A OD1 
545 O OD2 . ASP A 77  ? 0.4388 0.4831 0.5224 -0.0353 0.0252  -0.1331 204 ASP A OD2 
546 N N   . PHE A 78  ? 0.3131 0.4300 0.3013 0.0134  0.0124  -0.0644 205 PHE A N   
547 C CA  . PHE A 78  ? 0.3209 0.4434 0.3053 0.0197  0.0158  -0.0375 205 PHE A CA  
548 C C   . PHE A 78  ? 0.3185 0.4605 0.2932 0.0207  0.0055  -0.0269 205 PHE A C   
549 O O   . PHE A 78  ? 0.2733 0.4132 0.2565 0.0178  0.0038  -0.0093 205 PHE A O   
550 C CB  . PHE A 78  ? 0.3673 0.4924 0.3388 0.0320  0.0268  -0.0335 205 PHE A CB  
551 C CG  . PHE A 78  ? 0.3755 0.5105 0.3487 0.0365  0.0306  -0.0071 205 PHE A CG  
552 C CD1 . PHE A 78  ? 0.3865 0.5134 0.3804 0.0315  0.0312  0.0089  205 PHE A CD1 
553 C CD2 . PHE A 78  ? 0.3815 0.5348 0.3365 0.0454  0.0334  0.0018  205 PHE A CD2 
554 C CE1 . PHE A 78  ? 0.4334 0.5704 0.4343 0.0328  0.0326  0.0299  205 PHE A CE1 
555 C CE2 . PHE A 78  ? 0.3971 0.5582 0.3607 0.0468  0.0383  0.0264  205 PHE A CE2 
556 C CZ  . PHE A 78  ? 0.3757 0.5288 0.3647 0.0392  0.0370  0.0387  205 PHE A CZ  
557 N N   . LYS A 79  ? 0.3244 0.4848 0.2800 0.0261  -0.0018 -0.0381 206 LYS A N   
558 C CA  . LYS A 79  ? 0.2933 0.4716 0.2397 0.0302  -0.0111 -0.0261 206 LYS A CA  
559 C C   . LYS A 79  ? 0.2921 0.4693 0.2596 0.0208  -0.0193 -0.0266 206 LYS A C   
560 O O   . LYS A 79  ? 0.2850 0.4631 0.2554 0.0224  -0.0212 -0.0093 206 LYS A O   
561 C CB  . LYS A 79  ? 0.3387 0.5405 0.2581 0.0404  -0.0192 -0.0384 206 LYS A CB  
562 C CG  . LYS A 79  ? 0.3494 0.5703 0.2593 0.0482  -0.0285 -0.0226 206 LYS A CG  
563 C CD  . LYS A 79  ? 0.4945 0.7283 0.3832 0.0597  -0.0320 -0.0271 206 LYS A CD  
564 C CE  . LYS A 79  ? 0.5193 0.7590 0.4083 0.0675  -0.0355 -0.0073 206 LYS A CE  
565 N NZ  . LYS A 79  ? 0.5600 0.8066 0.4689 0.0615  -0.0474 -0.0145 206 LYS A NZ  
566 N N   . LEU A 80  ? 0.2950 0.4685 0.2792 0.0109  -0.0221 -0.0463 207 LEU A N   
567 C CA  . LEU A 80  ? 0.2472 0.4211 0.2547 0.0021  -0.0259 -0.0459 207 LEU A CA  
568 C C   . LEU A 80  ? 0.2775 0.4321 0.2927 0.0000  -0.0177 -0.0263 207 LEU A C   
569 O O   . LEU A 80  ? 0.2448 0.4023 0.2648 0.0006  -0.0204 -0.0163 207 LEU A O   
570 C CB  . LEU A 80  ? 0.2890 0.4586 0.3185 -0.0102 -0.0256 -0.0685 207 LEU A CB  
571 C CG  . LEU A 80  ? 0.2563 0.4247 0.3150 -0.0207 -0.0237 -0.0673 207 LEU A CG  
572 C CD1 . LEU A 80  ? 0.2649 0.4626 0.3286 -0.0169 -0.0357 -0.0657 207 LEU A CD1 
573 C CD2 . LEU A 80  ? 0.2326 0.3928 0.3171 -0.0346 -0.0197 -0.0880 207 LEU A CD2 
574 N N   . MET A 81  ? 0.2426 0.3777 0.2584 -0.0013 -0.0079 -0.0221 208 MET A N   
575 C CA  . MET A 81  ? 0.2276 0.3482 0.2474 -0.0022 -0.0028 -0.0050 208 MET A CA  
576 C C   . MET A 81  ? 0.2427 0.3693 0.2529 0.0031  -0.0072 0.0103  208 MET A C   
577 O O   . MET A 81  ? 0.2404 0.3612 0.2538 0.0013  -0.0090 0.0180  208 MET A O   
578 C CB  . MET A 81  ? 0.2561 0.3624 0.2773 -0.0004 0.0060  -0.0015 208 MET A CB  
579 C CG  . MET A 81  ? 0.2783 0.3728 0.3039 -0.0009 0.0088  0.0135  208 MET A CG  
580 S SD  . MET A 81  ? 0.3224 0.4085 0.3520 0.0055  0.0174  0.0195  208 MET A SD  
581 C CE  . MET A 81  ? 0.4001 0.5045 0.4222 0.0115  0.0153  0.0272  208 MET A CE  
582 N N   . CYS A 82  ? 0.2516 0.3879 0.2495 0.0098  -0.0074 0.0146  209 CYS A N   
583 C CA  . CYS A 82  ? 0.2675 0.4056 0.2609 0.0136  -0.0084 0.0314  209 CYS A CA  
584 C C   . CYS A 82  ? 0.2794 0.4240 0.2704 0.0167  -0.0154 0.0331  209 CYS A C   
585 O O   . CYS A 82  ? 0.2770 0.4123 0.2720 0.0162  -0.0163 0.0436  209 CYS A O   
586 C CB  . CYS A 82  ? 0.2509 0.3984 0.2329 0.0211  -0.0028 0.0388  209 CYS A CB  
587 S SG  . CYS A 82  ? 0.2941 0.4361 0.2853 0.0202  0.0075  0.0414  209 CYS A SG  
588 N N   . ASP A 83  ? 0.2575 0.4187 0.2439 0.0203  -0.0213 0.0215  210 ASP A N   
589 C CA  . ASP A 83  ? 0.2683 0.4409 0.2561 0.0260  -0.0287 0.0242  210 ASP A CA  
590 C C   . ASP A 83  ? 0.2794 0.4422 0.2841 0.0201  -0.0282 0.0222  210 ASP A C   
591 O O   . ASP A 83  ? 0.2684 0.4281 0.2755 0.0253  -0.0295 0.0310  210 ASP A O   
592 C CB  . ASP A 83  ? 0.2460 0.4448 0.2293 0.0304  -0.0381 0.0095  210 ASP A CB  
593 C CG  . ASP A 83  ? 0.3420 0.5482 0.3021 0.0402  -0.0371 0.0124  210 ASP A CG  
594 O OD1 . ASP A 83  ? 0.3797 0.5753 0.3304 0.0454  -0.0290 0.0308  210 ASP A OD1 
595 O OD2 . ASP A 83  ? 0.3681 0.5902 0.3215 0.0421  -0.0437 -0.0040 210 ASP A OD2 
596 N N   . ASN A 84  ? 0.2183 0.3748 0.2342 0.0107  -0.0246 0.0113  211 ASN A N   
597 C CA  . ASN A 84  ? 0.2156 0.3633 0.2440 0.0065  -0.0208 0.0112  211 ASN A CA  
598 C C   . ASN A 84  ? 0.2207 0.3483 0.2412 0.0080  -0.0180 0.0234  211 ASN A C   
599 O O   . ASN A 84  ? 0.2197 0.3429 0.2422 0.0115  -0.0176 0.0259  211 ASN A O   
600 C CB  . ASN A 84  ? 0.2219 0.3620 0.2611 -0.0031 -0.0140 0.0025  211 ASN A CB  
601 C CG  . ASN A 84  ? 0.2216 0.3793 0.2774 -0.0082 -0.0165 -0.0135 211 ASN A CG  
602 O OD1 . ASN A 84  ? 0.2464 0.4273 0.3083 -0.0047 -0.0252 -0.0191 211 ASN A OD1 
603 N ND2 . ASN A 84  ? 0.2287 0.3753 0.2946 -0.0170 -0.0094 -0.0212 211 ASN A ND2 
604 N N   . ALA A 85  ? 0.2224 0.3391 0.2360 0.0055  -0.0162 0.0293  212 ALA A N   
605 C CA  . ALA A 85  ? 0.2247 0.3251 0.2344 0.0043  -0.0164 0.0376  212 ALA A CA  
606 C C   . ALA A 85  ? 0.2626 0.3596 0.2705 0.0096  -0.0191 0.0455  212 ALA A C   
607 O O   . ALA A 85  ? 0.2630 0.3442 0.2703 0.0093  -0.0197 0.0468  212 ALA A O   
608 C CB  . ALA A 85  ? 0.2430 0.3398 0.2526 0.0005  -0.0154 0.0426  212 ALA A CB  
609 N N   . MET A 86  ? 0.2617 0.3715 0.2669 0.0159  -0.0200 0.0509  213 MET A N   
610 C CA  . MET A 86  ? 0.2638 0.3686 0.2674 0.0233  -0.0202 0.0630  213 MET A CA  
611 C C   . MET A 86  ? 0.2520 0.3619 0.2583 0.0322  -0.0228 0.0606  213 MET A C   
612 O O   . MET A 86  ? 0.2988 0.4030 0.3045 0.0417  -0.0223 0.0719  213 MET A O   
613 C CB  . MET A 86  ? 0.2929 0.4106 0.2881 0.0294  -0.0185 0.0737  213 MET A CB  
614 C CG  . MET A 86  ? 0.3019 0.4142 0.2999 0.0222  -0.0129 0.0802  213 MET A CG  
615 S SD  . MET A 86  ? 0.3768 0.5057 0.3624 0.0311  -0.0059 0.0932  213 MET A SD  
616 C CE  . MET A 86  ? 0.4227 0.5398 0.4083 0.0395  -0.0030 0.1088  213 MET A CE  
617 N N   . THR A 87  ? 0.2460 0.3674 0.2586 0.0306  -0.0241 0.0479  214 THR A N   
618 C CA  . THR A 87  ? 0.2388 0.3700 0.2607 0.0389  -0.0251 0.0449  214 THR A CA  
619 C C   . THR A 87  ? 0.2363 0.3484 0.2613 0.0368  -0.0191 0.0402  214 THR A C   
620 O O   . THR A 87  ? 0.2649 0.3684 0.2926 0.0462  -0.0168 0.0431  214 THR A O   
621 C CB  . THR A 87  ? 0.2339 0.3951 0.2664 0.0376  -0.0295 0.0335  214 THR A CB  
622 O OG1 . THR A 87  ? 0.2943 0.4746 0.3181 0.0422  -0.0369 0.0352  214 THR A OG1 
623 C CG2 . THR A 87  ? 0.2283 0.4063 0.2783 0.0457  -0.0302 0.0308  214 THR A CG2 
624 N N   . TYR A 88  ? 0.2256 0.3301 0.2475 0.0266  -0.0156 0.0333  215 TYR A N   
625 C CA  . TYR A 88  ? 0.2105 0.2995 0.2285 0.0263  -0.0094 0.0284  215 TYR A CA  
626 C C   . TYR A 88  ? 0.2540 0.3156 0.2600 0.0265  -0.0109 0.0304  215 TYR A C   
627 O O   . TYR A 88  ? 0.2533 0.3001 0.2542 0.0320  -0.0070 0.0256  215 TYR A O   
628 C CB  . TYR A 88  ? 0.2249 0.3147 0.2407 0.0175  -0.0048 0.0238  215 TYR A CB  
629 C CG  . TYR A 88  ? 0.2315 0.3071 0.2359 0.0196  0.0023  0.0206  215 TYR A CG  
630 C CD1 . TYR A 88  ? 0.2236 0.3082 0.2359 0.0248  0.0124  0.0177  215 TYR A CD1 
631 C CD2 . TYR A 88  ? 0.2509 0.3066 0.2364 0.0171  -0.0011 0.0200  215 TYR A CD2 
632 C CE1 . TYR A 88  ? 0.2279 0.2996 0.2241 0.0295  0.0212  0.0149  215 TYR A CE1 
633 C CE2 . TYR A 88  ? 0.2474 0.2910 0.2154 0.0211  0.0040  0.0149  215 TYR A CE2 
634 C CZ  . TYR A 88  ? 0.2460 0.2965 0.2166 0.0282  0.0164  0.0128  215 TYR A CZ  
635 O OH  . TYR A 88  ? 0.2927 0.3318 0.2412 0.0345  0.0238  0.0081  215 TYR A OH  
636 N N   . ASN A 89  ? 0.2588 0.3135 0.2623 0.0199  -0.0159 0.0359  216 ASN A N   
637 C CA  . ASN A 89  ? 0.2496 0.2804 0.2481 0.0153  -0.0190 0.0356  216 ASN A CA  
638 C C   . ASN A 89  ? 0.2705 0.2893 0.2767 0.0198  -0.0187 0.0448  216 ASN A C   
639 O O   . ASN A 89  ? 0.2933 0.3260 0.3046 0.0243  -0.0181 0.0561  216 ASN A O   
640 C CB  . ASN A 89  ? 0.2558 0.2897 0.2546 0.0045  -0.0236 0.0377  216 ASN A CB  
641 C CG  . ASN A 89  ? 0.2611 0.3041 0.2525 0.0020  -0.0226 0.0325  216 ASN A CG  
642 O OD1 . ASN A 89  ? 0.2828 0.3409 0.2787 0.0010  -0.0204 0.0355  216 ASN A OD1 
643 N ND2 . ASN A 89  ? 0.2369 0.2690 0.2151 0.0022  -0.0236 0.0248  216 ASN A ND2 
644 N N   . ARG A 90  ? 0.2968 0.2882 0.3022 0.0196  -0.0186 0.0399  217 ARG A N   
645 C CA  . ARG A 90  ? 0.2956 0.2680 0.3110 0.0234  -0.0159 0.0505  217 ARG A CA  
646 C C   . ARG A 90  ? 0.3091 0.2829 0.3352 0.0127  -0.0173 0.0626  217 ARG A C   
647 O O   . ARG A 90  ? 0.2983 0.2802 0.3253 0.0008  -0.0223 0.0579  217 ARG A O   
648 C CB  . ARG A 90  ? 0.3551 0.2924 0.3689 0.0235  -0.0150 0.0383  217 ARG A CB  
649 C CG  . ARG A 90  ? 0.4311 0.3626 0.4397 0.0402  -0.0084 0.0325  217 ARG A CG  
650 C CD  . ARG A 90  ? 0.6767 0.5709 0.6789 0.0407  -0.0068 0.0157  217 ARG A CD  
651 N NE  . ARG A 90  ? 0.7359 0.6299 0.7203 0.0305  -0.0133 -0.0030 217 ARG A NE  
652 C CZ  . ARG A 90  ? 0.8549 0.7206 0.8261 0.0292  -0.0151 -0.0233 217 ARG A CZ  
653 N NH1 . ARG A 90  ? 0.8855 0.7570 0.8361 0.0220  -0.0225 -0.0382 217 ARG A NH1 
654 N NH2 . ARG A 90  ? 0.8817 0.7125 0.8585 0.0362  -0.0095 -0.0289 217 ARG A NH2 
655 N N   . PRO A 91  ? 0.3218 0.2891 0.3569 0.0182  -0.0117 0.0805  218 PRO A N   
656 C CA  . PRO A 91  ? 0.3046 0.2759 0.3515 0.0088  -0.0090 0.0951  218 PRO A CA  
657 C C   . PRO A 91  ? 0.3508 0.3073 0.4131 -0.0098 -0.0134 0.0865  218 PRO A C   
658 O O   . PRO A 91  ? 0.3748 0.3491 0.4463 -0.0194 -0.0144 0.0914  218 PRO A O   
659 C CB  . PRO A 91  ? 0.3413 0.2988 0.3940 0.0200  0.0004  0.1167  218 PRO A CB  
660 C CG  . PRO A 91  ? 0.3695 0.3384 0.4085 0.0390  -0.0006 0.1157  218 PRO A CG  
661 C CD  . PRO A 91  ? 0.3338 0.2967 0.3681 0.0360  -0.0062 0.0915  218 PRO A CD  
662 N N   . ASP A 92  ? 0.3478 0.2745 0.4138 -0.0147 -0.0169 0.0722  219 ASP A N   
663 C CA  . ASP A 92  ? 0.3634 0.2784 0.4452 -0.0337 -0.0249 0.0602  219 ASP A CA  
664 C C   . ASP A 92  ? 0.3735 0.3037 0.4387 -0.0377 -0.0373 0.0397  219 ASP A C   
665 O O   . ASP A 92  ? 0.3858 0.2985 0.4430 -0.0419 -0.0454 0.0192  219 ASP A O   
666 C CB  . ASP A 92  ? 0.4324 0.3051 0.5261 -0.0381 -0.0236 0.0518  219 ASP A CB  
667 C CG  . ASP A 92  ? 0.5001 0.3630 0.6209 -0.0610 -0.0318 0.0423  219 ASP A CG  
668 O OD1 . ASP A 92  ? 0.6415 0.5328 0.7783 -0.0713 -0.0345 0.0513  219 ASP A OD1 
669 O OD2 . ASP A 92  ? 0.5080 0.3365 0.6355 -0.0685 -0.0359 0.0244  219 ASP A OD2 
670 N N   . THR A 93  ? 0.3193 0.2813 0.3770 -0.0347 -0.0379 0.0457  220 THR A N   
671 C CA  . THR A 93  ? 0.2948 0.2727 0.3393 -0.0374 -0.0475 0.0328  220 THR A CA  
672 C C   . THR A 93  ? 0.3240 0.3304 0.3816 -0.0425 -0.0485 0.0438  220 THR A C   
673 O O   . THR A 93  ? 0.2956 0.3129 0.3630 -0.0396 -0.0393 0.0599  220 THR A O   
674 C CB  . THR A 93  ? 0.3118 0.2961 0.3301 -0.0243 -0.0440 0.0273  220 THR A CB  
675 O OG1 . THR A 93  ? 0.3043 0.3066 0.3239 -0.0165 -0.0356 0.0406  220 THR A OG1 
676 C CG2 . THR A 93  ? 0.3439 0.3038 0.3496 -0.0163 -0.0409 0.0161  220 THR A CG2 
677 N N   . VAL A 94  ? 0.2544 0.4462 0.3738 -0.0328 -0.0364 0.0856  221 VAL A N   
678 C CA  . VAL A 94  ? 0.2567 0.4764 0.3895 -0.0188 -0.0368 0.0775  221 VAL A CA  
679 C C   . VAL A 94  ? 0.2574 0.4580 0.3680 -0.0101 -0.0269 0.0852  221 VAL A C   
680 O O   . VAL A 94  ? 0.2543 0.4774 0.3782 -0.0080 -0.0189 0.0817  221 VAL A O   
681 C CB  . VAL A 94  ? 0.3010 0.5260 0.4322 0.0047  -0.0594 0.0637  221 VAL A CB  
682 C CG1 . VAL A 94  ? 0.3297 0.5814 0.4942 -0.0022 -0.0729 0.0496  221 VAL A CG1 
683 C CG2 . VAL A 94  ? 0.3316 0.4994 0.4053 0.0198  -0.0644 0.0719  221 VAL A CG2 
684 N N   . TYR A 95  ? 0.2633 0.4227 0.3454 -0.0070 -0.0239 0.0921  222 TYR A N   
685 C CA  . TYR A 95  ? 0.2658 0.4072 0.3344 0.0022  -0.0150 0.0943  222 TYR A CA  
686 C C   . TYR A 95  ? 0.2544 0.4009 0.3316 -0.0083 -0.0083 0.0973  222 TYR A C   
687 O O   . TYR A 95  ? 0.2558 0.4102 0.3316 -0.0006 -0.0034 0.0963  222 TYR A O   
688 C CB  . TYR A 95  ? 0.2820 0.3765 0.3265 0.0052  -0.0078 0.0941  222 TYR A CB  
689 C CG  . TYR A 95  ? 0.3148 0.3860 0.3277 0.0163  -0.0143 0.0932  222 TYR A CG  
690 C CD1 . TYR A 95  ? 0.3628 0.4275 0.3529 0.0387  -0.0236 0.0913  222 TYR A CD1 
691 C CD2 . TYR A 95  ? 0.3640 0.4163 0.3658 0.0072  -0.0156 0.0922  222 TYR A CD2 
692 C CE1 . TYR A 95  ? 0.4229 0.4545 0.3708 0.0545  -0.0371 0.0891  222 TYR A CE1 
693 C CE2 . TYR A 95  ? 0.4196 0.4406 0.3786 0.0207  -0.0250 0.0905  222 TYR A CE2 
694 C CZ  . TYR A 95  ? 0.4061 0.4133 0.3340 0.0457  -0.0377 0.0891  222 TYR A CZ  
695 O OH  . TYR A 95  ? 0.5438 0.5060 0.4141 0.0660  -0.0548 0.0861  222 TYR A OH  
696 N N   . TYR A 96  ? 0.2522 0.3873 0.3316 -0.0236 -0.0108 0.0998  223 TYR A N   
697 C CA  . TYR A 96  ? 0.2622 0.3859 0.3317 -0.0296 -0.0104 0.1026  223 TYR A CA  
698 C C   . TYR A 96  ? 0.2743 0.4211 0.3402 -0.0356 0.0006  0.1053  223 TYR A C   
699 O O   . TYR A 96  ? 0.2910 0.4303 0.3385 -0.0317 0.0070  0.1059  223 TYR A O   
700 C CB  . TYR A 96  ? 0.2694 0.3691 0.3362 -0.0422 -0.0202 0.1037  223 TYR A CB  
701 C CG  . TYR A 96  ? 0.3006 0.3685 0.3392 -0.0441 -0.0276 0.1062  223 TYR A CG  
702 C CD1 . TYR A 96  ? 0.3325 0.3945 0.3425 -0.0552 -0.0171 0.1152  223 TYR A CD1 
703 C CD2 . TYR A 96  ? 0.3095 0.3457 0.3473 -0.0343 -0.0450 0.0960  223 TYR A CD2 
704 C CE1 . TYR A 96  ? 0.3837 0.3963 0.3447 -0.0548 -0.0243 0.1193  223 TYR A CE1 
705 C CE2 . TYR A 96  ? 0.3534 0.3486 0.3537 -0.0294 -0.0608 0.0960  223 TYR A CE2 
706 C CZ  . TYR A 96  ? 0.3967 0.3731 0.3480 -0.0391 -0.0508 0.1105  223 TYR A CZ  
707 O OH  . TYR A 96  ? 0.4724 0.3878 0.3626 -0.0327 -0.0664 0.1126  223 TYR A OH  
708 N N   . LYS A 97  ? 0.2705 0.4448 0.3567 -0.0461 0.0050  0.1029  224 LYS A N   
709 C CA  . LYS A 97  ? 0.2862 0.4835 0.3814 -0.0579 0.0236  0.0986  224 LYS A CA  
710 C C   . LYS A 97  ? 0.2817 0.5067 0.3902 -0.0436 0.0307  0.0893  224 LYS A C   
711 O O   . LYS A 97  ? 0.3041 0.5300 0.4024 -0.0506 0.0504  0.0869  224 LYS A O   
712 C CB  . LYS A 97  ? 0.2797 0.5078 0.4125 -0.0715 0.0259  0.0895  224 LYS A CB  
713 C CG  . LYS A 97  ? 0.2923 0.4919 0.4114 -0.0904 0.0245  0.0981  224 LYS A CG  
714 C CD  . LYS A 97  ? 0.2896 0.5225 0.4532 -0.1013 0.0234  0.0859  224 LYS A CD  
715 C CE  . LYS A 97  ? 0.4248 0.6272 0.5750 -0.1204 0.0223  0.0943  224 LYS A CE  
716 N NZ  . LYS A 97  ? 0.3886 0.6068 0.5654 -0.1162 0.0020  0.0876  224 LYS A NZ  
717 N N   . LEU A 98  ? 0.2629 0.5032 0.3873 -0.0230 0.0158  0.0832  225 LEU A N   
718 C CA  . LEU A 98  ? 0.2625 0.5276 0.4014 -0.0071 0.0188  0.0722  225 LEU A CA  
719 C C   . LEU A 98  ? 0.2691 0.5076 0.3767 0.0012  0.0237  0.0798  225 LEU A C   
720 O O   . LEU A 98  ? 0.2774 0.5312 0.3890 0.0048  0.0356  0.0728  225 LEU A O   
721 C CB  . LEU A 98  ? 0.2581 0.5333 0.4101 0.0164  -0.0027 0.0629  225 LEU A CB  
722 C CG  . LEU A 98  ? 0.2620 0.5664 0.4372 0.0350  -0.0047 0.0465  225 LEU A CG  
723 C CD1 . LEU A 98  ? 0.2680 0.6242 0.4970 0.0211  0.0107  0.0248  225 LEU A CD1 
724 C CD2 . LEU A 98  ? 0.3421 0.6355 0.5099 0.0640  -0.0325 0.0391  225 LEU A CD2 
725 N N   . ALA A 99  ? 0.2671 0.4675 0.3501 0.0043  0.0149  0.0897  226 ALA A N   
726 C CA  . ALA A 99  ? 0.2750 0.4509 0.3374 0.0126  0.0159  0.0909  226 ALA A CA  
727 C C   . ALA A 99  ? 0.3031 0.4678 0.3397 0.0023  0.0262  0.0932  226 ALA A C   
728 O O   . ALA A 99  ? 0.3229 0.4848 0.3458 0.0109  0.0321  0.0893  226 ALA A O   
729 C CB  . ALA A 99  ? 0.2703 0.4112 0.3267 0.0143  0.0057  0.0923  226 ALA A CB  
730 N N   . LYS A 100 ? 0.3217 0.4710 0.3428 -0.0160 0.0294  0.0995  227 LYS A N   
731 C CA  . LYS A 100 ? 0.3722 0.4897 0.3470 -0.0271 0.0427  0.1038  227 LYS A CA  
732 C C   . LYS A 100 ? 0.3867 0.5341 0.3704 -0.0347 0.0717  0.0957  227 LYS A C   
733 O O   . LYS A 100 ? 0.4264 0.5507 0.3709 -0.0329 0.0847  0.0946  227 LYS A O   
734 C CB  . LYS A 100 ? 0.3978 0.4857 0.3513 -0.0464 0.0427  0.1125  227 LYS A CB  
735 C CG  . LYS A 100 ? 0.5378 0.5675 0.4200 -0.0577 0.0565  0.1197  227 LYS A CG  
736 C CD  . LYS A 100 ? 0.5594 0.5509 0.4162 -0.0760 0.0554  0.1290  227 LYS A CD  
737 C CE  . LYS A 100 ? 0.8124 0.7442 0.5943 -0.0957 0.0855  0.1363  227 LYS A CE  
738 N NZ  . LYS A 100 ? 0.8928 0.8671 0.7051 -0.1160 0.1318  0.1262  227 LYS A NZ  
739 N N   . LYS A 101 ? 0.3591 0.5575 0.3973 -0.0417 0.0810  0.0853  228 LYS A N   
740 C CA  . LYS A 101 ? 0.3868 0.6206 0.4519 -0.0511 0.1106  0.0684  228 LYS A CA  
741 C C   . LYS A 101 ? 0.3846 0.6383 0.4598 -0.0297 0.1083  0.0589  228 LYS A C   
742 O O   . LYS A 101 ? 0.4136 0.6676 0.4764 -0.0362 0.1350  0.0500  228 LYS A O   
743 C CB  . LYS A 101 ? 0.3970 0.6853 0.5328 -0.0588 0.1126  0.0508  228 LYS A CB  
744 C CG  . LYS A 101 ? 0.4823 0.8129 0.6646 -0.0724 0.1465  0.0240  228 LYS A CG  
745 C CD  . LYS A 101 ? 0.6234 1.0000 0.8776 -0.0867 0.1515  0.0015  228 LYS A CD  
746 C CE  . LYS A 101 ? 0.6156 1.0204 0.9071 -0.0602 0.1060  -0.0032 228 LYS A CE  
747 N NZ  . LYS A 101 ? 0.6922 1.1606 1.0651 -0.0441 0.0960  -0.0409 228 LYS A NZ  
748 N N   . ILE A 102 ? 0.3246 0.5889 0.4174 -0.0054 0.0803  0.0599  229 ILE A N   
749 C CA  . ILE A 102 ? 0.3606 0.6408 0.4640 0.0151  0.0780  0.0502  229 ILE A CA  
750 C C   . ILE A 102 ? 0.4051 0.6427 0.4569 0.0220  0.0778  0.0593  229 ILE A C   
751 O O   . ILE A 102 ? 0.3748 0.6209 0.4250 0.0315  0.0866  0.0498  229 ILE A O   
752 C CB  . ILE A 102 ? 0.4254 0.7200 0.5565 0.0389  0.0517  0.0467  229 ILE A CB  
753 C CG1 . ILE A 102 ? 0.3841 0.6348 0.4836 0.0470  0.0350  0.0627  229 ILE A CG1 
754 C CG2 . ILE A 102 ? 0.3616 0.6896 0.5351 0.0369  0.0428  0.0351  229 ILE A CG2 
755 C CD1 . ILE A 102 ? 0.4503 0.6954 0.5572 0.0674  0.0176  0.0610  229 ILE A CD1 
756 N N   . LEU A 103 ? 0.3527 0.5443 0.3653 0.0192  0.0651  0.0730  230 LEU A N   
757 C CA  . LEU A 103 ? 0.3858 0.5344 0.3504 0.0282  0.0595  0.0749  230 LEU A CA  
758 C C   . LEU A 103 ? 0.4728 0.6035 0.3924 0.0168  0.0862  0.0726  230 LEU A C   
759 O O   . LEU A 103 ? 0.4707 0.5935 0.3694 0.0283  0.0910  0.0654  230 LEU A O   
760 C CB  . LEU A 103 ? 0.3979 0.4999 0.3341 0.0281  0.0370  0.0832  230 LEU A CB  
761 C CG  . LEU A 103 ? 0.4442 0.4942 0.3288 0.0417  0.0210  0.0796  230 LEU A CG  
762 C CD1 . LEU A 103 ? 0.4757 0.5393 0.3859 0.0634  0.0116  0.0667  230 LEU A CD1 
763 C CD2 . LEU A 103 ? 0.4978 0.5055 0.3666 0.0433  -0.0066 0.0812  230 LEU A CD2 
764 N N   . HIS A 104 ? 0.4992 0.6187 0.4005 -0.0076 0.1080  0.0773  231 HIS A N   
765 C CA  . HIS A 104 ? 0.6301 0.7191 0.4781 -0.0241 0.1443  0.0744  231 HIS A CA  
766 C C   . HIS A 104 ? 0.5442 0.6902 0.4425 -0.0259 0.1729  0.0536  231 HIS A C   
767 O O   . HIS A 104 ? 0.6028 0.7272 0.4601 -0.0258 0.1950  0.0468  231 HIS A O   
768 C CB  . HIS A 104 ? 0.6382 0.6983 0.4596 -0.0536 0.1678  0.0820  231 HIS A CB  
769 C CG  . HIS A 104 ? 0.9018 0.9072 0.6483 -0.0749 0.2129  0.0809  231 HIS A CG  
770 N ND1 . HIS A 104 ? 1.0269 1.0659 0.8102 -0.1026 0.2646  0.0633  231 HIS A ND1 
771 C CD2 . HIS A 104 ? 1.0940 1.0058 0.7255 -0.0722 0.2156  0.0920  231 HIS A CD2 
772 C CE1 . HIS A 104 ? 1.0808 1.0465 0.7717 -0.1205 0.3054  0.0657  231 HIS A CE1 
773 N NE2 . HIS A 104 ? 1.1664 1.0485 0.7551 -0.1007 0.2743  0.0852  231 HIS A NE2 
774 N N   . ALA A 105 ? 0.4704 0.6861 0.4560 -0.0249 0.1700  0.0404  232 ALA A N   
775 C CA  . ALA A 105 ? 0.4894 0.7621 0.5338 -0.0240 0.1921  0.0137  232 ALA A CA  
776 C C   . ALA A 105 ? 0.4414 0.7222 0.4871 0.0047  0.1737  0.0093  232 ALA A C   
777 O O   . ALA A 105 ? 0.4712 0.7710 0.5279 0.0051  0.1973  -0.0096 232 ALA A O   
778 C CB  . ALA A 105 ? 0.5059 0.8445 0.6412 -0.0242 0.1833  -0.0042 232 ALA A CB  
779 N N   . GLY A 106 ? 0.4468 0.7118 0.4840 0.0268  0.1358  0.0236  233 GLY A N   
780 C CA  . GLY A 106 ? 0.4501 0.7138 0.4851 0.0520  0.1207  0.0193  233 GLY A CA  
781 C C   . GLY A 106 ? 0.6332 0.8508 0.6007 0.0526  0.1321  0.0209  233 GLY A C   
782 O O   . GLY A 106 ? 0.6168 0.8453 0.5881 0.0659  0.1369  0.0082  233 GLY A O   
783 N N   . PHE A 107 ? 0.6452 0.8043 0.5441 0.0408  0.1332  0.0354  234 PHE A N   
784 C CA  . PHE A 107 ? 0.8303 0.9286 0.6458 0.0455  0.1381  0.0362  234 PHE A CA  
785 C C   . PHE A 107 ? 0.8780 0.9808 0.6737 0.0307  0.1843  0.0223  234 PHE A C   
786 O O   . PHE A 107 ? 0.9755 1.0436 0.7165 0.0410  0.1896  0.0163  234 PHE A O   
787 C CB  . PHE A 107 ? 0.9934 1.0170 0.7301 0.0381  0.1265  0.0529  234 PHE A CB  
788 C CG  . PHE A 107 ? 1.1751 1.1669 0.9006 0.0628  0.0783  0.0557  234 PHE A CG  
789 C CD1 . PHE A 107 ? 1.3116 1.2242 0.9558 0.0679  0.0562  0.0628  234 PHE A CD1 
790 C CD2 . PHE A 107 ? 1.1583 1.1943 0.9557 0.0811  0.0555  0.0473  234 PHE A CD2 
791 C CE1 . PHE A 107 ? 1.3265 1.2167 0.9782 0.0919  0.0093  0.0557  234 PHE A CE1 
792 C CE2 . PHE A 107 ? 1.1767 1.1873 0.9789 0.1000  0.0179  0.0422  234 PHE A CE2 
793 C CZ  . PHE A 107 ? 1.2583 1.2019 0.9961 0.1059  -0.0067 0.0435  234 PHE A CZ  
794 N N   . LYS A 108 ? 0.9047 1.0501 0.7486 0.0063  0.2191  0.0124  235 LYS A N   
795 C CA  . LYS A 108 ? 0.9701 1.1284 0.8149 -0.0121 0.2708  -0.0092 235 LYS A CA  
796 C C   . LYS A 108 ? 1.0278 1.2312 0.9170 0.0104  0.2656  -0.0295 235 LYS A C   
797 O O   . LYS A 108 ? 1.0940 1.2618 0.9247 0.0138  0.2835  -0.0359 235 LYS A O   
798 C CB  . LYS A 108 ? 0.9610 1.1745 0.8836 -0.0395 0.3034  -0.0262 235 LYS A CB  
799 C CG  . LYS A 108 ? 1.0506 1.2173 0.9288 -0.0676 0.3205  -0.0100 235 LYS A CG  
800 C CD  . LYS A 108 ? 1.1509 1.3628 1.0981 -0.1017 0.3726  -0.0376 235 LYS A CD  
801 C CE  . LYS A 108 ? 1.1954 1.4076 1.1637 -0.1192 0.3666  -0.0271 235 LYS A CE  
802 N NZ  . LYS A 108 ? 1.1432 1.4518 1.2422 -0.1114 0.3449  -0.0507 235 LYS A NZ  
803 N N   . MET A 109 ? 0.9471 1.2211 0.9321 0.0273  0.2397  -0.0403 236 MET A N   
804 C CA  . MET A 109 ? 0.9766 1.2953 1.0126 0.0495  0.2328  -0.0618 236 MET A CA  
805 C C   . MET A 109 ? 0.9659 1.2422 0.9456 0.0737  0.2090  -0.0518 236 MET A C   
806 O O   . MET A 109 ? 0.9240 1.1592 0.8648 0.0842  0.1771  -0.0306 236 MET A O   
807 C CB  . MET A 109 ? 0.9589 1.3378 1.0860 0.0681  0.1997  -0.0701 236 MET A CB  
808 C CG  . MET A 109 ? 0.9574 1.3598 1.1250 0.0517  0.1996  -0.0695 236 MET A CG  
809 S SD  . MET A 109 ? 0.9262 1.3825 1.1807 0.0797  0.1554  -0.0823 236 MET A SD  
810 C CE  . MET A 109 ? 0.7833 1.1903 0.9869 0.1075  0.1154  -0.0530 236 MET A CE  
# 
loop_
_pdbx_poly_seq_scheme.asym_id 
_pdbx_poly_seq_scheme.entity_id 
_pdbx_poly_seq_scheme.seq_id 
_pdbx_poly_seq_scheme.mon_id 
_pdbx_poly_seq_scheme.ndb_seq_num 
_pdbx_poly_seq_scheme.pdb_seq_num 
_pdbx_poly_seq_scheme.auth_seq_num 
_pdbx_poly_seq_scheme.pdb_mon_id 
_pdbx_poly_seq_scheme.auth_mon_id 
_pdbx_poly_seq_scheme.pdb_strand_id 
_pdbx_poly_seq_scheme.pdb_ins_code 
_pdbx_poly_seq_scheme.hetero 
A 1 1   SER 1   128 ?   ?   ?   A . n 
A 1 2   MET 2   129 ?   ?   ?   A . n 
A 1 3   LEU 3   130 ?   ?   ?   A . n 
A 1 4   LYS 4   131 ?   ?   ?   A . n 
A 1 5   LEU 5   132 ?   ?   ?   A . n 
A 1 6   SER 6   133 ?   ?   ?   A . n 
A 1 7   ALA 7   134 ?   ?   ?   A . n 
A 1 8   GLU 8   135 ?   ?   ?   A . n 
A 1 9   ASN 9   136 ?   ?   ?   A . n 
A 1 10  GLU 10  137 ?   ?   ?   A . n 
A 1 11  SER 11  138 138 SER SER A . n 
A 1 12  THR 12  139 139 THR THR A . n 
A 1 13  PRO 13  140 140 PRO PRO A . n 
A 1 14  ILE 14  141 141 ILE ILE A . n 
A 1 15  GLN 15  142 142 GLN GLN A . n 
A 1 16  GLN 16  143 143 GLN GLN A . n 
A 1 17  LEU 17  144 144 LEU LEU A . n 
A 1 18  LEU 18  145 145 LEU LEU A . n 
A 1 19  GLU 19  146 146 GLU GLU A . n 
A 1 20  HIS 20  147 147 HIS HIS A . n 
A 1 21  PHE 21  148 148 PHE PHE A . n 
A 1 22  LEU 22  149 149 LEU LEU A . n 
A 1 23  ARG 23  150 150 ARG ARG A . n 
A 1 24  GLN 24  151 151 GLN GLN A . n 
A 1 25  LEU 25  152 152 LEU LEU A . n 
A 1 26  GLN 26  153 153 GLN GLN A . n 
A 1 27  ARG 27  154 154 ARG ARG A . n 
A 1 28  LYS 28  155 155 LYS LYS A . n 
A 1 29  ASP 29  156 156 ASP ASP A . n 
A 1 30  PRO 30  157 157 PRO PRO A . n 
A 1 31  HIS 31  158 158 HIS HIS A . n 
A 1 32  GLY 32  159 159 GLY GLY A . n 
A 1 33  PHE 33  160 160 PHE PHE A . n 
A 1 34  PHE 34  161 161 PHE PHE A . n 
A 1 35  ALA 35  162 162 ALA ALA A . n 
A 1 36  PHE 36  163 163 PHE PHE A . n 
A 1 37  PRO 37  164 164 PRO PRO A . n 
A 1 38  VAL 38  165 165 VAL VAL A . n 
A 1 39  THR 39  166 166 THR THR A . n 
A 1 40  ASP 40  167 167 ASP ASP A . n 
A 1 41  ALA 41  168 168 ALA ALA A . n 
A 1 42  ILE 42  169 169 ILE ILE A . n 
A 1 43  ALA 43  170 170 ALA ALA A . n 
A 1 44  PRO 44  171 171 PRO PRO A . n 
A 1 45  GLY 45  172 172 GLY GLY A . n 
A 1 46  TYR 46  173 173 TYR TYR A . n 
A 1 47  SER 47  174 174 SER SER A . n 
A 1 48  MET 48  175 175 MET MET A . n 
A 1 49  ILE 49  176 176 ILE ILE A . n 
A 1 50  ILE 50  177 177 ILE ILE A . n 
A 1 51  LYS 51  178 178 LYS LYS A . n 
A 1 52  HIS 52  179 179 HIS HIS A . n 
A 1 53  PRO 53  180 180 PRO PRO A . n 
A 1 54  MET 54  181 181 MET MET A . n 
A 1 55  ASP 55  182 182 ASP ASP A . n 
A 1 56  PHE 56  183 183 PHE PHE A . n 
A 1 57  GLY 57  184 184 GLY GLY A . n 
A 1 58  THR 58  185 185 THR THR A . n 
A 1 59  MET 59  186 186 MET MET A . n 
A 1 60  LYS 60  187 187 LYS LYS A . n 
A 1 61  ASP 61  188 188 ASP ASP A . n 
A 1 62  LYS 62  189 189 LYS LYS A . n 
A 1 63  ILE 63  190 190 ILE ILE A . n 
A 1 64  VAL 64  191 191 VAL VAL A . n 
A 1 65  ALA 65  192 192 ALA ALA A . n 
A 1 66  ASN 66  193 193 ASN ASN A . n 
A 1 67  GLU 67  194 194 GLU GLU A . n 
A 1 68  TYR 68  195 195 TYR TYR A . n 
A 1 69  LYS 69  196 196 LYS LYS A . n 
A 1 70  SER 70  197 197 SER SER A . n 
A 1 71  VAL 71  198 198 VAL VAL A . n 
A 1 72  THR 72  199 199 THR THR A . n 
A 1 73  GLU 73  200 200 GLU GLU A . n 
A 1 74  PHE 74  201 201 PHE PHE A . n 
A 1 75  LYS 75  202 202 LYS LYS A . n 
A 1 76  ALA 76  203 203 ALA ALA A . n 
A 1 77  ASP 77  204 204 ASP ASP A . n 
A 1 78  PHE 78  205 205 PHE PHE A . n 
A 1 79  LYS 79  206 206 LYS LYS A . n 
A 1 80  LEU 80  207 207 LEU LEU A . n 
A 1 81  MET 81  208 208 MET MET A . n 
A 1 82  CYS 82  209 209 CYS CYS A . n 
A 1 83  ASP 83  210 210 ASP ASP A . n 
A 1 84  ASN 84  211 211 ASN ASN A . n 
A 1 85  ALA 85  212 212 ALA ALA A . n 
A 1 86  MET 86  213 213 MET MET A . n 
A 1 87  THR 87  214 214 THR THR A . n 
A 1 88  TYR 88  215 215 TYR TYR A . n 
A 1 89  ASN 89  216 216 ASN ASN A . n 
A 1 90  ARG 90  217 217 ARG ARG A . n 
A 1 91  PRO 91  218 218 PRO PRO A . n 
A 1 92  ASP 92  219 219 ASP ASP A . n 
A 1 93  THR 93  220 220 THR THR A . n 
A 1 94  VAL 94  221 221 VAL VAL A . n 
A 1 95  TYR 95  222 222 TYR TYR A . n 
A 1 96  TYR 96  223 223 TYR TYR A . n 
A 1 97  LYS 97  224 224 LYS LYS A . n 
A 1 98  LEU 98  225 225 LEU LEU A . n 
A 1 99  ALA 99  226 226 ALA ALA A . n 
A 1 100 LYS 100 227 227 LYS LYS A . n 
A 1 101 LYS 101 228 228 LYS LYS A . n 
A 1 102 ILE 102 229 229 ILE ILE A . n 
A 1 103 LEU 103 230 230 LEU LEU A . n 
A 1 104 HIS 104 231 231 HIS HIS A . n 
A 1 105 ALA 105 232 232 ALA ALA A . n 
A 1 106 GLY 106 233 233 GLY GLY A . n 
A 1 107 PHE 107 234 234 PHE PHE A . n 
A 1 108 LYS 108 235 235 LYS LYS A . n 
A 1 109 MET 109 236 236 MET MET A . n 
A 1 110 MET 110 237 ?   ?   ?   A . n 
A 1 111 SER 111 238 ?   ?   ?   A . n 
A 1 112 LYS 112 239 ?   ?   ?   A . n 
A 1 113 GLU 113 240 ?   ?   ?   A . n 
A 1 114 ARG 114 241 ?   ?   ?   A . n 
A 1 115 LEU 115 242 ?   ?   ?   A . n 
A 1 116 LEU 116 243 ?   ?   ?   A . n 
A 1 117 ALA 117 244 ?   ?   ?   A . n 
A 1 118 LEU 118 245 ?   ?   ?   A . n 
A 1 119 LYS 119 246 ?   ?   ?   A . n 
A 1 120 ARG 120 247 ?   ?   ?   A . n 
A 1 121 SER 121 248 ?   ?   ?   A . n 
A 1 122 MET 122 249 ?   ?   ?   A . n 
A 1 123 SER 123 250 ?   ?   ?   A . n 
# 
loop_
_pdbx_nonpoly_scheme.asym_id 
_pdbx_nonpoly_scheme.entity_id 
_pdbx_nonpoly_scheme.mon_id 
_pdbx_nonpoly_scheme.ndb_seq_num 
_pdbx_nonpoly_scheme.pdb_seq_num 
_pdbx_nonpoly_scheme.auth_seq_num 
_pdbx_nonpoly_scheme.pdb_mon_id 
_pdbx_nonpoly_scheme.auth_mon_id 
_pdbx_nonpoly_scheme.pdb_strand_id 
_pdbx_nonpoly_scheme.pdb_ins_code 
B 2 B49 1  301 1   B49 LIG A . 
C 3 HOH 1  401 101 HOH HOH A . 
C 3 HOH 2  402 62  HOH HOH A . 
C 3 HOH 3  403 108 HOH HOH A . 
C 3 HOH 4  404 107 HOH HOH A . 
C 3 HOH 5  405 106 HOH HOH A . 
C 3 HOH 6  406 45  HOH HOH A . 
C 3 HOH 7  407 32  HOH HOH A . 
C 3 HOH 8  408 29  HOH HOH A . 
C 3 HOH 9  409 7   HOH HOH A . 
C 3 HOH 10 410 71  HOH HOH A . 
C 3 HOH 11 411 73  HOH HOH A . 
C 3 HOH 12 412 104 HOH HOH A . 
C 3 HOH 13 413 2   HOH HOH A . 
C 3 HOH 14 414 33  HOH HOH A . 
C 3 HOH 15 415 10  HOH HOH A . 
C 3 HOH 16 416 92  HOH HOH A . 
C 3 HOH 17 417 19  HOH HOH A . 
C 3 HOH 18 418 59  HOH HOH A . 
C 3 HOH 19 419 14  HOH HOH A . 
C 3 HOH 20 420 17  HOH HOH A . 
C 3 HOH 21 421 89  HOH HOH A . 
C 3 HOH 22 422 48  HOH HOH A . 
C 3 HOH 23 423 37  HOH HOH A . 
C 3 HOH 24 424 4   HOH HOH A . 
C 3 HOH 25 425 63  HOH HOH A . 
C 3 HOH 26 426 30  HOH HOH A . 
C 3 HOH 27 427 36  HOH HOH A . 
C 3 HOH 28 428 25  HOH HOH A . 
C 3 HOH 29 429 102 HOH HOH A . 
C 3 HOH 30 430 8   HOH HOH A . 
C 3 HOH 31 431 3   HOH HOH A . 
C 3 HOH 32 432 43  HOH HOH A . 
C 3 HOH 33 433 21  HOH HOH A . 
C 3 HOH 34 434 18  HOH HOH A . 
C 3 HOH 35 435 51  HOH HOH A . 
C 3 HOH 36 436 97  HOH HOH A . 
C 3 HOH 37 437 47  HOH HOH A . 
C 3 HOH 38 438 9   HOH HOH A . 
C 3 HOH 39 439 46  HOH HOH A . 
C 3 HOH 40 440 12  HOH HOH A . 
C 3 HOH 41 441 105 HOH HOH A . 
C 3 HOH 42 442 6   HOH HOH A . 
C 3 HOH 43 443 86  HOH HOH A . 
C 3 HOH 44 444 24  HOH HOH A . 
C 3 HOH 45 445 58  HOH HOH A . 
C 3 HOH 46 446 22  HOH HOH A . 
C 3 HOH 47 447 26  HOH HOH A . 
C 3 HOH 48 448 49  HOH HOH A . 
C 3 HOH 49 449 28  HOH HOH A . 
C 3 HOH 50 450 13  HOH HOH A . 
C 3 HOH 51 451 11  HOH HOH A . 
C 3 HOH 52 452 100 HOH HOH A . 
C 3 HOH 53 453 15  HOH HOH A . 
C 3 HOH 54 454 93  HOH HOH A . 
C 3 HOH 55 455 34  HOH HOH A . 
C 3 HOH 56 456 42  HOH HOH A . 
C 3 HOH 57 457 66  HOH HOH A . 
C 3 HOH 58 458 5   HOH HOH A . 
C 3 HOH 59 459 82  HOH HOH A . 
C 3 HOH 60 460 74  HOH HOH A . 
C 3 HOH 61 461 1   HOH HOH A . 
C 3 HOH 62 462 20  HOH HOH A . 
C 3 HOH 63 463 54  HOH HOH A . 
C 3 HOH 64 464 16  HOH HOH A . 
C 3 HOH 65 465 39  HOH HOH A . 
C 3 HOH 66 466 52  HOH HOH A . 
C 3 HOH 67 467 81  HOH HOH A . 
C 3 HOH 68 468 67  HOH HOH A . 
C 3 HOH 69 469 96  HOH HOH A . 
C 3 HOH 70 470 27  HOH HOH A . 
C 3 HOH 71 471 55  HOH HOH A . 
C 3 HOH 72 472 31  HOH HOH A . 
C 3 HOH 73 473 57  HOH HOH A . 
C 3 HOH 74 474 83  HOH HOH A . 
C 3 HOH 75 475 64  HOH HOH A . 
C 3 HOH 76 476 38  HOH HOH A . 
C 3 HOH 77 477 68  HOH HOH A . 
C 3 HOH 78 478 35  HOH HOH A . 
C 3 HOH 79 479 40  HOH HOH A . 
C 3 HOH 80 480 98  HOH HOH A . 
C 3 HOH 81 481 41  HOH HOH A . 
C 3 HOH 82 482 88  HOH HOH A . 
C 3 HOH 83 483 60  HOH HOH A . 
C 3 HOH 84 484 76  HOH HOH A . 
C 3 HOH 85 485 78  HOH HOH A . 
C 3 HOH 86 486 23  HOH HOH A . 
C 3 HOH 87 487 65  HOH HOH A . 
C 3 HOH 88 488 87  HOH HOH A . 
C 3 HOH 89 489 53  HOH HOH A . 
C 3 HOH 90 490 79  HOH HOH A . 
C 3 HOH 91 491 69  HOH HOH A . 
# 
_pdbx_struct_assembly.id                   1 
_pdbx_struct_assembly.details              author_and_software_defined_assembly 
_pdbx_struct_assembly.method_details       PISA 
_pdbx_struct_assembly.oligomeric_details   monomeric 
_pdbx_struct_assembly.oligomeric_count     1 
# 
_pdbx_struct_assembly_gen.assembly_id       1 
_pdbx_struct_assembly_gen.oper_expression   1 
_pdbx_struct_assembly_gen.asym_id_list      A,B,C 
# 
loop_
_pdbx_struct_assembly_prop.biol_id 
_pdbx_struct_assembly_prop.type 
_pdbx_struct_assembly_prop.value 
_pdbx_struct_assembly_prop.details 
1 'ABSA (A^2)' 0    ? 
1 MORE         0    ? 
1 'SSA (A^2)'  6190 ? 
# 
_pdbx_struct_oper_list.id                   1 
_pdbx_struct_oper_list.type                 'identity operation' 
_pdbx_struct_oper_list.name                 1_555 
_pdbx_struct_oper_list.symmetry_operation   x,y,z 
_pdbx_struct_oper_list.matrix[1][1]         1.0000000000 
_pdbx_struct_oper_list.matrix[1][2]         0.0000000000 
_pdbx_struct_oper_list.matrix[1][3]         0.0000000000 
_pdbx_struct_oper_list.vector[1]            0.0000000000 
_pdbx_struct_oper_list.matrix[2][1]         0.0000000000 
_pdbx_struct_oper_list.matrix[2][2]         1.0000000000 
_pdbx_struct_oper_list.matrix[2][3]         0.0000000000 
_pdbx_struct_oper_list.vector[2]            0.0000000000 
_pdbx_struct_oper_list.matrix[3][1]         0.0000000000 
_pdbx_struct_oper_list.matrix[3][2]         0.0000000000 
_pdbx_struct_oper_list.matrix[3][3]         1.0000000000 
_pdbx_struct_oper_list.vector[3]            0.0000000000 
# 
loop_
_pdbx_audit_revision_history.ordinal 
_pdbx_audit_revision_history.data_content_type 
_pdbx_audit_revision_history.major_revision 
_pdbx_audit_revision_history.minor_revision 
_pdbx_audit_revision_history.revision_date 
1 'Structure model' 1 0 2020-03-11 
2 'Structure model' 1 1 2020-04-08 
3 'Structure model' 1 2 2023-10-11 
# 
_pdbx_audit_revision_details.ordinal             1 
_pdbx_audit_revision_details.revision_ordinal    1 
_pdbx_audit_revision_details.data_content_type   'Structure model' 
_pdbx_audit_revision_details.provider            repository 
_pdbx_audit_revision_details.type                'Initial release' 
_pdbx_audit_revision_details.description         ? 
_pdbx_audit_revision_details.details             ? 
# 
loop_
_pdbx_audit_revision_group.ordinal 
_pdbx_audit_revision_group.revision_ordinal 
_pdbx_audit_revision_group.data_content_type 
_pdbx_audit_revision_group.group 
1 2 'Structure model' 'Database references'    
2 3 'Structure model' Advisory                 
3 3 'Structure model' 'Data collection'        
4 3 'Structure model' 'Database references'    
5 3 'Structure model' 'Derived calculations'   
6 3 'Structure model' 'Refinement description' 
7 3 'Structure model' 'Structure summary'      
# 
loop_
_pdbx_audit_revision_category.ordinal 
_pdbx_audit_revision_category.revision_ordinal 
_pdbx_audit_revision_category.data_content_type 
_pdbx_audit_revision_category.category 
1  2 'Structure model' citation                      
2  2 'Structure model' citation_author               
3  3 'Structure model' chem_comp                     
4  3 'Structure model' chem_comp_atom                
5  3 'Structure model' chem_comp_bond                
6  3 'Structure model' database_2                    
7  3 'Structure model' entity                        
8  3 'Structure model' pdbx_entity_nonpoly           
9  3 'Structure model' pdbx_initial_refinement_model 
10 3 'Structure model' pdbx_unobs_or_zero_occ_atoms  
# 
loop_
_pdbx_audit_revision_item.ordinal 
_pdbx_audit_revision_item.revision_ordinal 
_pdbx_audit_revision_item.data_content_type 
_pdbx_audit_revision_item.item 
1  2 'Structure model' '_citation.journal_volume'            
2  2 'Structure model' '_citation.page_first'                
3  2 'Structure model' '_citation.page_last'                 
4  2 'Structure model' '_citation.title'                     
5  2 'Structure model' '_citation_author.identifier_ORCID'   
6  3 'Structure model' '_chem_comp.name'                     
7  3 'Structure model' '_database_2.pdbx_DOI'                
8  3 'Structure model' '_database_2.pdbx_database_accession' 
9  3 'Structure model' '_entity.pdbx_description'            
10 3 'Structure model' '_pdbx_entity_nonpoly.name'           
# 
loop_
_pdbx_refine_tls.id 
_pdbx_refine_tls.pdbx_refine_id 
_pdbx_refine_tls.details 
_pdbx_refine_tls.method 
_pdbx_refine_tls.origin_x 
_pdbx_refine_tls.origin_y 
_pdbx_refine_tls.origin_z 
_pdbx_refine_tls.T[1][1] 
_pdbx_refine_tls.T[1][1]_esd 
_pdbx_refine_tls.T[1][2] 
_pdbx_refine_tls.T[1][2]_esd 
_pdbx_refine_tls.T[1][3] 
_pdbx_refine_tls.T[1][3]_esd 
_pdbx_refine_tls.T[2][2] 
_pdbx_refine_tls.T[2][2]_esd 
_pdbx_refine_tls.T[2][3] 
_pdbx_refine_tls.T[2][3]_esd 
_pdbx_refine_tls.T[3][3] 
_pdbx_refine_tls.T[3][3]_esd 
_pdbx_refine_tls.L[1][1] 
_pdbx_refine_tls.L[1][1]_esd 
_pdbx_refine_tls.L[1][2] 
_pdbx_refine_tls.L[1][2]_esd 
_pdbx_refine_tls.L[1][3] 
_pdbx_refine_tls.L[1][3]_esd 
_pdbx_refine_tls.L[2][2] 
_pdbx_refine_tls.L[2][2]_esd 
_pdbx_refine_tls.L[2][3] 
_pdbx_refine_tls.L[2][3]_esd 
_pdbx_refine_tls.L[3][3] 
_pdbx_refine_tls.L[3][3]_esd 
_pdbx_refine_tls.S[1][1] 
_pdbx_refine_tls.S[1][1]_esd 
_pdbx_refine_tls.S[1][2] 
_pdbx_refine_tls.S[1][2]_esd 
_pdbx_refine_tls.S[1][3] 
_pdbx_refine_tls.S[1][3]_esd 
_pdbx_refine_tls.S[2][1] 
_pdbx_refine_tls.S[2][1]_esd 
_pdbx_refine_tls.S[2][2] 
_pdbx_refine_tls.S[2][2]_esd 
_pdbx_refine_tls.S[2][3] 
_pdbx_refine_tls.S[2][3]_esd 
_pdbx_refine_tls.S[3][1] 
_pdbx_refine_tls.S[3][1]_esd 
_pdbx_refine_tls.S[3][2] 
_pdbx_refine_tls.S[3][2]_esd 
_pdbx_refine_tls.S[3][3] 
_pdbx_refine_tls.S[3][3]_esd 
1 'X-RAY DIFFRACTION' ? refined 5.1212   -3.5479 1.2690  0.2069 ? 0.0167  ? 0.0623  ? 0.2533 ? 0.0371  ? 0.2821 ? 1.9775 ? -0.3610 ? -0.8311 ? 3.0309 ? 1.3059  ? 5.1668 ? -0.2505 ? -0.0571 ? -0.2686 ? -0.1261 ? 0.1943  ? -0.3460 ? 0.2500  ? 0.8133  ? 0.1574  ? 
2 'X-RAY DIFFRACTION' ? refined -12.2948 6.2028  8.6055  0.2204 ? 0.0325  ? -0.0190 ? 0.3241 ? -0.0279 ? 0.3488 ? 0.5132 ? -0.1526 ? 2.1532  ? 5.4692 ? -0.9206 ? 9.4878 ? -0.1668 ? 0.3120  ? -0.0504 ? 0.0829  ? 0.0819  ? 0.5878  ? 0.1399  ? -0.5831 ? -0.0503 ? 
3 'X-RAY DIFFRACTION' ? refined -3.0990  -0.9168 -1.4472 0.1499 ? -0.0090 ? 0.0102  ? 0.2485 ? -0.0395 ? 0.1854 ? 4.4280 ? -1.2698 ? -0.9401 ? 3.5066 ? -0.2638 ? 3.0322 ? -0.0700 ? 0.5308  ? -0.6039 ? -0.2848 ? -0.2448 ? 0.2133  ? 0.3482  ? -0.1856 ? 0.2724  ? 
4 'X-RAY DIFFRACTION' ? refined 4.6150   8.2887  -3.4745 0.3423 ? -0.0093 ? 0.0712  ? 0.5525 ? 0.0777  ? 0.3829 ? 1.7376 ? -0.9279 ? -0.1241 ? 9.0367 ? 4.9275  ? 3.1160 ? 0.0061  ? 0.3155  ? 0.0503  ? -0.8647 ? 0.2574  ? -0.7215 ? -0.3902 ? 0.8825  ? -0.2725 ? 
# 
loop_
_pdbx_refine_tls_group.id 
_pdbx_refine_tls_group.pdbx_refine_id 
_pdbx_refine_tls_group.refine_tls_id 
_pdbx_refine_tls_group.beg_label_asym_id 
_pdbx_refine_tls_group.beg_label_seq_id 
_pdbx_refine_tls_group.beg_auth_asym_id 
_pdbx_refine_tls_group.beg_auth_seq_id 
_pdbx_refine_tls_group.end_label_asym_id 
_pdbx_refine_tls_group.end_label_seq_id 
_pdbx_refine_tls_group.end_auth_asym_id 
_pdbx_refine_tls_group.end_auth_seq_id 
_pdbx_refine_tls_group.selection 
_pdbx_refine_tls_group.selection_details 
1 'X-RAY DIFFRACTION' 1 ? ? A 22  ? ? A 54  ? 
;chain 'A' and (resid 22 through 54 )
;
2 'X-RAY DIFFRACTION' 2 ? ? A 55  ? ? A 60  ? 
;chain 'A' and (resid 55 through 60 )
;
3 'X-RAY DIFFRACTION' 3 ? ? A 61  ? ? A 104 ? 
;chain 'A' and (resid 61 through 104 )
;
4 'X-RAY DIFFRACTION' 4 ? ? A 105 ? ? A 120 ? 
;chain 'A' and (resid 105 through 120 )
;
# 
loop_
_software.citation_id 
_software.classification 
_software.compiler_name 
_software.compiler_version 
_software.contact_author 
_software.contact_author_email 
_software.date 
_software.description 
_software.dependencies 
_software.hardware 
_software.language 
_software.location 
_software.mods 
_software.name 
_software.os 
_software.os_version 
_software.type 
_software.version 
_software.pdbx_ordinal 
? refinement        ? ? ? ? ? ? ? ? ? ? ? PHENIX      ? ? ? 1.14-3260_3260 1 
? 'data scaling'    ? ? ? ? ? ? ? ? ? ? ? Aimless     ? ? ? 0.5.1          2 
? 'data extraction' ? ? ? ? ? ? ? ? ? ? ? PDB_EXTRACT ? ? ? 3.25           3 
? 'data reduction'  ? ? ? ? ? ? ? ? ? ? ? DIALS       ? ? ? .              4 
? phasing           ? ? ? ? ? ? ? ? ? ? ? PHASER      ? ? ? .              5 
# 
_pdbx_entry_details.entry_id                 6V0X 
_pdbx_entry_details.has_ligand_of_interest   Y 
_pdbx_entry_details.compound_details         ? 
_pdbx_entry_details.source_details           ? 
_pdbx_entry_details.nonpolymer_details       ? 
_pdbx_entry_details.sequence_details         ? 
# 
loop_
_pdbx_unobs_or_zero_occ_atoms.id 
_pdbx_unobs_or_zero_occ_atoms.PDB_model_num 
_pdbx_unobs_or_zero_occ_atoms.polymer_flag 
_pdbx_unobs_or_zero_occ_atoms.occupancy_flag 
_pdbx_unobs_or_zero_occ_atoms.auth_asym_id 
_pdbx_unobs_or_zero_occ_atoms.auth_comp_id 
_pdbx_unobs_or_zero_occ_atoms.auth_seq_id 
_pdbx_unobs_or_zero_occ_atoms.PDB_ins_code 
_pdbx_unobs_or_zero_occ_atoms.auth_atom_id 
_pdbx_unobs_or_zero_occ_atoms.label_alt_id 
_pdbx_unobs_or_zero_occ_atoms.label_asym_id 
_pdbx_unobs_or_zero_occ_atoms.label_comp_id 
_pdbx_unobs_or_zero_occ_atoms.label_seq_id 
_pdbx_unobs_or_zero_occ_atoms.label_atom_id 
1 1 Y 0 A GLU 146 ? CD ? A GLU 19  CD 
2 1 Y 0 A ARG 154 ? CZ ? A ARG 27  CZ 
3 1 Y 0 A LYS 187 ? CE ? A LYS 60  CE 
4 1 Y 0 A GLU 194 ? CD ? A GLU 67  CD 
5 1 Y 0 A LYS 224 ? NZ ? A LYS 97  NZ 
6 1 Y 0 A LYS 228 ? CE ? A LYS 101 CE 
# 
loop_
_pdbx_unobs_or_zero_occ_residues.id 
_pdbx_unobs_or_zero_occ_residues.PDB_model_num 
_pdbx_unobs_or_zero_occ_residues.polymer_flag 
_pdbx_unobs_or_zero_occ_residues.occupancy_flag 
_pdbx_unobs_or_zero_occ_residues.auth_asym_id 
_pdbx_unobs_or_zero_occ_residues.auth_comp_id 
_pdbx_unobs_or_zero_occ_residues.auth_seq_id 
_pdbx_unobs_or_zero_occ_residues.PDB_ins_code 
_pdbx_unobs_or_zero_occ_residues.label_asym_id 
_pdbx_unobs_or_zero_occ_residues.label_comp_id 
_pdbx_unobs_or_zero_occ_residues.label_seq_id 
1  1 Y 1 A SER 128 ? A SER 1   
2  1 Y 1 A MET 129 ? A MET 2   
3  1 Y 1 A LEU 130 ? A LEU 3   
4  1 Y 1 A LYS 131 ? A LYS 4   
5  1 Y 1 A LEU 132 ? A LEU 5   
6  1 Y 1 A SER 133 ? A SER 6   
7  1 Y 1 A ALA 134 ? A ALA 7   
8  1 Y 1 A GLU 135 ? A GLU 8   
9  1 Y 1 A ASN 136 ? A ASN 9   
10 1 Y 1 A GLU 137 ? A GLU 10  
11 1 Y 1 A MET 237 ? A MET 110 
12 1 Y 1 A SER 238 ? A SER 111 
13 1 Y 1 A LYS 239 ? A LYS 112 
14 1 Y 1 A GLU 240 ? A GLU 113 
15 1 Y 1 A ARG 241 ? A ARG 114 
16 1 Y 1 A LEU 242 ? A LEU 115 
17 1 Y 1 A LEU 243 ? A LEU 116 
18 1 Y 1 A ALA 244 ? A ALA 117 
19 1 Y 1 A LEU 245 ? A LEU 118 
20 1 Y 1 A LYS 246 ? A LYS 119 
21 1 Y 1 A ARG 247 ? A ARG 120 
22 1 Y 1 A SER 248 ? A SER 121 
23 1 Y 1 A MET 249 ? A MET 122 
24 1 Y 1 A SER 250 ? A SER 123 
# 
loop_
_chem_comp_atom.comp_id 
_chem_comp_atom.atom_id 
_chem_comp_atom.type_symbol 
_chem_comp_atom.pdbx_aromatic_flag 
_chem_comp_atom.pdbx_stereo_config 
_chem_comp_atom.pdbx_ordinal 
ALA N    N N N 1   
ALA CA   C N S 2   
ALA C    C N N 3   
ALA O    O N N 4   
ALA CB   C N N 5   
ALA OXT  O N N 6   
ALA H    H N N 7   
ALA H2   H N N 8   
ALA HA   H N N 9   
ALA HB1  H N N 10  
ALA HB2  H N N 11  
ALA HB3  H N N 12  
ALA HXT  H N N 13  
ARG N    N N N 14  
ARG CA   C N S 15  
ARG C    C N N 16  
ARG O    O N N 17  
ARG CB   C N N 18  
ARG CG   C N N 19  
ARG CD   C N N 20  
ARG NE   N N N 21  
ARG CZ   C N N 22  
ARG NH1  N N N 23  
ARG NH2  N N N 24  
ARG OXT  O N N 25  
ARG H    H N N 26  
ARG H2   H N N 27  
ARG HA   H N N 28  
ARG HB2  H N N 29  
ARG HB3  H N N 30  
ARG HG2  H N N 31  
ARG HG3  H N N 32  
ARG HD2  H N N 33  
ARG HD3  H N N 34  
ARG HE   H N N 35  
ARG HH11 H N N 36  
ARG HH12 H N N 37  
ARG HH21 H N N 38  
ARG HH22 H N N 39  
ARG HXT  H N N 40  
ASN N    N N N 41  
ASN CA   C N S 42  
ASN C    C N N 43  
ASN O    O N N 44  
ASN CB   C N N 45  
ASN CG   C N N 46  
ASN OD1  O N N 47  
ASN ND2  N N N 48  
ASN OXT  O N N 49  
ASN H    H N N 50  
ASN H2   H N N 51  
ASN HA   H N N 52  
ASN HB2  H N N 53  
ASN HB3  H N N 54  
ASN HD21 H N N 55  
ASN HD22 H N N 56  
ASN HXT  H N N 57  
ASP N    N N N 58  
ASP CA   C N S 59  
ASP C    C N N 60  
ASP O    O N N 61  
ASP CB   C N N 62  
ASP CG   C N N 63  
ASP OD1  O N N 64  
ASP OD2  O N N 65  
ASP OXT  O N N 66  
ASP H    H N N 67  
ASP H2   H N N 68  
ASP HA   H N N 69  
ASP HB2  H N N 70  
ASP HB3  H N N 71  
ASP HD2  H N N 72  
ASP HXT  H N N 73  
B49 C4   C N N 74  
B49 C5   C Y N 75  
B49 C6   C Y N 76  
B49 C7   C Y N 77  
B49 C13  C Y N 78  
B49 C15  C Y N 79  
B49 C17  C Y N 80  
B49 C20  C N N 81  
B49 C21  C N N 82  
B49 C22  C N N 83  
B49 C3   C N N 84  
B49 C12  C N N 85  
B49 C14  C Y N 86  
B49 C16  C Y N 87  
B49 C18  C Y N 88  
B49 C19  C Y N 89  
B49 N23  N Y N 90  
B49 N24  N N N 91  
B49 N25  N N N 92  
B49 O27  O N N 93  
B49 O28  O N N 94  
B49 F29  F N N 95  
B49 H4   H N N 96  
B49 H4A  H N N 97  
B49 H4B  H N N 98  
B49 H5   H N N 99  
B49 H6   H N N 100 
B49 H7   H N N 101 
B49 H3   H N N 102 
B49 H3A  H N N 103 
B49 H3B  H N N 104 
B49 H12  H N N 105 
B49 HN23 H N N 106 
B49 HN24 H N N 107 
B49 HN25 H N N 108 
B49 C37  C N N 109 
B49 C38  C N N 110 
B49 N4   N N N 111 
B49 C39  C N N 112 
B49 C40  C N N 113 
B49 C41  C N N 114 
B49 C42  C N N 115 
B49 H14  H N N 116 
B49 H15  H N N 117 
B49 H16  H N N 118 
B49 H17  H N N 119 
B49 H18  H N N 120 
B49 H19  H N N 121 
B49 H20  H N N 122 
B49 H21  H N N 123 
B49 H22  H N N 124 
B49 H23  H N N 125 
B49 H24  H N N 126 
B49 H25  H N N 127 
B49 H26  H N N 128 
B49 H27  H N N 129 
CYS N    N N N 130 
CYS CA   C N R 131 
CYS C    C N N 132 
CYS O    O N N 133 
CYS CB   C N N 134 
CYS SG   S N N 135 
CYS OXT  O N N 136 
CYS H    H N N 137 
CYS H2   H N N 138 
CYS HA   H N N 139 
CYS HB2  H N N 140 
CYS HB3  H N N 141 
CYS HG   H N N 142 
CYS HXT  H N N 143 
GLN N    N N N 144 
GLN CA   C N S 145 
GLN C    C N N 146 
GLN O    O N N 147 
GLN CB   C N N 148 
GLN CG   C N N 149 
GLN CD   C N N 150 
GLN OE1  O N N 151 
GLN NE2  N N N 152 
GLN OXT  O N N 153 
GLN H    H N N 154 
GLN H2   H N N 155 
GLN HA   H N N 156 
GLN HB2  H N N 157 
GLN HB3  H N N 158 
GLN HG2  H N N 159 
GLN HG3  H N N 160 
GLN HE21 H N N 161 
GLN HE22 H N N 162 
GLN HXT  H N N 163 
GLU N    N N N 164 
GLU CA   C N S 165 
GLU C    C N N 166 
GLU O    O N N 167 
GLU CB   C N N 168 
GLU CG   C N N 169 
GLU CD   C N N 170 
GLU OE1  O N N 171 
GLU OE2  O N N 172 
GLU OXT  O N N 173 
GLU H    H N N 174 
GLU H2   H N N 175 
GLU HA   H N N 176 
GLU HB2  H N N 177 
GLU HB3  H N N 178 
GLU HG2  H N N 179 
GLU HG3  H N N 180 
GLU HE2  H N N 181 
GLU HXT  H N N 182 
GLY N    N N N 183 
GLY CA   C N N 184 
GLY C    C N N 185 
GLY O    O N N 186 
GLY OXT  O N N 187 
GLY H    H N N 188 
GLY H2   H N N 189 
GLY HA2  H N N 190 
GLY HA3  H N N 191 
GLY HXT  H N N 192 
HIS N    N N N 193 
HIS CA   C N S 194 
HIS C    C N N 195 
HIS O    O N N 196 
HIS CB   C N N 197 
HIS CG   C Y N 198 
HIS ND1  N Y N 199 
HIS CD2  C Y N 200 
HIS CE1  C Y N 201 
HIS NE2  N Y N 202 
HIS OXT  O N N 203 
HIS H    H N N 204 
HIS H2   H N N 205 
HIS HA   H N N 206 
HIS HB2  H N N 207 
HIS HB3  H N N 208 
HIS HD1  H N N 209 
HIS HD2  H N N 210 
HIS HE1  H N N 211 
HIS HE2  H N N 212 
HIS HXT  H N N 213 
HOH O    O N N 214 
HOH H1   H N N 215 
HOH H2   H N N 216 
ILE N    N N N 217 
ILE CA   C N S 218 
ILE C    C N N 219 
ILE O    O N N 220 
ILE CB   C N S 221 
ILE CG1  C N N 222 
ILE CG2  C N N 223 
ILE CD1  C N N 224 
ILE OXT  O N N 225 
ILE H    H N N 226 
ILE H2   H N N 227 
ILE HA   H N N 228 
ILE HB   H N N 229 
ILE HG12 H N N 230 
ILE HG13 H N N 231 
ILE HG21 H N N 232 
ILE HG22 H N N 233 
ILE HG23 H N N 234 
ILE HD11 H N N 235 
ILE HD12 H N N 236 
ILE HD13 H N N 237 
ILE HXT  H N N 238 
LEU N    N N N 239 
LEU CA   C N S 240 
LEU C    C N N 241 
LEU O    O N N 242 
LEU CB   C N N 243 
LEU CG   C N N 244 
LEU CD1  C N N 245 
LEU CD2  C N N 246 
LEU OXT  O N N 247 
LEU H    H N N 248 
LEU H2   H N N 249 
LEU HA   H N N 250 
LEU HB2  H N N 251 
LEU HB3  H N N 252 
LEU HG   H N N 253 
LEU HD11 H N N 254 
LEU HD12 H N N 255 
LEU HD13 H N N 256 
LEU HD21 H N N 257 
LEU HD22 H N N 258 
LEU HD23 H N N 259 
LEU HXT  H N N 260 
LYS N    N N N 261 
LYS CA   C N S 262 
LYS C    C N N 263 
LYS O    O N N 264 
LYS CB   C N N 265 
LYS CG   C N N 266 
LYS CD   C N N 267 
LYS CE   C N N 268 
LYS NZ   N N N 269 
LYS OXT  O N N 270 
LYS H    H N N 271 
LYS H2   H N N 272 
LYS HA   H N N 273 
LYS HB2  H N N 274 
LYS HB3  H N N 275 
LYS HG2  H N N 276 
LYS HG3  H N N 277 
LYS HD2  H N N 278 
LYS HD3  H N N 279 
LYS HE2  H N N 280 
LYS HE3  H N N 281 
LYS HZ1  H N N 282 
LYS HZ2  H N N 283 
LYS HZ3  H N N 284 
LYS HXT  H N N 285 
MET N    N N N 286 
MET CA   C N S 287 
MET C    C N N 288 
MET O    O N N 289 
MET CB   C N N 290 
MET CG   C N N 291 
MET SD   S N N 292 
MET CE   C N N 293 
MET OXT  O N N 294 
MET H    H N N 295 
MET H2   H N N 296 
MET HA   H N N 297 
MET HB2  H N N 298 
MET HB3  H N N 299 
MET HG2  H N N 300 
MET HG3  H N N 301 
MET HE1  H N N 302 
MET HE2  H N N 303 
MET HE3  H N N 304 
MET HXT  H N N 305 
PHE N    N N N 306 
PHE CA   C N S 307 
PHE C    C N N 308 
PHE O    O N N 309 
PHE CB   C N N 310 
PHE CG   C Y N 311 
PHE CD1  C Y N 312 
PHE CD2  C Y N 313 
PHE CE1  C Y N 314 
PHE CE2  C Y N 315 
PHE CZ   C Y N 316 
PHE OXT  O N N 317 
PHE H    H N N 318 
PHE H2   H N N 319 
PHE HA   H N N 320 
PHE HB2  H N N 321 
PHE HB3  H N N 322 
PHE HD1  H N N 323 
PHE HD2  H N N 324 
PHE HE1  H N N 325 
PHE HE2  H N N 326 
PHE HZ   H N N 327 
PHE HXT  H N N 328 
PRO N    N N N 329 
PRO CA   C N S 330 
PRO C    C N N 331 
PRO O    O N N 332 
PRO CB   C N N 333 
PRO CG   C N N 334 
PRO CD   C N N 335 
PRO OXT  O N N 336 
PRO H    H N N 337 
PRO HA   H N N 338 
PRO HB2  H N N 339 
PRO HB3  H N N 340 
PRO HG2  H N N 341 
PRO HG3  H N N 342 
PRO HD2  H N N 343 
PRO HD3  H N N 344 
PRO HXT  H N N 345 
SER N    N N N 346 
SER CA   C N S 347 
SER C    C N N 348 
SER O    O N N 349 
SER CB   C N N 350 
SER OG   O N N 351 
SER OXT  O N N 352 
SER H    H N N 353 
SER H2   H N N 354 
SER HA   H N N 355 
SER HB2  H N N 356 
SER HB3  H N N 357 
SER HG   H N N 358 
SER HXT  H N N 359 
THR N    N N N 360 
THR CA   C N S 361 
THR C    C N N 362 
THR O    O N N 363 
THR CB   C N R 364 
THR OG1  O N N 365 
THR CG2  C N N 366 
THR OXT  O N N 367 
THR H    H N N 368 
THR H2   H N N 369 
THR HA   H N N 370 
THR HB   H N N 371 
THR HG1  H N N 372 
THR HG21 H N N 373 
THR HG22 H N N 374 
THR HG23 H N N 375 
THR HXT  H N N 376 
TYR N    N N N 377 
TYR CA   C N S 378 
TYR C    C N N 379 
TYR O    O N N 380 
TYR CB   C N N 381 
TYR CG   C Y N 382 
TYR CD1  C Y N 383 
TYR CD2  C Y N 384 
TYR CE1  C Y N 385 
TYR CE2  C Y N 386 
TYR CZ   C Y N 387 
TYR OH   O N N 388 
TYR OXT  O N N 389 
TYR H    H N N 390 
TYR H2   H N N 391 
TYR HA   H N N 392 
TYR HB2  H N N 393 
TYR HB3  H N N 394 
TYR HD1  H N N 395 
TYR HD2  H N N 396 
TYR HE1  H N N 397 
TYR HE2  H N N 398 
TYR HH   H N N 399 
TYR HXT  H N N 400 
VAL N    N N N 401 
VAL CA   C N S 402 
VAL C    C N N 403 
VAL O    O N N 404 
VAL CB   C N N 405 
VAL CG1  C N N 406 
VAL CG2  C N N 407 
VAL OXT  O N N 408 
VAL H    H N N 409 
VAL H2   H N N 410 
VAL HA   H N N 411 
VAL HB   H N N 412 
VAL HG11 H N N 413 
VAL HG12 H N N 414 
VAL HG13 H N N 415 
VAL HG21 H N N 416 
VAL HG22 H N N 417 
VAL HG23 H N N 418 
VAL HXT  H N N 419 
# 
loop_
_chem_comp_bond.comp_id 
_chem_comp_bond.atom_id_1 
_chem_comp_bond.atom_id_2 
_chem_comp_bond.value_order 
_chem_comp_bond.pdbx_aromatic_flag 
_chem_comp_bond.pdbx_stereo_config 
_chem_comp_bond.pdbx_ordinal 
ALA N   CA   sing N N 1   
ALA N   H    sing N N 2   
ALA N   H2   sing N N 3   
ALA CA  C    sing N N 4   
ALA CA  CB   sing N N 5   
ALA CA  HA   sing N N 6   
ALA C   O    doub N N 7   
ALA C   OXT  sing N N 8   
ALA CB  HB1  sing N N 9   
ALA CB  HB2  sing N N 10  
ALA CB  HB3  sing N N 11  
ALA OXT HXT  sing N N 12  
ARG N   CA   sing N N 13  
ARG N   H    sing N N 14  
ARG N   H2   sing N N 15  
ARG CA  C    sing N N 16  
ARG CA  CB   sing N N 17  
ARG CA  HA   sing N N 18  
ARG C   O    doub N N 19  
ARG C   OXT  sing N N 20  
ARG CB  CG   sing N N 21  
ARG CB  HB2  sing N N 22  
ARG CB  HB3  sing N N 23  
ARG CG  CD   sing N N 24  
ARG CG  HG2  sing N N 25  
ARG CG  HG3  sing N N 26  
ARG CD  NE   sing N N 27  
ARG CD  HD2  sing N N 28  
ARG CD  HD3  sing N N 29  
ARG NE  CZ   sing N N 30  
ARG NE  HE   sing N N 31  
ARG CZ  NH1  sing N N 32  
ARG CZ  NH2  doub N N 33  
ARG NH1 HH11 sing N N 34  
ARG NH1 HH12 sing N N 35  
ARG NH2 HH21 sing N N 36  
ARG NH2 HH22 sing N N 37  
ARG OXT HXT  sing N N 38  
ASN N   CA   sing N N 39  
ASN N   H    sing N N 40  
ASN N   H2   sing N N 41  
ASN CA  C    sing N N 42  
ASN CA  CB   sing N N 43  
ASN CA  HA   sing N N 44  
ASN C   O    doub N N 45  
ASN C   OXT  sing N N 46  
ASN CB  CG   sing N N 47  
ASN CB  HB2  sing N N 48  
ASN CB  HB3  sing N N 49  
ASN CG  OD1  doub N N 50  
ASN CG  ND2  sing N N 51  
ASN ND2 HD21 sing N N 52  
ASN ND2 HD22 sing N N 53  
ASN OXT HXT  sing N N 54  
ASP N   CA   sing N N 55  
ASP N   H    sing N N 56  
ASP N   H2   sing N N 57  
ASP CA  C    sing N N 58  
ASP CA  CB   sing N N 59  
ASP CA  HA   sing N N 60  
ASP C   O    doub N N 61  
ASP C   OXT  sing N N 62  
ASP CB  CG   sing N N 63  
ASP CB  HB2  sing N N 64  
ASP CB  HB3  sing N N 65  
ASP CG  OD1  doub N N 66  
ASP CG  OD2  sing N N 67  
ASP OD2 HD2  sing N N 68  
ASP OXT HXT  sing N N 69  
B49 C4  C14  sing N N 70  
B49 C4  H4   sing N N 71  
B49 C4  H4A  sing N N 72  
B49 C4  H4B  sing N N 73  
B49 C5  C6   doub Y N 74  
B49 C5  C15  sing Y N 75  
B49 C5  H5   sing N N 76  
B49 C6  C16  sing Y N 77  
B49 C6  H6   sing N N 78  
B49 C7  C15  doub Y N 79  
B49 C7  C17  sing Y N 80  
B49 C7  H7   sing N N 81  
B49 C13 C3   sing N N 82  
B49 C13 C18  doub Y N 83  
B49 C13 C19  sing Y N 84  
B49 C15 F29  sing N N 85  
B49 C17 C20  sing N N 86  
B49 C17 C16  doub Y N 87  
B49 C20 C21  sing N N 88  
B49 C20 C12  doub N Z 89  
B49 C21 N24  sing N N 90  
B49 C21 O27  doub N N 91  
B49 C22 C19  sing N N 92  
B49 C22 N25  sing N N 93  
B49 C22 O28  doub N N 94  
B49 C3  H3   sing N N 95  
B49 C3  H3A  sing N N 96  
B49 C3  H3B  sing N N 97  
B49 C12 C18  sing N N 98  
B49 C12 H12  sing N N 99  
B49 C14 C19  doub Y N 100 
B49 C14 N23  sing Y N 101 
B49 C16 N24  sing N N 102 
B49 C18 N23  sing Y N 103 
B49 N23 HN23 sing N N 104 
B49 N24 HN24 sing N N 105 
B49 N25 HN25 sing N N 106 
B49 N25 C37  sing N N 107 
B49 C37 C38  sing N N 108 
B49 C38 N4   sing N N 109 
B49 N4  C39  sing N N 110 
B49 N4  C40  sing N N 111 
B49 C40 C41  sing N N 112 
B49 C39 C42  sing N N 113 
B49 C37 H14  sing N N 114 
B49 C37 H15  sing N N 115 
B49 C38 H16  sing N N 116 
B49 C38 H17  sing N N 117 
B49 C39 H18  sing N N 118 
B49 C39 H19  sing N N 119 
B49 C40 H20  sing N N 120 
B49 C40 H21  sing N N 121 
B49 C41 H22  sing N N 122 
B49 C41 H23  sing N N 123 
B49 C41 H24  sing N N 124 
B49 C42 H25  sing N N 125 
B49 C42 H26  sing N N 126 
B49 C42 H27  sing N N 127 
CYS N   CA   sing N N 128 
CYS N   H    sing N N 129 
CYS N   H2   sing N N 130 
CYS CA  C    sing N N 131 
CYS CA  CB   sing N N 132 
CYS CA  HA   sing N N 133 
CYS C   O    doub N N 134 
CYS C   OXT  sing N N 135 
CYS CB  SG   sing N N 136 
CYS CB  HB2  sing N N 137 
CYS CB  HB3  sing N N 138 
CYS SG  HG   sing N N 139 
CYS OXT HXT  sing N N 140 
GLN N   CA   sing N N 141 
GLN N   H    sing N N 142 
GLN N   H2   sing N N 143 
GLN CA  C    sing N N 144 
GLN CA  CB   sing N N 145 
GLN CA  HA   sing N N 146 
GLN C   O    doub N N 147 
GLN C   OXT  sing N N 148 
GLN CB  CG   sing N N 149 
GLN CB  HB2  sing N N 150 
GLN CB  HB3  sing N N 151 
GLN CG  CD   sing N N 152 
GLN CG  HG2  sing N N 153 
GLN CG  HG3  sing N N 154 
GLN CD  OE1  doub N N 155 
GLN CD  NE2  sing N N 156 
GLN NE2 HE21 sing N N 157 
GLN NE2 HE22 sing N N 158 
GLN OXT HXT  sing N N 159 
GLU N   CA   sing N N 160 
GLU N   H    sing N N 161 
GLU N   H2   sing N N 162 
GLU CA  C    sing N N 163 
GLU CA  CB   sing N N 164 
GLU CA  HA   sing N N 165 
GLU C   O    doub N N 166 
GLU C   OXT  sing N N 167 
GLU CB  CG   sing N N 168 
GLU CB  HB2  sing N N 169 
GLU CB  HB3  sing N N 170 
GLU CG  CD   sing N N 171 
GLU CG  HG2  sing N N 172 
GLU CG  HG3  sing N N 173 
GLU CD  OE1  doub N N 174 
GLU CD  OE2  sing N N 175 
GLU OE2 HE2  sing N N 176 
GLU OXT HXT  sing N N 177 
GLY N   CA   sing N N 178 
GLY N   H    sing N N 179 
GLY N   H2   sing N N 180 
GLY CA  C    sing N N 181 
GLY CA  HA2  sing N N 182 
GLY CA  HA3  sing N N 183 
GLY C   O    doub N N 184 
GLY C   OXT  sing N N 185 
GLY OXT HXT  sing N N 186 
HIS N   CA   sing N N 187 
HIS N   H    sing N N 188 
HIS N   H2   sing N N 189 
HIS CA  C    sing N N 190 
HIS CA  CB   sing N N 191 
HIS CA  HA   sing N N 192 
HIS C   O    doub N N 193 
HIS C   OXT  sing N N 194 
HIS CB  CG   sing N N 195 
HIS CB  HB2  sing N N 196 
HIS CB  HB3  sing N N 197 
HIS CG  ND1  sing Y N 198 
HIS CG  CD2  doub Y N 199 
HIS ND1 CE1  doub Y N 200 
HIS ND1 HD1  sing N N 201 
HIS CD2 NE2  sing Y N 202 
HIS CD2 HD2  sing N N 203 
HIS CE1 NE2  sing Y N 204 
HIS CE1 HE1  sing N N 205 
HIS NE2 HE2  sing N N 206 
HIS OXT HXT  sing N N 207 
HOH O   H1   sing N N 208 
HOH O   H2   sing N N 209 
ILE N   CA   sing N N 210 
ILE N   H    sing N N 211 
ILE N   H2   sing N N 212 
ILE CA  C    sing N N 213 
ILE CA  CB   sing N N 214 
ILE CA  HA   sing N N 215 
ILE C   O    doub N N 216 
ILE C   OXT  sing N N 217 
ILE CB  CG1  sing N N 218 
ILE CB  CG2  sing N N 219 
ILE CB  HB   sing N N 220 
ILE CG1 CD1  sing N N 221 
ILE CG1 HG12 sing N N 222 
ILE CG1 HG13 sing N N 223 
ILE CG2 HG21 sing N N 224 
ILE CG2 HG22 sing N N 225 
ILE CG2 HG23 sing N N 226 
ILE CD1 HD11 sing N N 227 
ILE CD1 HD12 sing N N 228 
ILE CD1 HD13 sing N N 229 
ILE OXT HXT  sing N N 230 
LEU N   CA   sing N N 231 
LEU N   H    sing N N 232 
LEU N   H2   sing N N 233 
LEU CA  C    sing N N 234 
LEU CA  CB   sing N N 235 
LEU CA  HA   sing N N 236 
LEU C   O    doub N N 237 
LEU C   OXT  sing N N 238 
LEU CB  CG   sing N N 239 
LEU CB  HB2  sing N N 240 
LEU CB  HB3  sing N N 241 
LEU CG  CD1  sing N N 242 
LEU CG  CD2  sing N N 243 
LEU CG  HG   sing N N 244 
LEU CD1 HD11 sing N N 245 
LEU CD1 HD12 sing N N 246 
LEU CD1 HD13 sing N N 247 
LEU CD2 HD21 sing N N 248 
LEU CD2 HD22 sing N N 249 
LEU CD2 HD23 sing N N 250 
LEU OXT HXT  sing N N 251 
LYS N   CA   sing N N 252 
LYS N   H    sing N N 253 
LYS N   H2   sing N N 254 
LYS CA  C    sing N N 255 
LYS CA  CB   sing N N 256 
LYS CA  HA   sing N N 257 
LYS C   O    doub N N 258 
LYS C   OXT  sing N N 259 
LYS CB  CG   sing N N 260 
LYS CB  HB2  sing N N 261 
LYS CB  HB3  sing N N 262 
LYS CG  CD   sing N N 263 
LYS CG  HG2  sing N N 264 
LYS CG  HG3  sing N N 265 
LYS CD  CE   sing N N 266 
LYS CD  HD2  sing N N 267 
LYS CD  HD3  sing N N 268 
LYS CE  NZ   sing N N 269 
LYS CE  HE2  sing N N 270 
LYS CE  HE3  sing N N 271 
LYS NZ  HZ1  sing N N 272 
LYS NZ  HZ2  sing N N 273 
LYS NZ  HZ3  sing N N 274 
LYS OXT HXT  sing N N 275 
MET N   CA   sing N N 276 
MET N   H    sing N N 277 
MET N   H2   sing N N 278 
MET CA  C    sing N N 279 
MET CA  CB   sing N N 280 
MET CA  HA   sing N N 281 
MET C   O    doub N N 282 
MET C   OXT  sing N N 283 
MET CB  CG   sing N N 284 
MET CB  HB2  sing N N 285 
MET CB  HB3  sing N N 286 
MET CG  SD   sing N N 287 
MET CG  HG2  sing N N 288 
MET CG  HG3  sing N N 289 
MET SD  CE   sing N N 290 
MET CE  HE1  sing N N 291 
MET CE  HE2  sing N N 292 
MET CE  HE3  sing N N 293 
MET OXT HXT  sing N N 294 
PHE N   CA   sing N N 295 
PHE N   H    sing N N 296 
PHE N   H2   sing N N 297 
PHE CA  C    sing N N 298 
PHE CA  CB   sing N N 299 
PHE CA  HA   sing N N 300 
PHE C   O    doub N N 301 
PHE C   OXT  sing N N 302 
PHE CB  CG   sing N N 303 
PHE CB  HB2  sing N N 304 
PHE CB  HB3  sing N N 305 
PHE CG  CD1  doub Y N 306 
PHE CG  CD2  sing Y N 307 
PHE CD1 CE1  sing Y N 308 
PHE CD1 HD1  sing N N 309 
PHE CD2 CE2  doub Y N 310 
PHE CD2 HD2  sing N N 311 
PHE CE1 CZ   doub Y N 312 
PHE CE1 HE1  sing N N 313 
PHE CE2 CZ   sing Y N 314 
PHE CE2 HE2  sing N N 315 
PHE CZ  HZ   sing N N 316 
PHE OXT HXT  sing N N 317 
PRO N   CA   sing N N 318 
PRO N   CD   sing N N 319 
PRO N   H    sing N N 320 
PRO CA  C    sing N N 321 
PRO CA  CB   sing N N 322 
PRO CA  HA   sing N N 323 
PRO C   O    doub N N 324 
PRO C   OXT  sing N N 325 
PRO CB  CG   sing N N 326 
PRO CB  HB2  sing N N 327 
PRO CB  HB3  sing N N 328 
PRO CG  CD   sing N N 329 
PRO CG  HG2  sing N N 330 
PRO CG  HG3  sing N N 331 
PRO CD  HD2  sing N N 332 
PRO CD  HD3  sing N N 333 
PRO OXT HXT  sing N N 334 
SER N   CA   sing N N 335 
SER N   H    sing N N 336 
SER N   H2   sing N N 337 
SER CA  C    sing N N 338 
SER CA  CB   sing N N 339 
SER CA  HA   sing N N 340 
SER C   O    doub N N 341 
SER C   OXT  sing N N 342 
SER CB  OG   sing N N 343 
SER CB  HB2  sing N N 344 
SER CB  HB3  sing N N 345 
SER OG  HG   sing N N 346 
SER OXT HXT  sing N N 347 
THR N   CA   sing N N 348 
THR N   H    sing N N 349 
THR N   H2   sing N N 350 
THR CA  C    sing N N 351 
THR CA  CB   sing N N 352 
THR CA  HA   sing N N 353 
THR C   O    doub N N 354 
THR C   OXT  sing N N 355 
THR CB  OG1  sing N N 356 
THR CB  CG2  sing N N 357 
THR CB  HB   sing N N 358 
THR OG1 HG1  sing N N 359 
THR CG2 HG21 sing N N 360 
THR CG2 HG22 sing N N 361 
THR CG2 HG23 sing N N 362 
THR OXT HXT  sing N N 363 
TYR N   CA   sing N N 364 
TYR N   H    sing N N 365 
TYR N   H2   sing N N 366 
TYR CA  C    sing N N 367 
TYR CA  CB   sing N N 368 
TYR CA  HA   sing N N 369 
TYR C   O    doub N N 370 
TYR C   OXT  sing N N 371 
TYR CB  CG   sing N N 372 
TYR CB  HB2  sing N N 373 
TYR CB  HB3  sing N N 374 
TYR CG  CD1  doub Y N 375 
TYR CG  CD2  sing Y N 376 
TYR CD1 CE1  sing Y N 377 
TYR CD1 HD1  sing N N 378 
TYR CD2 CE2  doub Y N 379 
TYR CD2 HD2  sing N N 380 
TYR CE1 CZ   doub Y N 381 
TYR CE1 HE1  sing N N 382 
TYR CE2 CZ   sing Y N 383 
TYR CE2 HE2  sing N N 384 
TYR CZ  OH   sing N N 385 
TYR OH  HH   sing N N 386 
TYR OXT HXT  sing N N 387 
VAL N   CA   sing N N 388 
VAL N   H    sing N N 389 
VAL N   H2   sing N N 390 
VAL CA  C    sing N N 391 
VAL CA  CB   sing N N 392 
VAL CA  HA   sing N N 393 
VAL C   O    doub N N 394 
VAL C   OXT  sing N N 395 
VAL CB  CG1  sing N N 396 
VAL CB  CG2  sing N N 397 
VAL CB  HB   sing N N 398 
VAL CG1 HG11 sing N N 399 
VAL CG1 HG12 sing N N 400 
VAL CG1 HG13 sing N N 401 
VAL CG2 HG21 sing N N 402 
VAL CG2 HG22 sing N N 403 
VAL CG2 HG23 sing N N 404 
VAL OXT HXT  sing N N 405 
# 
_pdbx_entity_instance_feature.ordinal        1 
_pdbx_entity_instance_feature.comp_id        B49 
_pdbx_entity_instance_feature.asym_id        ? 
_pdbx_entity_instance_feature.seq_num        ? 
_pdbx_entity_instance_feature.auth_comp_id   B49 
_pdbx_entity_instance_feature.auth_asym_id   ? 
_pdbx_entity_instance_feature.auth_seq_num   ? 
_pdbx_entity_instance_feature.feature_type   'SUBJECT OF INVESTIGATION' 
_pdbx_entity_instance_feature.details        ? 
# 
loop_
_pdbx_entity_nonpoly.entity_id 
_pdbx_entity_nonpoly.name 
_pdbx_entity_nonpoly.comp_id 
2 'N-[2-(diethylamino)ethyl]-5-[(Z)-(5-fluoro-2-oxo-1,2-dihydro-3H-indol-3-ylidene)methyl]-2,4-dimethyl-1H-pyrrole-3-carbo xamide' 
B49 
3 water                                                                                                                            
HOH 
# 
_pdbx_initial_refinement_model.id               1 
_pdbx_initial_refinement_model.entity_id_list   ? 
_pdbx_initial_refinement_model.type             'experimental model' 
_pdbx_initial_refinement_model.source_name      PDB 
_pdbx_initial_refinement_model.accession_code   6UZF 
_pdbx_initial_refinement_model.details          ? 
# 
_pdbx_struct_assembly_auth_evidence.id                     1 
_pdbx_struct_assembly_auth_evidence.assembly_id            1 
_pdbx_struct_assembly_auth_evidence.experimental_support   none 
_pdbx_struct_assembly_auth_evidence.details                ? 
# 
